data_8T8S
#
_entry.id   8T8S
#
_cell.length_a   237.030
_cell.length_b   237.030
_cell.length_c   89.427
_cell.angle_alpha   90.00
_cell.angle_beta   90.00
_cell.angle_gamma   120.00
#
_symmetry.space_group_name_H-M   'P 31 2 1'
#
loop_
_entity.id
_entity.type
_entity.pdbx_description
1 polymer Sortilin
2 polymer 'Paragranulin peptide'
3 branched beta-D-mannopyranose-(1-4)-2-acetamido-2-deoxy-beta-D-glucopyranose-(1-4)-2-acetamido-2-deoxy-beta-D-glucopyranose
4 non-polymer 2-acetamido-2-deoxy-beta-D-glucopyranose
5 non-polymer 'CHLORIDE ION'
6 water water
#
loop_
_entity_poly.entity_id
_entity_poly.type
_entity_poly.pdbx_seq_one_letter_code
_entity_poly.pdbx_strand_id
1 'polypeptide(L)'
;APGEDEECGRVRDFVAKLANNTHQHVFDDLRGSVSLSWVGDSTGVILVLTTFHVPLVIMTFGQSKLYRSEDYGKNFKDIT
DLINNTFIRTEFGMAIGPENSGKVVLTAEVSGGSRGGRIFRSSDFAKNFVQTDLPFHPLTQMMYSPQNSDYLLALSTENG
LWVSKNFGGKWEEIHKAVCLAKWGSDNTIFFTTYANGSCKADLGALELWRTSDLGKSFKTIGVKIYSFGLGGRFLFASVM
ADKDTTRRIHVSTDQGDTWSMAQLPSVGQEQFYSILAANDDMVFMHVDEPGDTGFGTIFTSDDRGIVYSKSLDRHLYTTT
GGETDFTNVTSLRGVYITSVLSEDNSIQTMITFDQGGRWTHLRKPENSECDATAKNKNECSLHIHASYSISQKLNVPMAP
LSEPNAVGIVIAHGSVGDAISVMVPDVYISDDGGYSWTKMLEGPHYYTILDSGGIIVAIEHSSRPINVIKFSTDEGQCWQ
TYTFTRDPIYFTGLASEPGARSMNISIWGFTESFLTSQWVSYTIDFKDILERNCEEKDYTIWLAHSTDPEDYEDGCILGY
KEQFLRLRKSSVCQNGRDYVVTKQPSICLCSLEDFLCDFGYYRPENDSKCVEQPELKGHDLEFCLYGREEHLTTNGYRKI
PGDKCQGGVNPVREVKDLKKKCTSNFLSPEKQNSKSNS
;
A,B
2 'polypeptide(L)' PRWDAPLRDPALRQLL C,D
#
loop_
_chem_comp.id
_chem_comp.type
_chem_comp.name
_chem_comp.formula
BMA D-saccharide, beta linking beta-D-mannopyranose 'C6 H12 O6'
CL non-polymer 'CHLORIDE ION' 'Cl -1'
NAG D-saccharide, beta linking 2-acetamido-2-deoxy-beta-D-glucopyranose 'C8 H15 N O6'
#
# COMPACT_ATOMS: atom_id res chain seq x y z
N CYS A 8 34.58 -1.29 25.29
CA CYS A 8 34.06 0.08 25.63
C CYS A 8 35.16 1.05 26.08
N GLY A 9 35.08 2.30 25.58
CA GLY A 9 36.13 3.33 25.71
C GLY A 9 37.00 3.62 24.47
N ARG A 10 36.46 3.27 23.30
CA ARG A 10 37.18 3.26 22.01
C ARG A 10 38.01 4.48 21.57
N VAL A 11 37.50 5.70 21.77
CA VAL A 11 38.07 6.91 21.13
C VAL A 11 39.32 7.38 21.91
N ARG A 12 40.33 7.83 21.15
CA ARG A 12 41.56 8.45 21.68
C ARG A 12 41.84 9.76 20.91
N ASP A 13 42.46 10.72 21.61
CA ASP A 13 42.78 12.07 21.08
C ASP A 13 41.58 12.95 20.63
N PHE A 14 40.40 12.64 21.17
CA PHE A 14 39.17 13.46 21.00
C PHE A 14 39.24 14.90 21.54
N VAL A 15 40.07 15.13 22.57
CA VAL A 15 40.24 16.45 23.20
C VAL A 15 40.76 17.48 22.20
N ALA A 16 41.75 17.09 21.39
CA ALA A 16 42.26 17.89 20.27
C ALA A 16 41.18 18.22 19.23
N LYS A 17 40.37 17.23 18.88
CA LYS A 17 39.28 17.39 17.91
C LYS A 17 38.13 18.32 18.37
N LEU A 18 37.97 18.48 19.70
CA LEU A 18 36.95 19.39 20.29
C LEU A 18 37.46 20.75 20.76
N ALA A 19 38.74 20.86 21.16
CA ALA A 19 39.32 22.08 21.73
C ALA A 19 39.18 23.29 20.81
N ASN A 20 39.65 23.14 19.57
CA ASN A 20 39.50 24.18 18.53
C ASN A 20 38.05 24.47 18.11
N ASN A 21 37.19 23.46 18.21
CA ASN A 21 35.76 23.61 17.93
C ASN A 21 34.86 24.10 19.07
N THR A 22 35.42 24.26 20.29
CA THR A 22 34.72 24.92 21.40
C THR A 22 34.84 26.45 21.22
N HIS A 23 33.72 27.15 21.35
CA HIS A 23 33.61 28.60 21.04
C HIS A 23 32.89 29.37 22.18
N GLN A 24 33.68 30.06 23.01
CA GLN A 24 33.14 30.88 24.09
C GLN A 24 32.49 32.15 23.54
N HIS A 25 31.46 32.62 24.22
CA HIS A 25 30.93 33.97 24.02
C HIS A 25 30.28 34.53 25.28
N VAL A 26 30.90 35.56 25.86
CA VAL A 26 30.39 36.24 27.04
C VAL A 26 29.38 37.31 26.60
N PHE A 27 28.32 37.45 27.39
CA PHE A 27 27.21 38.38 27.13
C PHE A 27 27.22 39.37 28.31
N ASP A 28 26.09 40.01 28.57
CA ASP A 28 25.94 40.95 29.68
C ASP A 28 25.82 40.24 31.04
N ASP A 29 26.09 40.98 32.12
CA ASP A 29 26.00 40.45 33.48
C ASP A 29 24.58 40.09 33.94
N LEU A 30 24.51 39.35 35.05
CA LEU A 30 23.23 38.87 35.64
C LEU A 30 22.23 39.87 36.22
N ARG A 31 22.56 41.15 36.23
CA ARG A 31 21.54 42.21 36.30
C ARG A 31 20.45 42.13 35.22
N GLY A 32 20.75 41.49 34.08
CA GLY A 32 19.76 41.16 33.05
C GLY A 32 19.32 39.70 32.92
N SER A 33 18.36 39.49 32.03
CA SER A 33 17.75 38.19 31.74
C SER A 33 17.82 37.90 30.24
N VAL A 34 18.27 36.69 29.91
CA VAL A 34 18.48 36.23 28.55
C VAL A 34 17.21 35.54 28.03
N SER A 35 16.92 35.73 26.74
CA SER A 35 15.87 34.98 26.03
C SER A 35 16.36 34.59 24.64
N LEU A 36 16.33 33.30 24.32
CA LEU A 36 16.92 32.73 23.10
C LEU A 36 15.82 32.36 22.07
N SER A 37 16.11 32.53 20.77
CA SER A 37 15.21 32.11 19.68
C SER A 37 15.96 31.78 18.38
N TRP A 38 15.67 30.61 17.81
CA TRP A 38 16.17 30.22 16.47
C TRP A 38 15.30 30.84 15.38
N VAL A 39 15.91 31.06 14.20
CA VAL A 39 15.22 31.63 13.02
C VAL A 39 15.58 30.79 11.79
N GLY A 40 14.74 29.80 11.48
CA GLY A 40 14.84 29.00 10.25
C GLY A 40 15.83 27.83 10.32
N ASP A 41 15.55 26.80 9.54
CA ASP A 41 16.40 25.60 9.43
C ASP A 41 17.53 25.84 8.42
N SER A 42 18.70 25.27 8.70
CA SER A 42 19.93 25.40 7.89
C SER A 42 20.48 26.83 7.76
N THR A 43 20.14 27.70 8.73
CA THR A 43 20.56 29.11 8.76
C THR A 43 21.68 29.39 9.76
N GLY A 44 21.65 28.72 10.91
CA GLY A 44 22.52 29.03 12.04
C GLY A 44 22.16 30.31 12.81
N VAL A 45 20.98 30.88 12.54
CA VAL A 45 20.61 32.21 12.99
C VAL A 45 19.88 32.11 14.33
N ILE A 46 20.56 32.53 15.40
CA ILE A 46 19.99 32.63 16.76
C ILE A 46 19.89 34.12 17.11
N LEU A 47 18.80 34.48 17.80
CA LEU A 47 18.66 35.78 18.45
C LEU A 47 18.70 35.63 19.96
N VAL A 48 19.38 36.58 20.64
CA VAL A 48 19.49 36.64 22.10
C VAL A 48 19.06 38.04 22.55
N LEU A 49 18.03 38.10 23.39
CA LEU A 49 17.49 39.35 23.92
C LEU A 49 17.79 39.45 25.40
N THR A 50 18.89 40.14 25.73
CA THR A 50 19.14 40.60 27.11
C THR A 50 18.12 41.68 27.49
N THR A 51 17.57 41.59 28.69
CA THR A 51 16.54 42.49 29.22
C THR A 51 16.83 42.77 30.70
N PHE A 52 17.11 44.03 31.02
CA PHE A 52 17.16 44.57 32.40
C PHE A 52 15.83 45.29 32.70
N HIS A 53 15.18 44.94 33.83
CA HIS A 53 13.96 45.59 34.29
C HIS A 53 14.07 45.75 35.80
N VAL A 54 13.82 46.97 36.29
CA VAL A 54 13.47 47.21 37.71
C VAL A 54 12.05 47.85 37.69
N PRO A 55 10.99 47.03 37.86
CA PRO A 55 9.63 47.50 37.71
C PRO A 55 9.17 48.27 38.95
N LEU A 56 8.70 49.51 38.73
CA LEU A 56 8.19 50.40 39.78
C LEU A 56 6.67 50.58 39.62
N VAL A 57 6.09 51.58 40.30
CA VAL A 57 4.67 51.95 40.17
C VAL A 57 4.31 52.28 38.71
N ILE A 58 5.19 53.04 38.05
CA ILE A 58 5.15 53.25 36.58
C ILE A 58 6.50 52.86 35.96
N MET A 59 6.56 52.79 34.62
CA MET A 59 7.81 52.53 33.89
C MET A 59 8.76 53.70 34.06
N THR A 60 9.97 53.42 34.56
CA THR A 60 11.03 54.44 34.77
C THR A 60 12.43 54.01 34.31
N PHE A 61 12.83 52.76 34.62
CA PHE A 61 14.12 52.20 34.21
C PHE A 61 13.96 50.84 33.52
N GLY A 62 14.74 50.62 32.49
CA GLY A 62 14.74 49.38 31.73
C GLY A 62 15.55 49.52 30.46
N GLN A 63 16.23 48.43 30.07
CA GLN A 63 17.11 48.41 28.89
C GLN A 63 17.05 47.03 28.23
N SER A 64 16.76 47.00 26.94
CA SER A 64 16.82 45.79 26.12
C SER A 64 18.00 45.92 25.16
N LYS A 65 18.88 44.92 25.17
CA LYS A 65 19.89 44.72 24.13
C LYS A 65 19.59 43.44 23.34
N LEU A 66 19.87 43.49 22.03
CA LEU A 66 19.59 42.40 21.10
C LEU A 66 20.87 41.98 20.38
N TYR A 67 21.24 40.71 20.49
CA TYR A 67 22.38 40.11 19.79
C TYR A 67 21.87 39.15 18.70
N ARG A 68 22.73 38.87 17.72
CA ARG A 68 22.41 38.00 16.58
C ARG A 68 23.63 37.17 16.15
N SER A 69 23.53 35.85 16.26
CA SER A 69 24.48 34.92 15.63
C SER A 69 23.97 34.51 14.26
N GLU A 70 24.88 34.01 13.43
CA GLU A 70 24.55 33.25 12.21
C GLU A 70 25.52 32.08 11.97
N ASP A 71 26.12 31.54 13.05
CA ASP A 71 27.04 30.40 12.99
C ASP A 71 26.77 29.43 14.15
N TYR A 72 25.47 29.16 14.36
CA TYR A 72 24.96 28.26 15.39
C TYR A 72 25.29 28.65 16.86
N GLY A 73 25.49 29.95 17.10
CA GLY A 73 25.79 30.49 18.43
C GLY A 73 27.25 30.51 18.89
N LYS A 74 28.19 30.30 17.96
CA LYS A 74 29.63 30.41 18.26
C LYS A 74 30.06 31.87 18.46
N ASN A 75 29.58 32.76 17.59
CA ASN A 75 29.86 34.19 17.63
C ASN A 75 28.57 34.99 17.45
N PHE A 76 28.50 36.14 18.12
CA PHE A 76 27.37 37.06 18.07
C PHE A 76 27.85 38.48 17.75
N LYS A 77 27.00 39.22 17.05
CA LYS A 77 27.16 40.64 16.76
C LYS A 77 26.05 41.39 17.51
N ASP A 78 26.41 42.49 18.16
CA ASP A 78 25.41 43.36 18.82
C ASP A 78 24.61 44.10 17.74
N ILE A 79 23.29 43.94 17.75
CA ILE A 79 22.38 44.59 16.80
C ILE A 79 21.29 45.43 17.51
N THR A 80 21.61 45.98 18.69
CA THR A 80 20.65 46.77 19.48
C THR A 80 20.30 48.09 18.78
N ASP A 81 21.30 48.70 18.13
CA ASP A 81 21.11 49.82 17.17
C ASP A 81 19.96 49.64 16.14
N LEU A 82 19.79 48.42 15.62
CA LEU A 82 18.69 48.10 14.67
C LEU A 82 17.26 48.21 15.22
N ILE A 83 17.09 48.21 16.55
CA ILE A 83 15.81 48.55 17.22
C ILE A 83 15.82 49.97 17.86
N ASN A 84 16.69 50.85 17.35
CA ASN A 84 16.98 52.19 17.90
C ASN A 84 17.44 52.14 19.36
N ASN A 85 16.59 52.51 20.30
CA ASN A 85 16.94 52.56 21.74
C ASN A 85 15.73 52.19 22.58
N THR A 86 15.07 51.09 22.16
CA THR A 86 13.71 50.78 22.56
C THR A 86 13.70 49.60 23.50
N PHE A 87 12.78 49.66 24.46
CA PHE A 87 12.57 48.60 25.43
C PHE A 87 11.56 47.60 24.86
N ILE A 88 11.93 46.31 24.87
CA ILE A 88 11.14 45.22 24.30
C ILE A 88 10.49 44.46 25.46
N ARG A 89 9.18 44.24 25.33
CA ARG A 89 8.39 43.53 26.35
C ARG A 89 8.56 42.03 26.16
N THR A 90 9.16 41.37 27.14
CA THR A 90 9.49 39.93 27.07
C THR A 90 8.25 39.02 27.01
N GLU A 91 7.21 39.39 27.77
CA GLU A 91 5.85 38.74 27.75
C GLU A 91 5.34 38.26 26.38
N PHE A 92 5.53 39.10 25.36
CA PHE A 92 5.14 38.79 23.97
C PHE A 92 6.16 37.92 23.26
N GLY A 93 7.44 38.11 23.59
CA GLY A 93 8.51 37.26 23.09
C GLY A 93 8.88 37.61 21.66
N MET A 94 9.74 36.77 21.08
CA MET A 94 10.20 36.88 19.69
C MET A 94 9.28 36.02 18.82
N ALA A 95 8.30 36.66 18.19
CA ALA A 95 7.37 35.99 17.27
C ALA A 95 8.08 35.66 15.95
N ILE A 96 8.56 34.42 15.86
CA ILE A 96 9.28 33.92 14.68
C ILE A 96 8.27 33.30 13.72
N GLY A 97 8.45 33.57 12.43
CA GLY A 97 7.59 33.05 11.36
C GLY A 97 7.94 31.61 11.02
N PRO A 98 7.03 30.91 10.32
CA PRO A 98 7.23 29.49 10.03
C PRO A 98 8.22 29.27 8.87
N GLU A 99 8.63 28.01 8.69
CA GLU A 99 9.49 27.58 7.57
C GLU A 99 10.88 28.28 7.65
N ASN A 100 11.50 28.58 6.51
CA ASN A 100 12.55 29.61 6.42
C ASN A 100 12.01 30.89 5.78
N SER A 101 10.92 31.42 6.36
CA SER A 101 10.41 32.75 6.02
C SER A 101 11.34 33.87 6.51
N GLY A 102 12.07 33.62 7.60
CA GLY A 102 13.00 34.58 8.19
C GLY A 102 12.35 35.77 8.87
N LYS A 103 11.10 35.60 9.29
CA LYS A 103 10.25 36.69 9.77
C LYS A 103 10.22 36.75 11.29
N VAL A 104 10.99 37.68 11.86
CA VAL A 104 11.01 37.98 13.30
C VAL A 104 10.14 39.20 13.55
N VAL A 105 9.39 39.19 14.66
CA VAL A 105 8.61 40.37 15.12
C VAL A 105 8.73 40.51 16.65
N LEU A 106 9.32 41.63 17.08
CA LEU A 106 9.39 42.03 18.50
C LEU A 106 8.30 43.05 18.81
N THR A 107 7.94 43.15 20.09
CA THR A 107 6.89 44.04 20.59
C THR A 107 7.49 45.01 21.62
N ALA A 108 7.47 46.30 21.28
CA ALA A 108 8.09 47.35 22.10
C ALA A 108 7.10 47.90 23.12
N GLU A 109 7.63 48.36 24.27
CA GLU A 109 6.86 49.16 25.24
C GLU A 109 6.65 50.56 24.67
N VAL A 110 5.49 51.15 24.98
CA VAL A 110 5.12 52.50 24.54
C VAL A 110 4.75 53.40 25.72
N SER A 111 4.79 54.70 25.49
CA SER A 111 4.55 55.71 26.53
C SER A 111 3.08 55.79 26.94
N GLY A 112 2.86 56.41 28.10
CA GLY A 112 1.53 56.65 28.66
C GLY A 112 0.70 57.52 27.76
N GLY A 113 -0.57 57.15 27.59
CA GLY A 113 -1.51 57.88 26.73
C GLY A 113 -1.46 57.61 25.23
N SER A 114 -0.52 56.74 24.77
CA SER A 114 -0.45 56.32 23.37
C SER A 114 -1.68 55.48 23.01
N ARG A 115 -2.26 55.75 21.83
CA ARG A 115 -3.50 55.09 21.41
C ARG A 115 -3.30 53.63 21.02
N GLY A 116 -2.15 53.31 20.40
CA GLY A 116 -1.74 51.92 20.12
C GLY A 116 -0.26 51.67 20.29
N GLY A 117 0.10 50.39 20.41
CA GLY A 117 1.47 49.96 20.63
C GLY A 117 2.38 50.05 19.42
N ARG A 118 3.59 49.51 19.57
CA ARG A 118 4.66 49.58 18.57
C ARG A 118 5.34 48.22 18.43
N ILE A 119 5.78 47.88 17.22
CA ILE A 119 6.51 46.64 16.91
C ILE A 119 7.71 46.88 16.00
N PHE A 120 8.73 46.03 16.14
CA PHE A 120 9.92 46.01 15.29
C PHE A 120 9.93 44.68 14.58
N ARG A 121 10.02 44.70 13.25
CA ARG A 121 9.80 43.52 12.40
C ARG A 121 10.83 43.41 11.27
N SER A 122 11.52 42.27 11.23
CA SER A 122 12.41 41.89 10.13
C SER A 122 11.75 40.77 9.33
N SER A 123 12.12 40.66 8.05
CA SER A 123 11.78 39.52 7.20
C SER A 123 12.97 39.05 6.34
N ASP A 124 14.18 39.20 6.87
CA ASP A 124 15.43 38.78 6.22
C ASP A 124 16.41 38.21 7.27
N PHE A 125 15.86 37.38 8.16
CA PHE A 125 16.60 36.72 9.24
C PHE A 125 17.33 37.70 10.16
N ALA A 126 16.59 38.73 10.58
CA ALA A 126 17.06 39.79 11.49
C ALA A 126 18.27 40.63 11.01
N LYS A 127 18.49 40.72 9.70
CA LYS A 127 19.53 41.60 9.12
C LYS A 127 19.06 43.06 9.13
N ASN A 128 17.78 43.30 8.83
CA ASN A 128 17.15 44.62 8.83
C ASN A 128 15.76 44.57 9.46
N PHE A 129 15.55 45.38 10.51
CA PHE A 129 14.22 45.63 11.09
C PHE A 129 13.66 46.96 10.60
N VAL A 130 12.36 47.14 10.81
CA VAL A 130 11.67 48.42 10.53
C VAL A 130 10.57 48.67 11.58
N GLN A 131 10.47 49.93 12.02
CA GLN A 131 9.52 50.32 13.06
C GLN A 131 8.12 50.50 12.47
N THR A 132 7.09 50.10 13.23
CA THR A 132 5.67 50.20 12.81
C THR A 132 4.75 50.43 14.01
N ASP A 133 4.17 51.63 14.08
CA ASP A 133 3.17 51.96 15.10
C ASP A 133 1.85 51.28 14.74
N LEU A 134 1.22 50.62 15.72
CA LEU A 134 -0.02 49.87 15.53
C LEU A 134 -1.24 50.76 15.85
N PRO A 135 -2.41 50.50 15.20
CA PRO A 135 -3.67 51.15 15.63
C PRO A 135 -4.34 50.58 16.91
N PHE A 136 -3.78 49.54 17.52
CA PHE A 136 -4.29 48.93 18.76
C PHE A 136 -3.13 48.56 19.69
N HIS A 137 -3.46 48.32 20.96
CA HIS A 137 -2.53 47.72 21.92
C HIS A 137 -2.78 46.21 21.92
N PRO A 138 -1.76 45.38 21.55
CA PRO A 138 -1.98 43.94 21.50
C PRO A 138 -2.07 43.32 22.90
N LEU A 139 -2.90 42.28 23.03
CA LEU A 139 -3.07 41.51 24.27
C LEU A 139 -2.23 40.23 24.20
N THR A 140 -2.42 39.45 23.12
CA THR A 140 -1.66 38.23 22.84
C THR A 140 -0.48 38.50 21.90
N GLN A 141 0.41 37.51 21.82
CA GLN A 141 1.44 37.43 20.76
C GLN A 141 0.75 37.27 19.40
N MET A 142 1.40 37.76 18.36
CA MET A 142 0.81 37.80 17.01
C MET A 142 1.01 36.46 16.29
N MET A 143 -0.09 35.74 16.07
CA MET A 143 -0.06 34.43 15.39
C MET A 143 0.09 34.60 13.88
N TYR A 144 1.09 33.94 13.31
CA TYR A 144 1.28 33.84 11.84
C TYR A 144 0.29 32.83 11.28
N SER A 145 -0.14 33.04 10.04
CA SER A 145 -0.84 32.00 9.28
C SER A 145 0.20 30.97 8.78
N PRO A 146 -0.09 29.64 8.93
CA PRO A 146 0.88 28.65 8.44
C PRO A 146 1.04 28.61 6.91
N GLN A 147 -0.05 28.84 6.17
CA GLN A 147 -0.04 28.86 4.70
C GLN A 147 0.73 30.05 4.10
N ASN A 148 0.67 31.22 4.75
CA ASN A 148 1.35 32.44 4.28
C ASN A 148 1.99 33.22 5.45
N SER A 149 3.32 33.29 5.46
CA SER A 149 4.07 34.00 6.51
C SER A 149 3.90 35.54 6.52
N ASP A 150 3.39 36.13 5.43
CA ASP A 150 2.96 37.55 5.41
C ASP A 150 1.61 37.83 6.11
N TYR A 151 0.82 36.80 6.40
CA TYR A 151 -0.53 36.95 7.01
C TYR A 151 -0.48 36.74 8.53
N LEU A 152 -0.85 37.78 9.30
CA LEU A 152 -0.80 37.78 10.76
C LEU A 152 -2.16 38.14 11.36
N LEU A 153 -2.57 37.44 12.42
CA LEU A 153 -3.69 37.84 13.28
C LEU A 153 -3.15 38.21 14.67
N ALA A 154 -3.90 39.09 15.34
CA ALA A 154 -3.57 39.54 16.70
C ALA A 154 -4.82 40.04 17.42
N LEU A 155 -4.86 39.82 18.73
CA LEU A 155 -5.98 40.21 19.59
C LEU A 155 -5.56 41.47 20.38
N SER A 156 -6.47 42.44 20.49
CA SER A 156 -6.21 43.72 21.19
C SER A 156 -6.58 43.66 22.67
N THR A 157 -6.14 44.68 23.41
CA THR A 157 -6.53 44.84 24.83
C THR A 157 -8.02 45.19 25.04
N GLU A 158 -8.69 45.71 24.00
CA GLU A 158 -10.16 45.84 23.96
C GLU A 158 -10.88 44.63 23.31
N ASN A 159 -10.23 43.46 23.27
CA ASN A 159 -10.79 42.19 22.74
C ASN A 159 -11.19 42.19 21.23
N GLY A 160 -10.58 43.10 20.45
CA GLY A 160 -10.82 43.18 19.00
C GLY A 160 -9.83 42.34 18.23
N LEU A 161 -10.29 41.64 17.19
CA LEU A 161 -9.43 40.81 16.33
C LEU A 161 -9.00 41.61 15.11
N TRP A 162 -7.70 41.90 15.02
CA TRP A 162 -7.09 42.62 13.90
C TRP A 162 -6.30 41.65 13.02
N VAL A 163 -6.24 41.96 11.72
CA VAL A 163 -5.55 41.14 10.70
C VAL A 163 -4.69 42.03 9.81
N SER A 164 -3.54 41.51 9.37
CA SER A 164 -2.62 42.18 8.43
C SER A 164 -2.31 41.24 7.25
N LYS A 165 -2.28 41.81 6.05
CA LYS A 165 -1.88 41.11 4.81
C LYS A 165 -0.40 41.34 4.43
N ASN A 166 0.18 42.47 4.82
CA ASN A 166 1.53 42.90 4.37
C ASN A 166 2.62 42.78 5.47
N PHE A 167 2.55 41.70 6.25
CA PHE A 167 3.47 41.41 7.37
C PHE A 167 3.48 42.53 8.41
N GLY A 168 2.33 42.70 9.05
CA GLY A 168 2.12 43.69 10.11
C GLY A 168 2.33 45.16 9.79
N GLY A 169 2.25 45.53 8.51
CA GLY A 169 2.44 46.92 8.07
C GLY A 169 1.19 47.73 8.31
N LYS A 170 0.05 47.21 7.81
CA LYS A 170 -1.28 47.80 8.00
C LYS A 170 -2.20 46.75 8.62
N TRP A 171 -2.99 47.19 9.61
CA TRP A 171 -3.92 46.33 10.37
C TRP A 171 -5.34 46.88 10.24
N GLU A 172 -6.32 45.98 10.20
CA GLU A 172 -7.75 46.33 10.13
C GLU A 172 -8.58 45.44 11.06
N GLU A 173 -9.48 46.06 11.84
CA GLU A 173 -10.30 45.34 12.85
C GLU A 173 -11.45 44.60 12.17
N ILE A 174 -11.29 43.28 11.99
CA ILE A 174 -12.31 42.43 11.34
C ILE A 174 -13.55 42.16 12.19
N HIS A 175 -13.38 42.05 13.52
CA HIS A 175 -14.51 41.85 14.46
C HIS A 175 -14.15 42.30 15.88
N LYS A 176 -15.16 42.74 16.64
CA LYS A 176 -14.99 43.53 17.87
C LYS A 176 -14.85 42.80 19.23
N ALA A 177 -15.70 41.82 19.49
CA ALA A 177 -15.87 41.22 20.85
C ALA A 177 -15.33 39.78 20.93
N VAL A 178 -14.07 39.62 20.52
CA VAL A 178 -13.46 38.29 20.25
C VAL A 178 -12.73 37.76 21.49
N CYS A 179 -12.98 36.49 21.84
CA CYS A 179 -12.36 35.82 23.01
C CYS A 179 -11.13 35.02 22.61
N LEU A 180 -11.33 34.04 21.75
CA LEU A 180 -10.29 33.13 21.26
C LEU A 180 -10.35 33.11 19.74
N ALA A 181 -9.18 33.03 19.11
CA ALA A 181 -9.07 33.01 17.65
C ALA A 181 -7.79 32.29 17.20
N LYS A 182 -7.89 31.57 16.09
CA LYS A 182 -6.75 30.82 15.55
C LYS A 182 -6.91 30.44 14.08
N TRP A 183 -5.78 30.26 13.40
CA TRP A 183 -5.74 29.94 11.98
C TRP A 183 -6.07 28.47 11.73
N GLY A 184 -6.73 28.21 10.60
CA GLY A 184 -6.90 26.86 10.04
C GLY A 184 -6.08 26.69 8.78
N SER A 185 -6.50 25.74 7.95
CA SER A 185 -5.91 25.50 6.62
C SER A 185 -6.38 26.57 5.63
N ASP A 186 -5.56 26.81 4.61
CA ASP A 186 -5.86 27.74 3.49
C ASP A 186 -6.28 29.16 3.95
N ASN A 187 -5.57 29.68 4.94
CA ASN A 187 -5.76 31.05 5.48
C ASN A 187 -7.16 31.34 6.06
N THR A 188 -7.81 30.31 6.60
CA THR A 188 -9.11 30.44 7.28
C THR A 188 -8.88 30.87 8.72
N ILE A 189 -9.79 31.69 9.27
CA ILE A 189 -9.71 32.21 10.64
C ILE A 189 -10.99 31.81 11.37
N PHE A 190 -10.86 30.84 12.28
CA PHE A 190 -11.94 30.46 13.21
C PHE A 190 -11.78 31.28 14.49
N PHE A 191 -12.89 31.72 15.07
CA PHE A 191 -12.88 32.49 16.34
C PHE A 191 -14.25 32.55 17.03
N THR A 192 -14.24 32.57 18.37
CA THR A 192 -15.44 32.79 19.20
C THR A 192 -15.58 34.27 19.55
N THR A 193 -16.84 34.72 19.73
CA THR A 193 -17.15 36.11 20.12
C THR A 193 -18.33 36.19 21.10
N TYR A 194 -18.27 37.16 22.02
CA TYR A 194 -19.34 37.41 23.01
C TYR A 194 -20.35 38.45 22.54
N ALA A 195 -21.52 38.44 23.20
CA ALA A 195 -22.64 39.32 22.88
C ALA A 195 -22.75 40.50 23.87
N ASN A 196 -23.22 40.21 25.09
CA ASN A 196 -23.65 41.24 26.06
C ASN A 196 -22.55 41.53 27.07
N GLY A 197 -22.13 40.49 27.81
CA GLY A 197 -21.07 40.57 28.83
C GLY A 197 -19.77 39.93 28.35
N SER A 198 -18.74 40.03 29.19
CA SER A 198 -17.36 39.57 28.86
C SER A 198 -17.23 38.06 28.64
N CYS A 199 -16.06 37.65 28.13
CA CYS A 199 -15.72 36.23 27.86
C CYS A 199 -15.95 35.26 29.01
N LYS A 200 -15.55 35.67 30.22
CA LYS A 200 -15.77 34.88 31.45
C LYS A 200 -17.26 34.74 31.82
N ALA A 201 -18.02 35.83 31.66
CA ALA A 201 -19.47 35.86 31.94
C ALA A 201 -20.28 35.10 30.89
N ASP A 202 -20.06 35.45 29.62
CA ASP A 202 -20.71 34.79 28.46
C ASP A 202 -20.20 33.37 28.11
N LEU A 203 -19.16 32.88 28.81
CA LEU A 203 -18.70 31.48 28.72
C LEU A 203 -19.86 30.48 28.77
N GLY A 204 -20.12 29.82 27.64
CA GLY A 204 -21.26 28.92 27.47
C GLY A 204 -22.33 29.41 26.50
N ALA A 205 -22.51 30.72 26.42
CA ALA A 205 -23.41 31.37 25.45
C ALA A 205 -22.68 32.19 24.37
N LEU A 206 -21.41 31.86 24.08
CA LEU A 206 -20.66 32.47 22.95
C LEU A 206 -21.16 31.91 21.62
N GLU A 207 -20.65 32.47 20.52
CA GLU A 207 -20.88 31.88 19.18
C GLU A 207 -19.61 31.89 18.33
N LEU A 208 -19.41 30.79 17.60
CA LEU A 208 -18.21 30.52 16.80
C LEU A 208 -18.44 31.06 15.40
N TRP A 209 -17.47 31.85 14.91
CA TRP A 209 -17.49 32.48 13.58
C TRP A 209 -16.34 31.93 12.71
N ARG A 210 -16.51 32.04 11.40
CA ARG A 210 -15.48 31.68 10.39
C ARG A 210 -15.39 32.76 9.32
N THR A 211 -14.18 32.98 8.79
CA THR A 211 -13.96 33.82 7.60
C THR A 211 -12.89 33.21 6.69
N SER A 212 -13.30 32.85 5.47
CA SER A 212 -12.42 32.27 4.45
C SER A 212 -11.54 33.28 3.71
N ASP A 213 -11.82 34.59 3.85
CA ASP A 213 -11.22 35.66 3.02
C ASP A 213 -10.74 36.88 3.84
N LEU A 214 -10.13 36.59 4.99
CA LEU A 214 -9.50 37.61 5.86
C LEU A 214 -10.48 38.69 6.41
N GLY A 215 -11.67 38.26 6.78
CA GLY A 215 -12.70 39.14 7.36
C GLY A 215 -13.57 39.96 6.43
N LYS A 216 -13.43 39.78 5.11
CA LYS A 216 -14.37 40.38 4.12
C LYS A 216 -15.78 39.75 4.22
N SER A 217 -15.81 38.42 4.36
CA SER A 217 -17.04 37.64 4.47
C SER A 217 -17.03 36.86 5.79
N PHE A 218 -18.23 36.55 6.30
CA PHE A 218 -18.39 35.81 7.58
C PHE A 218 -19.45 34.71 7.50
N LYS A 219 -19.37 33.78 8.46
CA LYS A 219 -20.37 32.71 8.63
C LYS A 219 -20.41 32.28 10.09
N THR A 220 -21.59 32.34 10.71
CA THR A 220 -21.79 31.85 12.09
C THR A 220 -21.90 30.33 12.09
N ILE A 221 -20.74 29.66 12.19
CA ILE A 221 -20.64 28.18 12.17
C ILE A 221 -21.06 27.45 13.47
N GLY A 222 -21.31 28.18 14.56
CA GLY A 222 -21.86 27.57 15.79
C GLY A 222 -22.41 28.57 16.79
N VAL A 223 -23.24 28.08 17.70
CA VAL A 223 -23.87 28.87 18.78
C VAL A 223 -23.96 28.08 20.09
N LYS A 224 -24.17 28.79 21.19
CA LYS A 224 -24.16 28.24 22.56
C LYS A 224 -22.79 27.58 22.89
N ILE A 225 -21.72 28.27 22.51
CA ILE A 225 -20.35 27.74 22.56
C ILE A 225 -19.71 28.04 23.92
N TYR A 226 -19.03 27.03 24.48
CA TYR A 226 -18.12 27.18 25.62
C TYR A 226 -16.75 27.57 25.06
N SER A 227 -16.23 26.72 24.17
CA SER A 227 -14.94 26.97 23.49
C SER A 227 -14.81 26.09 22.23
N PHE A 228 -13.70 26.24 21.51
CA PHE A 228 -13.38 25.43 20.32
C PHE A 228 -11.90 25.06 20.23
N GLY A 229 -11.61 24.11 19.34
CA GLY A 229 -10.24 23.62 19.10
C GLY A 229 -10.06 22.96 17.74
N LEU A 230 -8.84 23.05 17.20
CA LEU A 230 -8.46 22.44 15.92
C LEU A 230 -7.50 21.29 16.20
N GLY A 231 -7.83 20.10 15.68
CA GLY A 231 -7.05 18.88 15.89
C GLY A 231 -6.89 18.13 14.60
N GLY A 232 -5.75 18.34 13.93
CA GLY A 232 -5.43 17.69 12.66
C GLY A 232 -6.45 18.05 11.58
N ARG A 233 -7.21 17.04 11.16
CA ARG A 233 -8.28 17.19 10.15
C ARG A 233 -9.63 17.68 10.73
N PHE A 234 -9.80 17.65 12.05
CA PHE A 234 -11.08 17.90 12.73
C PHE A 234 -11.17 19.30 13.32
N LEU A 235 -12.39 19.82 13.41
CA LEU A 235 -12.72 21.05 14.14
C LEU A 235 -13.66 20.68 15.28
N PHE A 236 -13.22 20.90 16.51
CA PHE A 236 -13.98 20.59 17.73
C PHE A 236 -14.61 21.84 18.32
N ALA A 237 -15.79 21.68 18.93
CA ALA A 237 -16.48 22.75 19.65
C ALA A 237 -17.26 22.16 20.82
N SER A 238 -16.95 22.64 22.03
CA SER A 238 -17.76 22.35 23.23
C SER A 238 -19.01 23.24 23.18
N VAL A 239 -20.18 22.62 23.29
CA VAL A 239 -21.49 23.30 23.13
C VAL A 239 -22.34 23.01 24.37
N MET A 240 -22.90 24.05 24.98
CA MET A 240 -23.76 23.92 26.18
C MET A 240 -25.12 23.34 25.82
N ALA A 241 -25.61 22.43 26.66
CA ALA A 241 -26.99 21.93 26.57
C ALA A 241 -27.93 23.05 27.03
N ASP A 242 -28.93 23.38 26.22
CA ASP A 242 -29.90 24.44 26.54
C ASP A 242 -30.79 24.03 27.73
N LYS A 243 -31.12 25.02 28.57
CA LYS A 243 -31.75 24.80 29.89
C LYS A 243 -30.88 23.92 30.82
N ASP A 244 -29.56 24.17 30.81
CA ASP A 244 -28.58 23.36 31.55
C ASP A 244 -27.19 24.03 31.60
N THR A 245 -26.40 23.64 32.60
CA THR A 245 -24.97 24.05 32.73
C THR A 245 -23.96 23.02 32.18
N THR A 246 -24.43 21.84 31.75
CA THR A 246 -23.57 20.81 31.12
C THR A 246 -23.23 21.18 29.68
N ARG A 247 -22.24 20.49 29.11
CA ARG A 247 -21.82 20.67 27.71
C ARG A 247 -21.29 19.40 27.05
N ARG A 248 -21.33 19.39 25.71
CA ARG A 248 -20.96 18.26 24.86
C ARG A 248 -20.01 18.70 23.76
N ILE A 249 -19.15 17.77 23.33
CA ILE A 249 -18.20 18.04 22.24
C ILE A 249 -18.85 17.67 20.90
N HIS A 250 -18.84 18.63 19.96
CA HIS A 250 -19.34 18.47 18.58
C HIS A 250 -18.17 18.63 17.60
N VAL A 251 -18.25 17.92 16.48
CA VAL A 251 -17.12 17.72 15.55
C VAL A 251 -17.57 18.03 14.11
N SER A 252 -16.67 18.65 13.34
CA SER A 252 -16.90 18.96 11.92
C SER A 252 -15.61 18.74 11.11
N THR A 253 -15.71 17.93 10.06
CA THR A 253 -14.60 17.66 9.13
C THR A 253 -14.54 18.64 7.94
N ASP A 254 -15.54 19.52 7.78
CA ASP A 254 -15.67 20.43 6.62
C ASP A 254 -15.75 21.91 7.05
N GLN A 255 -14.83 22.29 7.95
CA GLN A 255 -14.68 23.66 8.47
C GLN A 255 -15.97 24.27 9.10
N GLY A 256 -16.76 23.43 9.77
CA GLY A 256 -17.99 23.86 10.45
C GLY A 256 -19.23 24.11 9.61
N ASP A 257 -19.25 23.65 8.35
CA ASP A 257 -20.47 23.69 7.51
C ASP A 257 -21.54 22.74 8.06
N THR A 258 -21.12 21.50 8.35
CA THR A 258 -21.97 20.48 8.95
C THR A 258 -21.28 19.88 10.19
N TRP A 259 -22.05 19.73 11.27
CA TRP A 259 -21.57 19.21 12.56
C TRP A 259 -22.21 17.85 12.88
N SER A 260 -21.57 17.14 13.81
CA SER A 260 -22.09 15.89 14.37
C SER A 260 -21.63 15.80 15.82
N MET A 261 -22.54 15.44 16.73
CA MET A 261 -22.17 15.26 18.14
C MET A 261 -21.28 14.03 18.29
N ALA A 262 -20.23 14.16 19.10
CA ALA A 262 -19.29 13.06 19.33
C ALA A 262 -19.89 12.06 20.29
N GLN A 263 -19.56 10.77 20.11
CA GLN A 263 -19.95 9.70 21.02
C GLN A 263 -19.05 9.76 22.27
N LEU A 264 -19.31 10.80 23.08
CA LEU A 264 -18.50 11.15 24.25
C LEU A 264 -19.40 11.74 25.32
N PRO A 265 -19.10 11.48 26.61
CA PRO A 265 -19.97 11.96 27.67
C PRO A 265 -20.00 13.46 27.81
N SER A 266 -21.16 13.99 28.22
CA SER A 266 -21.32 15.40 28.55
C SER A 266 -20.64 15.64 29.90
N VAL A 267 -20.22 16.89 30.12
CA VAL A 267 -19.43 17.26 31.30
C VAL A 267 -19.96 18.54 31.96
N GLY A 268 -19.83 18.61 33.29
CA GLY A 268 -20.13 19.82 34.05
C GLY A 268 -19.05 20.89 33.93
N GLN A 269 -19.28 21.99 34.62
CA GLN A 269 -18.39 23.17 34.56
C GLN A 269 -17.06 22.97 35.30
N GLU A 270 -17.05 22.17 36.37
CA GLU A 270 -15.80 21.74 37.04
C GLU A 270 -14.85 20.93 36.13
N GLN A 271 -15.42 20.11 35.26
CA GLN A 271 -14.67 19.25 34.32
C GLN A 271 -14.23 20.00 33.05
N PHE A 272 -13.38 19.34 32.27
CA PHE A 272 -12.84 19.85 30.99
C PHE A 272 -12.48 18.71 30.04
N TYR A 273 -12.54 18.99 28.73
CA TYR A 273 -11.97 18.13 27.70
C TYR A 273 -10.58 18.64 27.35
N SER A 274 -9.72 17.77 26.82
CA SER A 274 -8.37 18.12 26.35
C SER A 274 -7.98 17.35 25.08
N ILE A 275 -7.50 18.08 24.06
CA ILE A 275 -6.93 17.49 22.84
C ILE A 275 -5.50 17.08 23.21
N LEU A 276 -5.33 15.83 23.63
CA LEU A 276 -4.01 15.29 24.00
C LEU A 276 -3.07 15.25 22.82
N ALA A 277 -3.56 14.69 21.71
CA ALA A 277 -2.83 14.64 20.44
C ALA A 277 -3.82 14.43 19.30
N ALA A 278 -3.40 14.83 18.10
CA ALA A 278 -4.24 14.80 16.90
C ALA A 278 -3.42 14.79 15.62
N ASN A 279 -3.83 13.97 14.66
CA ASN A 279 -3.21 13.92 13.32
C ASN A 279 -4.30 13.77 12.24
N ASP A 280 -3.90 13.52 10.99
CA ASP A 280 -4.86 13.25 9.91
C ASP A 280 -5.75 12.02 10.12
N ASP A 281 -5.27 11.03 10.89
CA ASP A 281 -6.04 9.82 11.20
C ASP A 281 -7.05 9.96 12.34
N MET A 282 -6.61 10.43 13.52
CA MET A 282 -7.40 10.31 14.77
C MET A 282 -7.08 11.39 15.79
N VAL A 283 -7.80 11.35 16.93
CA VAL A 283 -7.52 12.18 18.12
C VAL A 283 -7.54 11.36 19.42
N PHE A 284 -6.62 11.68 20.32
CA PHE A 284 -6.67 11.25 21.73
C PHE A 284 -7.39 12.35 22.50
N MET A 285 -8.52 12.01 23.11
CA MET A 285 -9.34 12.97 23.88
C MET A 285 -9.35 12.56 25.36
N HIS A 286 -8.87 13.46 26.21
CA HIS A 286 -9.04 13.36 27.67
C HIS A 286 -10.41 13.90 28.05
N VAL A 287 -11.07 13.24 29.00
CA VAL A 287 -12.30 13.70 29.63
C VAL A 287 -12.09 13.60 31.14
N ASP A 288 -12.16 14.74 31.83
CA ASP A 288 -11.92 14.79 33.28
C ASP A 288 -13.09 14.16 34.01
N GLU A 289 -12.78 13.29 34.97
CA GLU A 289 -13.80 12.63 35.81
C GLU A 289 -14.38 13.70 36.76
N PRO A 290 -15.72 13.69 36.98
CA PRO A 290 -16.33 14.75 37.81
C PRO A 290 -15.91 14.77 39.29
N GLY A 291 -16.03 15.95 39.90
CA GLY A 291 -15.73 16.16 41.32
C GLY A 291 -14.27 16.33 41.67
N ASP A 292 -13.52 17.06 40.82
CA ASP A 292 -12.09 17.39 40.99
C ASP A 292 -11.21 16.29 41.61
N THR A 293 -11.31 15.11 41.02
CA THR A 293 -10.58 13.91 41.46
C THR A 293 -9.09 13.87 41.06
N GLY A 294 -8.66 14.74 40.15
CA GLY A 294 -7.27 14.80 39.67
C GLY A 294 -6.90 13.81 38.58
N PHE A 295 -7.88 13.09 38.03
CA PHE A 295 -7.68 12.18 36.89
C PHE A 295 -8.86 12.22 35.92
N GLY A 296 -8.73 11.48 34.82
CA GLY A 296 -9.83 11.25 33.88
C GLY A 296 -9.65 10.02 33.02
N THR A 297 -10.15 10.09 31.78
CA THR A 297 -10.23 8.94 30.87
C THR A 297 -9.81 9.35 29.47
N ILE A 298 -8.85 8.62 28.89
CA ILE A 298 -8.46 8.80 27.48
C ILE A 298 -9.45 8.05 26.60
N PHE A 299 -9.92 8.72 25.56
CA PHE A 299 -10.76 8.15 24.50
C PHE A 299 -10.06 8.38 23.16
N THR A 300 -9.84 7.31 22.41
CA THR A 300 -9.35 7.39 21.02
C THR A 300 -10.55 7.42 20.08
N SER A 301 -10.50 8.32 19.08
CA SER A 301 -11.56 8.43 18.06
C SER A 301 -11.37 7.46 16.90
N ASP A 302 -12.43 7.35 16.08
CA ASP A 302 -12.36 6.73 14.74
C ASP A 302 -11.85 7.77 13.72
N ASP A 303 -11.73 7.37 12.45
CA ASP A 303 -11.27 8.28 11.38
C ASP A 303 -12.16 9.51 11.11
N ARG A 304 -13.45 9.41 11.41
CA ARG A 304 -14.38 10.54 11.33
C ARG A 304 -14.31 11.52 12.53
N GLY A 305 -13.65 11.13 13.61
CA GLY A 305 -13.58 11.92 14.84
C GLY A 305 -14.87 11.95 15.66
N ILE A 306 -15.74 10.94 15.51
CA ILE A 306 -17.13 10.94 16.03
C ILE A 306 -17.39 9.79 17.01
N VAL A 307 -17.06 8.57 16.61
CA VAL A 307 -17.16 7.36 17.45
C VAL A 307 -15.87 7.25 18.26
N TYR A 308 -15.99 7.03 19.58
CA TYR A 308 -14.85 7.01 20.52
C TYR A 308 -14.80 5.74 21.35
N SER A 309 -13.69 5.00 21.23
CA SER A 309 -13.37 3.86 22.09
C SER A 309 -12.68 4.36 23.37
N LYS A 310 -13.01 3.75 24.51
CA LYS A 310 -12.33 4.04 25.79
C LYS A 310 -10.95 3.37 25.76
N SER A 311 -9.90 4.20 25.80
CA SER A 311 -8.52 3.74 25.66
C SER A 311 -7.83 3.42 26.99
N LEU A 312 -7.89 4.35 27.93
CA LEU A 312 -7.17 4.25 29.22
C LEU A 312 -7.96 4.92 30.36
N ASP A 313 -8.12 4.20 31.47
CA ASP A 313 -8.84 4.67 32.66
C ASP A 313 -7.86 5.22 33.68
N ARG A 314 -8.35 6.15 34.51
CA ARG A 314 -7.59 6.79 35.60
C ARG A 314 -6.32 7.51 35.13
N HIS A 315 -6.46 8.28 34.04
CA HIS A 315 -5.35 9.02 33.44
C HIS A 315 -5.03 10.26 34.25
N LEU A 316 -3.78 10.39 34.71
CA LEU A 316 -3.33 11.54 35.51
C LEU A 316 -3.34 12.82 34.68
N TYR A 317 -4.19 13.77 35.09
CA TYR A 317 -4.29 15.10 34.50
C TYR A 317 -4.78 16.02 35.62
N THR A 318 -3.98 17.02 35.99
CA THR A 318 -4.26 17.87 37.17
C THR A 318 -5.45 18.80 36.92
N THR A 319 -6.01 19.35 37.99
CA THR A 319 -7.16 20.26 37.94
C THR A 319 -6.83 21.54 37.15
N THR A 320 -7.84 22.08 36.47
CA THR A 320 -7.72 23.26 35.57
C THR A 320 -6.87 23.00 34.30
N GLY A 321 -6.57 21.74 34.01
CA GLY A 321 -5.44 21.38 33.14
C GLY A 321 -4.06 21.85 33.57
N GLY A 322 -3.13 21.91 32.61
CA GLY A 322 -1.76 22.37 32.84
C GLY A 322 -0.76 21.25 32.87
N GLU A 323 -0.98 20.29 33.76
CA GLU A 323 -0.04 19.19 34.01
C GLU A 323 -0.64 17.86 33.53
N THR A 324 0.07 17.19 32.62
CA THR A 324 -0.19 15.80 32.25
C THR A 324 1.09 15.16 31.72
N ASP A 325 1.28 13.87 32.02
CA ASP A 325 2.45 13.12 31.56
C ASP A 325 2.28 12.45 30.19
N PHE A 326 1.17 12.72 29.47
CA PHE A 326 0.95 12.18 28.13
C PHE A 326 2.02 12.65 27.16
N THR A 327 2.74 11.69 26.59
CA THR A 327 3.93 11.91 25.77
C THR A 327 3.84 11.05 24.52
N ASN A 328 3.79 11.68 23.36
CA ASN A 328 3.97 11.00 22.07
C ASN A 328 5.46 10.69 21.93
N VAL A 329 5.79 9.39 21.93
CA VAL A 329 7.14 8.92 21.64
C VAL A 329 7.32 9.05 20.13
N THR A 330 7.89 10.17 19.70
CA THR A 330 8.03 10.50 18.28
C THR A 330 9.05 9.65 17.52
N SER A 331 9.98 9.00 18.23
CA SER A 331 11.00 8.13 17.62
C SER A 331 10.50 6.77 17.14
N LEU A 332 9.26 6.39 17.45
CA LEU A 332 8.64 5.18 16.89
C LEU A 332 7.14 5.32 16.71
N ARG A 333 6.63 4.77 15.60
CA ARG A 333 5.22 4.89 15.21
C ARG A 333 4.32 4.13 16.18
N GLY A 334 3.19 4.76 16.53
CA GLY A 334 2.20 4.17 17.42
C GLY A 334 2.48 4.15 18.92
N VAL A 335 3.65 4.67 19.34
CA VAL A 335 4.11 4.59 20.73
C VAL A 335 3.73 5.88 21.48
N TYR A 336 3.10 5.71 22.64
CA TYR A 336 2.72 6.83 23.53
C TYR A 336 2.90 6.38 24.98
N ILE A 337 3.56 7.21 25.79
CA ILE A 337 3.77 6.98 27.23
C ILE A 337 2.93 7.99 28.02
N THR A 338 2.36 7.54 29.13
CA THR A 338 1.67 8.42 30.09
C THR A 338 1.59 7.84 31.50
N SER A 339 1.12 8.66 32.43
CA SER A 339 0.94 8.29 33.85
C SER A 339 -0.53 8.07 34.21
N VAL A 340 -0.77 7.14 35.12
CA VAL A 340 -2.11 6.79 35.64
C VAL A 340 -2.12 6.67 37.17
N LEU A 341 -3.24 7.05 37.79
CA LEU A 341 -3.45 6.84 39.24
C LEU A 341 -3.95 5.42 39.49
N SER A 342 -3.38 4.75 40.49
CA SER A 342 -3.87 3.45 40.96
C SER A 342 -5.10 3.63 41.86
N GLU A 343 -5.71 2.51 42.24
CA GLU A 343 -6.73 2.48 43.30
C GLU A 343 -6.11 2.87 44.66
N ASP A 344 -4.93 2.33 44.93
CA ASP A 344 -4.07 2.69 46.08
C ASP A 344 -3.47 4.14 46.11
N ASN A 345 -3.80 4.99 45.13
CA ASN A 345 -3.33 6.39 45.06
C ASN A 345 -1.83 6.56 44.68
N SER A 346 -1.19 5.51 44.17
CA SER A 346 0.19 5.55 43.68
C SER A 346 0.12 5.77 42.17
N ILE A 347 1.04 6.56 41.64
CA ILE A 347 1.07 6.87 40.20
C ILE A 347 1.98 5.85 39.48
N GLN A 348 1.47 5.23 38.41
CA GLN A 348 2.24 4.33 37.53
C GLN A 348 2.29 4.88 36.11
N THR A 349 3.25 4.38 35.33
CA THR A 349 3.53 4.82 33.98
C THR A 349 3.15 3.66 33.06
N MET A 350 2.27 3.94 32.10
CA MET A 350 1.79 2.99 31.11
C MET A 350 2.37 3.38 29.75
N ILE A 351 2.59 2.36 28.91
CA ILE A 351 3.01 2.53 27.51
C ILE A 351 2.04 1.76 26.60
N THR A 352 1.67 2.40 25.49
CA THR A 352 0.93 1.75 24.40
C THR A 352 1.85 1.76 23.20
N PHE A 353 1.91 0.62 22.50
CA PHE A 353 2.66 0.48 21.25
C PHE A 353 1.77 0.52 19.99
N ASP A 354 0.45 0.38 20.15
CA ASP A 354 -0.51 0.32 19.03
C ASP A 354 -1.56 1.46 19.05
N GLN A 355 -1.07 2.68 19.28
CA GLN A 355 -1.89 3.91 19.28
C GLN A 355 -3.10 3.84 20.24
N GLY A 356 -2.85 3.36 21.45
CA GLY A 356 -3.85 3.29 22.51
C GLY A 356 -4.87 2.18 22.40
N GLY A 357 -4.48 1.05 21.80
CA GLY A 357 -5.32 -0.16 21.76
C GLY A 357 -5.19 -0.89 23.08
N ARG A 358 -3.97 -1.31 23.37
CA ARG A 358 -3.57 -1.95 24.62
C ARG A 358 -2.51 -1.08 25.29
N TRP A 359 -2.70 -0.81 26.59
CA TRP A 359 -1.70 -0.19 27.46
C TRP A 359 -1.10 -1.24 28.41
N THR A 360 0.11 -0.96 28.90
CA THR A 360 0.87 -1.92 29.71
C THR A 360 2.05 -1.23 30.42
N HIS A 361 2.56 -1.85 31.49
CA HIS A 361 3.72 -1.31 32.23
C HIS A 361 4.98 -1.40 31.39
N LEU A 362 5.93 -0.50 31.64
CA LEU A 362 7.23 -0.49 30.95
C LEU A 362 8.14 -1.57 31.54
N ARG A 363 8.96 -2.18 30.71
CA ARG A 363 9.86 -3.27 31.13
C ARG A 363 10.96 -2.73 32.07
N LYS A 364 11.28 -3.49 33.11
CA LYS A 364 12.41 -3.18 34.01
C LYS A 364 13.73 -3.12 33.21
N PRO A 365 14.55 -2.06 33.42
CA PRO A 365 15.85 -2.03 32.75
C PRO A 365 16.84 -3.06 33.30
N GLU A 366 17.66 -3.61 32.38
CA GLU A 366 18.72 -4.58 32.68
C GLU A 366 19.67 -4.24 33.84
N ASN A 367 20.12 -2.98 33.90
CA ASN A 367 21.13 -2.50 34.85
C ASN A 367 20.46 -1.68 35.96
N SER A 368 19.56 -2.34 36.71
CA SER A 368 18.74 -1.70 37.75
C SER A 368 18.40 -2.63 38.91
N GLU A 369 18.22 -2.03 40.08
CA GLU A 369 17.55 -2.66 41.23
C GLU A 369 16.17 -2.03 41.35
N CYS A 370 15.20 -2.79 41.87
CA CYS A 370 13.87 -2.26 42.20
C CYS A 370 13.94 -1.48 43.52
N ASP A 371 13.36 -0.27 43.52
CA ASP A 371 13.46 0.67 44.65
C ASP A 371 12.47 0.36 45.78
N ALA A 372 12.47 1.20 46.82
CA ALA A 372 11.59 1.07 48.00
C ALA A 372 10.08 0.94 47.76
N THR A 373 9.58 1.46 46.64
CA THR A 373 8.16 1.29 46.25
C THR A 373 7.78 -0.15 45.86
N ALA A 374 8.77 -0.95 45.43
CA ALA A 374 8.52 -2.31 44.93
C ALA A 374 8.28 -3.35 46.03
N LYS A 375 7.23 -4.16 45.84
CA LYS A 375 6.92 -5.33 46.68
C LYS A 375 7.97 -6.44 46.53
N ASN A 376 8.24 -6.84 45.29
CA ASN A 376 9.28 -7.84 44.96
C ASN A 376 10.58 -7.13 44.56
N LYS A 377 11.70 -7.57 45.13
CA LYS A 377 13.03 -6.95 44.89
C LYS A 377 13.60 -7.21 43.50
N ASN A 378 13.33 -8.39 42.93
CA ASN A 378 13.81 -8.78 41.58
C ASN A 378 12.88 -8.40 40.44
N GLU A 379 11.56 -8.44 40.67
CA GLU A 379 10.53 -8.19 39.64
C GLU A 379 9.80 -6.86 39.89
N CYS A 380 9.93 -5.92 38.95
CA CYS A 380 9.18 -4.64 38.97
C CYS A 380 9.09 -4.02 37.55
N SER A 381 8.72 -2.74 37.43
CA SER A 381 8.62 -2.02 36.14
C SER A 381 9.35 -0.66 36.16
N LEU A 382 9.54 -0.09 34.96
CA LEU A 382 10.05 1.28 34.80
C LEU A 382 8.91 2.29 34.87
N HIS A 383 9.21 3.45 35.43
CA HIS A 383 8.27 4.57 35.59
C HIS A 383 8.99 5.85 35.20
N ILE A 384 8.32 6.72 34.45
CA ILE A 384 8.94 7.86 33.75
C ILE A 384 8.51 9.16 34.42
N HIS A 385 9.50 10.03 34.73
CA HIS A 385 9.25 11.39 35.22
C HIS A 385 9.00 12.32 34.04
N ALA A 386 7.92 13.10 34.12
CA ALA A 386 7.51 14.05 33.06
C ALA A 386 6.89 15.32 33.72
N SER A 387 5.86 15.93 33.13
CA SER A 387 5.35 17.24 33.57
C SER A 387 4.83 17.29 35.01
N TYR A 388 4.18 16.23 35.46
CA TYR A 388 3.67 16.15 36.83
C TYR A 388 4.82 16.11 37.85
N SER A 389 5.76 15.18 37.64
CA SER A 389 7.00 15.10 38.46
C SER A 389 7.71 16.45 38.60
N ILE A 390 7.82 17.16 37.47
CA ILE A 390 8.43 18.50 37.42
C ILE A 390 7.61 19.53 38.21
N SER A 391 6.28 19.47 38.10
CA SER A 391 5.38 20.34 38.87
C SER A 391 5.45 20.13 40.39
N GLN A 392 5.65 18.88 40.82
CA GLN A 392 5.87 18.55 42.24
C GLN A 392 7.31 18.79 42.76
N LYS A 393 8.14 19.44 41.96
CA LYS A 393 9.48 19.91 42.35
C LYS A 393 10.46 18.78 42.67
N LEU A 394 10.27 17.62 42.02
CA LEU A 394 11.24 16.52 42.07
C LEU A 394 12.45 16.91 41.22
N ASN A 395 13.56 16.23 41.47
CA ASN A 395 14.85 16.60 40.89
C ASN A 395 14.92 16.05 39.44
N VAL A 396 14.14 16.69 38.55
CA VAL A 396 13.90 16.25 37.17
C VAL A 396 14.17 17.44 36.23
N PRO A 397 15.42 17.56 35.70
CA PRO A 397 15.75 18.72 34.84
C PRO A 397 15.07 18.75 33.46
N MET A 398 14.68 17.59 32.94
CA MET A 398 14.03 17.47 31.63
C MET A 398 12.95 16.39 31.60
N ALA A 399 11.89 16.65 30.84
CA ALA A 399 10.90 15.63 30.46
C ALA A 399 11.52 14.64 29.43
N PRO A 400 10.79 13.59 29.03
CA PRO A 400 11.34 12.66 28.02
C PRO A 400 11.68 13.32 26.68
N LEU A 401 12.78 12.87 26.06
CA LEU A 401 13.24 13.36 24.75
C LEU A 401 13.18 12.23 23.72
N SER A 402 12.57 12.52 22.57
CA SER A 402 12.67 11.67 21.38
C SER A 402 12.64 12.52 20.12
N GLU A 403 13.31 12.06 19.08
CA GLU A 403 13.35 12.73 17.78
C GLU A 403 12.90 11.71 16.71
N PRO A 404 12.02 12.11 15.75
CA PRO A 404 11.62 11.18 14.67
C PRO A 404 12.78 10.66 13.82
N ASN A 405 13.66 11.57 13.39
CA ASN A 405 14.88 11.20 12.64
C ASN A 405 15.89 10.32 13.41
N ALA A 406 15.90 10.39 14.75
CA ALA A 406 16.64 9.45 15.60
C ALA A 406 15.72 8.31 15.98
N VAL A 407 15.48 7.42 15.01
CA VAL A 407 14.55 6.30 15.13
C VAL A 407 14.91 5.35 16.29
N GLY A 408 13.90 5.02 17.11
CA GLY A 408 14.06 4.18 18.28
C GLY A 408 14.45 4.84 19.59
N ILE A 409 15.09 6.01 19.55
CA ILE A 409 15.72 6.59 20.74
C ILE A 409 14.66 7.30 21.59
N VAL A 410 14.53 6.86 22.83
CA VAL A 410 13.74 7.54 23.87
C VAL A 410 14.66 7.68 25.08
N ILE A 411 14.98 8.92 25.45
CA ILE A 411 15.77 9.24 26.66
C ILE A 411 14.81 9.88 27.67
N ALA A 412 14.91 9.47 28.93
CA ALA A 412 14.05 10.00 30.00
C ALA A 412 14.56 9.69 31.39
N HIS A 413 14.20 10.55 32.35
CA HIS A 413 14.42 10.27 33.78
C HIS A 413 13.36 9.32 34.26
N GLY A 414 13.71 8.54 35.29
CA GLY A 414 12.78 7.57 35.85
C GLY A 414 13.16 6.93 37.16
N SER A 415 12.20 6.14 37.65
CA SER A 415 12.37 5.29 38.82
C SER A 415 11.92 3.86 38.48
N VAL A 416 12.55 2.91 39.13
CA VAL A 416 12.41 1.47 38.85
C VAL A 416 11.78 0.86 40.09
N GLY A 417 10.50 0.49 39.98
CA GLY A 417 9.73 -0.04 41.10
C GLY A 417 8.28 -0.30 40.74
N ASP A 418 7.39 -0.25 41.73
CA ASP A 418 5.94 -0.36 41.51
C ASP A 418 5.22 0.98 41.23
N ALA A 419 5.91 2.11 41.40
CA ALA A 419 5.33 3.45 41.21
C ALA A 419 6.43 4.51 41.02
N ILE A 420 5.99 5.73 40.69
CA ILE A 420 6.91 6.89 40.58
C ILE A 420 7.42 7.23 41.99
N SER A 421 8.74 7.29 42.12
CA SER A 421 9.42 7.46 43.41
C SER A 421 9.85 8.92 43.52
N VAL A 422 9.74 9.46 44.73
CA VAL A 422 10.27 10.81 45.03
C VAL A 422 11.79 10.94 45.02
N MET A 423 12.52 9.82 45.10
CA MET A 423 14.00 9.83 45.13
C MET A 423 14.65 10.40 43.85
N VAL A 424 15.92 10.79 43.97
CA VAL A 424 16.67 11.48 42.90
C VAL A 424 16.88 10.49 41.74
N PRO A 425 16.31 10.77 40.55
CA PRO A 425 16.30 9.79 39.48
C PRO A 425 17.60 9.68 38.67
N ASP A 426 17.83 8.50 38.11
CA ASP A 426 18.84 8.28 37.08
C ASP A 426 18.17 8.53 35.72
N VAL A 427 19.00 8.59 34.67
CA VAL A 427 18.52 8.73 33.28
C VAL A 427 18.54 7.34 32.63
N TYR A 428 17.45 7.04 31.91
CA TYR A 428 17.26 5.77 31.20
C TYR A 428 17.10 6.00 29.71
N ILE A 429 17.51 5.02 28.91
CA ILE A 429 17.42 5.06 27.44
C ILE A 429 16.84 3.75 26.89
N SER A 430 15.93 3.89 25.93
CA SER A 430 15.51 2.81 25.04
C SER A 430 16.05 3.10 23.66
N ASP A 431 16.57 2.07 22.99
CA ASP A 431 16.93 2.15 21.55
C ASP A 431 15.88 1.54 20.61
N ASP A 432 14.73 1.09 21.13
CA ASP A 432 13.71 0.39 20.33
C ASP A 432 12.28 0.95 20.55
N GLY A 433 12.19 2.22 20.92
CA GLY A 433 10.90 2.88 21.18
C GLY A 433 10.17 2.43 22.44
N GLY A 434 10.91 1.98 23.46
CA GLY A 434 10.37 1.73 24.80
C GLY A 434 9.94 0.31 25.17
N TYR A 435 10.29 -0.68 24.36
CA TYR A 435 10.11 -2.09 24.73
C TYR A 435 11.11 -2.48 25.81
N SER A 436 12.38 -2.26 25.48
CA SER A 436 13.52 -2.50 26.38
C SER A 436 14.11 -1.17 26.82
N TRP A 437 14.71 -1.17 28.02
CA TRP A 437 15.37 0.01 28.61
C TRP A 437 16.70 -0.34 29.26
N THR A 438 17.51 0.68 29.46
CA THR A 438 18.85 0.56 30.06
C THR A 438 19.15 1.84 30.83
N LYS A 439 19.87 1.71 31.95
CA LYS A 439 20.39 2.86 32.68
C LYS A 439 21.49 3.51 31.85
N MET A 440 21.25 4.75 31.41
CA MET A 440 22.14 5.48 30.53
C MET A 440 23.23 6.18 31.33
N LEU A 441 22.78 7.04 32.27
CA LEU A 441 23.65 7.83 33.13
C LEU A 441 23.13 7.86 34.56
N GLU A 442 24.08 7.96 35.50
CA GLU A 442 23.81 7.84 36.93
C GLU A 442 23.60 9.24 37.47
N GLY A 443 22.41 9.49 38.02
CA GLY A 443 21.98 10.82 38.48
C GLY A 443 21.36 11.63 37.34
N PRO A 444 20.63 12.71 37.69
CA PRO A 444 19.91 13.51 36.68
C PRO A 444 20.84 14.38 35.82
N HIS A 445 20.59 14.35 34.51
CA HIS A 445 21.27 15.16 33.51
C HIS A 445 20.28 15.87 32.59
N TYR A 446 20.77 16.92 31.93
CA TYR A 446 20.14 17.50 30.73
C TYR A 446 20.72 16.74 29.53
N TYR A 447 19.89 16.47 28.52
CA TYR A 447 20.30 15.68 27.34
C TYR A 447 19.80 16.26 26.02
N THR A 448 20.52 15.93 24.94
CA THR A 448 20.21 16.39 23.57
C THR A 448 20.71 15.36 22.55
N ILE A 449 19.92 15.16 21.49
CA ILE A 449 20.26 14.28 20.37
C ILE A 449 20.69 15.17 19.21
N LEU A 450 21.89 14.89 18.67
CA LEU A 450 22.46 15.61 17.53
C LEU A 450 22.67 14.63 16.37
N ASP A 451 22.53 15.15 15.14
CA ASP A 451 22.75 14.40 13.90
C ASP A 451 21.94 13.10 13.82
N SER A 452 20.64 13.22 14.09
CA SER A 452 19.68 12.11 13.94
C SER A 452 20.09 10.84 14.70
N GLY A 453 20.68 11.01 15.90
CA GLY A 453 21.19 9.92 16.73
C GLY A 453 22.71 9.70 16.74
N GLY A 454 23.40 10.26 15.75
CA GLY A 454 24.87 10.17 15.62
C GLY A 454 25.69 10.55 16.84
N ILE A 455 25.24 11.58 17.55
CA ILE A 455 25.78 11.97 18.86
C ILE A 455 24.62 12.27 19.81
N ILE A 456 24.67 11.69 21.00
CA ILE A 456 23.85 12.09 22.15
C ILE A 456 24.79 12.83 23.11
N VAL A 457 24.33 13.97 23.62
CA VAL A 457 25.08 14.87 24.50
C VAL A 457 24.39 14.88 25.87
N ALA A 458 25.16 15.04 26.94
CA ALA A 458 24.62 15.15 28.31
C ALA A 458 25.45 16.06 29.22
N ILE A 459 24.76 16.93 29.98
CA ILE A 459 25.35 17.77 31.04
C ILE A 459 24.72 17.36 32.35
N GLU A 460 25.54 17.28 33.41
CA GLU A 460 25.09 16.95 34.76
C GLU A 460 24.26 18.09 35.37
N HIS A 461 23.14 17.74 35.98
CA HIS A 461 22.34 18.67 36.79
C HIS A 461 22.95 18.75 38.18
N SER A 462 23.54 19.90 38.51
CA SER A 462 24.38 20.08 39.70
C SER A 462 24.10 21.43 40.39
N SER A 463 24.07 21.41 41.72
CA SER A 463 24.06 22.64 42.51
C SER A 463 25.42 23.35 42.45
N ARG A 464 26.51 22.58 42.45
CA ARG A 464 27.86 23.11 42.14
C ARG A 464 27.92 23.59 40.69
N PRO A 465 28.85 24.55 40.38
CA PRO A 465 29.13 24.83 38.97
C PRO A 465 29.90 23.68 38.30
N ILE A 466 29.86 23.64 36.97
CA ILE A 466 30.36 22.52 36.17
C ILE A 466 31.19 23.00 34.98
N ASN A 467 32.07 22.14 34.50
CA ASN A 467 32.90 22.41 33.31
C ASN A 467 33.09 21.20 32.36
N VAL A 468 32.19 20.22 32.42
CA VAL A 468 32.31 18.95 31.68
C VAL A 468 31.02 18.65 30.91
N ILE A 469 31.19 18.09 29.71
CA ILE A 469 30.10 17.63 28.84
C ILE A 469 30.39 16.17 28.47
N LYS A 470 29.39 15.31 28.64
CA LYS A 470 29.48 13.88 28.33
C LYS A 470 28.83 13.66 26.97
N PHE A 471 29.52 12.94 26.07
CA PHE A 471 28.98 12.61 24.74
C PHE A 471 29.16 11.12 24.39
N SER A 472 28.26 10.62 23.54
CA SER A 472 28.24 9.21 23.11
C SER A 472 27.97 9.12 21.61
N THR A 473 28.84 8.41 20.89
CA THR A 473 28.68 8.12 19.46
C THR A 473 27.96 6.79 19.17
N ASP A 474 27.67 5.99 20.19
CA ASP A 474 27.04 4.66 20.03
C ASP A 474 25.68 4.55 20.76
N GLU A 475 24.86 5.58 20.58
CA GLU A 475 23.49 5.67 21.13
C GLU A 475 23.37 5.42 22.66
N GLY A 476 24.31 5.97 23.42
CA GLY A 476 24.28 5.95 24.89
C GLY A 476 24.81 4.72 25.62
N GLN A 477 25.56 3.85 24.95
CA GLN A 477 26.20 2.68 25.59
C GLN A 477 27.54 3.03 26.25
N CYS A 478 28.36 3.80 25.54
CA CYS A 478 29.68 4.25 25.99
C CYS A 478 29.77 5.77 25.95
N TRP A 479 30.43 6.35 26.95
CA TRP A 479 30.45 7.79 27.19
C TRP A 479 31.87 8.34 27.32
N GLN A 480 32.22 9.25 26.41
CA GLN A 480 33.45 10.03 26.47
C GLN A 480 33.12 11.33 27.20
N THR A 481 34.02 11.73 28.13
CA THR A 481 33.84 12.91 28.98
C THR A 481 34.83 13.98 28.52
N TYR A 482 34.35 15.21 28.29
CA TYR A 482 35.15 16.32 27.75
C TYR A 482 35.05 17.59 28.60
N THR A 483 36.19 18.05 29.14
CA THR A 483 36.26 19.32 29.87
C THR A 483 36.27 20.45 28.84
N PHE A 484 35.22 21.28 28.85
CA PHE A 484 35.00 22.35 27.83
C PHE A 484 35.39 23.78 28.26
N THR A 485 35.85 23.94 29.52
CA THR A 485 36.29 25.26 30.01
C THR A 485 37.18 25.13 31.27
N ARG A 486 38.14 26.04 31.41
CA ARG A 486 38.98 26.13 32.63
C ARG A 486 38.24 26.84 33.79
N ASP A 487 37.26 27.69 33.47
CA ASP A 487 36.42 28.39 34.46
C ASP A 487 34.99 27.80 34.46
N PRO A 488 34.67 26.93 35.46
CA PRO A 488 33.31 26.38 35.65
C PRO A 488 32.19 27.40 35.73
N ILE A 489 30.99 26.95 35.33
CA ILE A 489 29.80 27.79 35.22
C ILE A 489 28.60 27.12 35.88
N TYR A 490 27.68 27.95 36.40
CA TYR A 490 26.40 27.51 36.89
C TYR A 490 25.52 27.32 35.68
N PHE A 491 25.26 26.05 35.33
CA PHE A 491 24.56 25.67 34.09
C PHE A 491 23.08 26.01 34.17
N THR A 492 22.54 26.63 33.11
CA THR A 492 21.09 26.94 32.98
C THR A 492 20.36 26.17 31.87
N GLY A 493 20.99 25.92 30.73
CA GLY A 493 20.34 25.11 29.68
C GLY A 493 21.15 24.83 28.43
N LEU A 494 20.59 23.97 27.59
CA LEU A 494 21.16 23.61 26.27
C LEU A 494 20.34 24.24 25.15
N ALA A 495 21.00 24.46 24.02
CA ALA A 495 20.35 24.91 22.79
C ALA A 495 21.08 24.34 21.59
N SER A 496 20.42 23.40 20.91
CA SER A 496 20.82 22.95 19.57
C SER A 496 19.76 23.43 18.58
N GLU A 497 20.05 23.30 17.28
CA GLU A 497 19.09 23.62 16.23
C GLU A 497 17.92 22.63 16.28
N PRO A 498 16.65 23.13 16.21
CA PRO A 498 15.48 22.24 16.08
C PRO A 498 15.56 21.30 14.88
N GLY A 499 15.04 20.08 15.06
CA GLY A 499 15.14 18.99 14.07
C GLY A 499 16.22 17.93 14.30
N ALA A 500 17.16 18.21 15.22
CA ALA A 500 18.23 17.28 15.60
C ALA A 500 19.17 16.82 14.46
N ARG A 501 19.31 17.67 13.44
CA ARG A 501 20.19 17.43 12.28
C ARG A 501 21.57 18.09 12.40
N SER A 502 21.68 19.11 13.25
CA SER A 502 22.95 19.80 13.52
C SER A 502 23.95 18.95 14.29
N MET A 503 25.20 19.44 14.31
CA MET A 503 26.29 18.90 15.14
C MET A 503 26.86 19.96 16.10
N ASN A 504 26.08 21.03 16.32
CA ASN A 504 26.45 22.17 17.15
C ASN A 504 25.53 22.13 18.37
N ILE A 505 26.13 22.10 19.57
CA ILE A 505 25.41 22.23 20.85
C ILE A 505 25.93 23.48 21.54
N SER A 506 25.01 24.27 22.13
CA SER A 506 25.35 25.49 22.86
C SER A 506 25.06 25.31 24.35
N ILE A 507 26.11 25.29 25.17
CA ILE A 507 26.05 25.09 26.61
C ILE A 507 25.93 26.45 27.28
N TRP A 508 24.72 26.79 27.75
CA TRP A 508 24.46 28.07 28.43
C TRP A 508 24.57 27.97 29.95
N GLY A 509 24.96 29.08 30.56
CA GLY A 509 25.07 29.20 32.00
C GLY A 509 25.57 30.58 32.41
N PHE A 510 25.89 30.74 33.70
CA PHE A 510 26.46 31.99 34.23
C PHE A 510 27.64 31.74 35.16
N THR A 511 28.53 32.72 35.21
CA THR A 511 29.83 32.56 35.86
C THR A 511 29.71 32.60 37.38
N GLU A 512 30.63 31.90 38.04
CA GLU A 512 30.93 32.15 39.47
C GLU A 512 31.23 33.61 39.85
N SER A 513 30.82 33.97 41.05
CA SER A 513 30.83 35.39 41.48
C SER A 513 32.24 35.93 41.73
N PHE A 514 32.67 36.84 40.86
CA PHE A 514 33.93 37.57 40.94
C PHE A 514 33.55 39.05 41.22
N LEU A 515 33.73 39.99 40.30
CA LEU A 515 33.21 41.36 40.47
C LEU A 515 31.68 41.36 40.30
N THR A 516 31.23 40.57 39.33
CA THR A 516 29.82 40.23 39.10
C THR A 516 29.76 38.80 38.52
N SER A 517 28.53 38.30 38.34
CA SER A 517 28.23 37.08 37.58
C SER A 517 27.68 37.49 36.22
N GLN A 518 28.07 36.77 35.17
CA GLN A 518 27.71 37.10 33.79
C GLN A 518 27.32 35.91 32.94
N TRP A 519 26.37 36.14 32.03
CA TRP A 519 25.86 35.11 31.12
C TRP A 519 26.92 34.74 30.09
N VAL A 520 27.05 33.44 29.82
CA VAL A 520 28.10 32.91 28.93
C VAL A 520 27.60 31.65 28.23
N SER A 521 28.07 31.43 27.00
CA SER A 521 27.70 30.26 26.19
C SER A 521 28.92 29.66 25.50
N TYR A 522 29.22 28.40 25.85
CA TYR A 522 30.27 27.61 25.19
C TYR A 522 29.58 26.73 24.14
N THR A 523 29.83 27.03 22.86
CA THR A 523 29.24 26.31 21.73
C THR A 523 30.28 25.39 21.11
N ILE A 524 29.94 24.10 20.99
CA ILE A 524 30.87 23.04 20.56
C ILE A 524 30.36 22.42 19.25
N ASP A 525 31.24 22.32 18.25
CA ASP A 525 30.98 21.63 16.98
C ASP A 525 31.66 20.26 17.00
N PHE A 526 30.89 19.21 16.74
CA PHE A 526 31.40 17.82 16.70
C PHE A 526 31.87 17.34 15.31
N LYS A 527 31.95 18.22 14.31
CA LYS A 527 32.32 17.86 12.92
C LYS A 527 33.61 17.05 12.75
N ASP A 528 34.60 17.31 13.61
CA ASP A 528 35.86 16.55 13.63
C ASP A 528 35.80 15.23 14.42
N ILE A 529 34.90 15.14 15.41
CA ILE A 529 34.64 13.87 16.12
C ILE A 529 34.02 12.80 15.19
N LEU A 530 33.06 13.23 14.37
CA LEU A 530 32.53 12.40 13.26
C LEU A 530 33.09 12.97 11.94
N GLU A 531 34.40 12.77 11.76
CA GLU A 531 35.15 13.29 10.61
C GLU A 531 34.64 12.80 9.25
N ARG A 532 34.31 11.51 9.16
CA ARG A 532 33.80 10.89 7.91
C ARG A 532 32.27 10.86 7.87
N ASN A 533 31.71 11.02 6.67
CA ASN A 533 30.27 10.81 6.43
C ASN A 533 29.97 9.32 6.36
N CYS A 534 28.73 8.95 6.69
CA CYS A 534 28.32 7.54 6.70
C CYS A 534 28.07 7.03 5.28
N GLU A 535 28.74 5.93 4.92
CA GLU A 535 28.45 5.16 3.71
C GLU A 535 27.30 4.18 3.98
N GLU A 536 26.85 3.50 2.92
CA GLU A 536 25.78 2.47 3.00
C GLU A 536 26.12 1.29 3.93
N LYS A 537 27.41 0.91 3.99
CA LYS A 537 27.90 -0.13 4.92
C LYS A 537 27.68 0.16 6.42
N ASP A 538 27.61 1.44 6.78
CA ASP A 538 27.41 1.86 8.19
C ASP A 538 26.03 1.59 8.79
N TYR A 539 25.02 1.36 7.94
CA TYR A 539 23.65 1.09 8.37
C TYR A 539 23.32 -0.40 8.40
N THR A 540 22.26 -0.74 9.11
CA THR A 540 21.85 -2.13 9.39
C THR A 540 20.32 -2.27 9.39
N ILE A 541 19.84 -3.48 9.11
CA ILE A 541 18.39 -3.74 8.92
C ILE A 541 17.80 -3.94 10.31
N TRP A 542 16.70 -3.24 10.60
CA TRP A 542 16.01 -3.32 11.89
C TRP A 542 14.51 -3.39 11.70
N LEU A 543 13.89 -4.47 12.18
CA LEU A 543 12.43 -4.60 12.23
C LEU A 543 11.92 -3.88 13.47
N ALA A 544 10.96 -2.98 13.27
CA ALA A 544 10.37 -2.20 14.33
C ALA A 544 9.31 -3.10 14.93
N HIS A 545 9.03 -2.90 16.20
CA HIS A 545 8.03 -3.66 16.99
C HIS A 545 8.20 -5.19 17.07
N SER A 546 9.44 -5.65 17.03
CA SER A 546 9.75 -7.08 17.01
C SER A 546 9.55 -7.68 18.41
N THR A 547 8.68 -8.69 18.52
CA THR A 547 8.44 -9.43 19.76
C THR A 547 8.92 -10.88 19.63
N ASP A 548 8.37 -11.59 18.65
CA ASP A 548 8.64 -13.01 18.38
C ASP A 548 9.16 -13.11 16.92
N PRO A 549 10.50 -13.13 16.71
CA PRO A 549 11.08 -13.11 15.34
C PRO A 549 10.62 -14.22 14.38
N GLU A 550 10.47 -15.44 14.90
CA GLU A 550 9.94 -16.59 14.13
C GLU A 550 8.50 -16.43 13.62
N ASP A 551 7.68 -15.61 14.29
CA ASP A 551 6.27 -15.39 13.90
C ASP A 551 6.15 -14.64 12.58
N TYR A 552 5.14 -15.00 11.80
CA TYR A 552 4.83 -14.37 10.50
C TYR A 552 4.27 -12.97 10.67
N GLU A 553 3.44 -12.74 11.69
CA GLU A 553 2.87 -11.41 11.95
C GLU A 553 3.74 -10.54 12.89
N ASP A 554 5.07 -10.75 12.92
CA ASP A 554 5.94 -10.04 13.89
C ASP A 554 6.17 -8.60 13.44
N GLY A 555 5.89 -7.65 14.34
CA GLY A 555 5.99 -6.22 14.04
C GLY A 555 4.77 -5.56 13.39
N CYS A 556 3.66 -6.29 13.24
CA CYS A 556 2.41 -5.71 12.72
C CYS A 556 1.77 -4.79 13.76
N ILE A 557 1.78 -3.49 13.49
CA ILE A 557 1.12 -2.47 14.31
C ILE A 557 0.30 -1.59 13.37
N LEU A 558 -1.01 -1.49 13.64
CA LEU A 558 -1.98 -0.85 12.75
C LEU A 558 -1.93 -1.45 11.32
N GLY A 559 -1.88 -2.77 11.27
CA GLY A 559 -1.88 -3.51 10.02
C GLY A 559 -0.65 -3.42 9.11
N TYR A 560 0.50 -2.99 9.62
CA TYR A 560 1.77 -3.11 8.89
C TYR A 560 3.02 -3.12 9.78
N LYS A 561 4.10 -3.62 9.19
CA LYS A 561 5.45 -3.61 9.76
C LYS A 561 6.22 -2.46 9.13
N GLU A 562 7.39 -2.17 9.69
CA GLU A 562 8.33 -1.22 9.10
C GLU A 562 9.76 -1.72 9.36
N GLN A 563 10.50 -2.00 8.29
CA GLN A 563 11.92 -2.34 8.38
C GLN A 563 12.73 -1.10 8.06
N PHE A 564 13.56 -0.68 9.03
CA PHE A 564 14.37 0.54 8.94
C PHE A 564 15.82 0.22 8.61
N LEU A 565 16.50 1.19 8.01
CA LEU A 565 17.97 1.24 7.97
C LEU A 565 18.46 2.14 9.09
N ARG A 566 18.79 1.51 10.21
CA ARG A 566 19.38 2.19 11.37
C ARG A 566 20.89 2.26 11.24
N LEU A 567 21.47 3.32 11.78
CA LEU A 567 22.93 3.44 11.90
C LEU A 567 23.46 2.42 12.92
N ARG A 568 24.56 1.75 12.58
CA ARG A 568 25.22 0.82 13.51
C ARG A 568 25.81 1.59 14.69
N LYS A 569 25.82 0.96 15.86
CA LYS A 569 26.30 1.58 17.10
C LYS A 569 27.81 1.79 17.04
N SER A 570 28.54 0.71 16.70
CA SER A 570 30.00 0.73 16.53
C SER A 570 30.52 1.67 15.45
N SER A 571 29.72 1.92 14.42
CA SER A 571 30.04 2.87 13.35
C SER A 571 30.03 4.31 13.87
N VAL A 572 31.08 5.08 13.53
CA VAL A 572 31.32 6.45 14.01
C VAL A 572 31.41 7.38 12.80
N CYS A 573 30.30 8.03 12.46
CA CYS A 573 30.19 8.86 11.27
C CYS A 573 28.97 9.79 11.28
N GLN A 574 29.05 10.83 10.46
CA GLN A 574 27.95 11.80 10.31
C GLN A 574 26.85 11.24 9.41
N ASN A 575 25.63 11.12 9.94
CA ASN A 575 24.42 10.83 9.13
C ASN A 575 24.18 11.91 8.08
N GLY A 576 24.26 13.17 8.51
CA GLY A 576 24.19 14.34 7.63
C GLY A 576 22.93 15.16 7.87
N ARG A 577 22.95 16.39 7.37
CA ARG A 577 21.78 17.28 7.38
C ARG A 577 20.72 16.81 6.37
N ASP A 578 21.17 16.54 5.14
CA ASP A 578 20.35 15.93 4.09
C ASP A 578 19.74 14.54 4.39
N TYR A 579 20.31 13.81 5.37
CA TYR A 579 19.79 12.50 5.88
C TYR A 579 18.26 12.34 5.92
N VAL A 580 17.79 11.23 5.35
CA VAL A 580 16.37 10.86 5.31
C VAL A 580 16.24 9.49 5.99
N VAL A 581 15.12 9.30 6.68
CA VAL A 581 14.86 8.05 7.41
C VAL A 581 14.39 7.05 6.36
N THR A 582 15.23 6.06 6.08
CA THR A 582 14.93 5.01 5.12
C THR A 582 14.10 3.92 5.80
N LYS A 583 12.87 3.68 5.31
CA LYS A 583 12.02 2.59 5.80
C LYS A 583 11.13 2.01 4.69
N GLN A 584 11.00 0.68 4.67
CA GLN A 584 10.08 -0.04 3.77
C GLN A 584 8.99 -0.73 4.62
N PRO A 585 7.69 -0.45 4.32
CA PRO A 585 6.61 -1.09 5.09
C PRO A 585 6.15 -2.42 4.50
N SER A 586 5.87 -3.39 5.37
CA SER A 586 5.26 -4.67 4.98
C SER A 586 3.80 -4.72 5.42
N ILE A 587 2.87 -4.78 4.47
CA ILE A 587 1.42 -4.71 4.74
C ILE A 587 0.93 -6.06 5.25
N CYS A 588 0.51 -6.12 6.53
CA CYS A 588 0.03 -7.37 7.15
C CYS A 588 -1.40 -7.69 6.71
N LEU A 589 -1.80 -8.94 6.92
CA LEU A 589 -3.20 -9.36 6.71
C LEU A 589 -4.08 -8.85 7.84
N CYS A 590 -5.30 -8.45 7.49
CA CYS A 590 -6.28 -7.99 8.49
C CYS A 590 -6.77 -9.16 9.35
N SER A 591 -6.82 -8.93 10.66
CA SER A 591 -7.54 -9.78 11.62
C SER A 591 -8.67 -8.93 12.22
N LEU A 592 -9.43 -9.53 13.15
CA LEU A 592 -10.42 -8.78 13.93
C LEU A 592 -9.81 -7.67 14.81
N GLU A 593 -8.56 -7.85 15.26
CA GLU A 593 -7.79 -6.81 15.97
C GLU A 593 -7.58 -5.51 15.17
N ASP A 594 -7.48 -5.61 13.85
CA ASP A 594 -7.36 -4.42 12.96
C ASP A 594 -8.65 -3.57 12.84
N PHE A 595 -9.79 -4.09 13.30
CA PHE A 595 -11.06 -3.36 13.37
C PHE A 595 -11.44 -3.04 14.81
N LEU A 596 -11.67 -1.76 15.11
CA LEU A 596 -12.34 -1.35 16.35
C LEU A 596 -13.86 -1.51 16.17
N CYS A 597 -14.58 -1.75 17.27
CA CYS A 597 -16.05 -1.84 17.25
C CYS A 597 -16.66 -0.46 16.95
N ASP A 598 -17.56 -0.41 15.97
CA ASP A 598 -18.38 0.78 15.67
C ASP A 598 -19.41 0.98 16.78
N PHE A 599 -20.08 2.14 16.77
CA PHE A 599 -21.12 2.46 17.76
C PHE A 599 -22.23 1.40 17.84
N GLY A 600 -22.62 1.06 19.08
CA GLY A 600 -23.63 0.06 19.37
C GLY A 600 -23.08 -1.33 19.71
N TYR A 601 -21.77 -1.52 19.54
CA TYR A 601 -21.12 -2.84 19.66
C TYR A 601 -19.97 -2.84 20.67
N TYR A 602 -19.69 -4.02 21.23
CA TYR A 602 -18.66 -4.22 22.26
C TYR A 602 -18.13 -5.67 22.23
N ARG A 603 -17.07 -5.93 23.00
CA ARG A 603 -16.45 -7.26 23.12
C ARG A 603 -16.50 -7.92 24.54
N PRO A 604 -17.24 -9.05 24.67
CA PRO A 604 -17.13 -9.81 25.94
C PRO A 604 -15.84 -10.62 26.06
N GLU A 605 -15.53 -11.44 25.05
CA GLU A 605 -14.50 -12.51 25.11
C GLU A 605 -14.79 -13.52 26.21
N SER A 608 -11.43 -11.90 19.52
CA SER A 608 -12.51 -11.24 20.24
C SER A 608 -13.46 -10.49 19.28
N LYS A 609 -14.73 -10.88 19.30
CA LYS A 609 -15.73 -10.49 18.27
C LYS A 609 -16.63 -9.35 18.79
N CYS A 610 -16.84 -8.32 17.95
CA CYS A 610 -17.78 -7.22 18.26
C CYS A 610 -19.24 -7.70 18.16
N VAL A 611 -20.00 -7.49 19.23
CA VAL A 611 -21.43 -7.89 19.33
C VAL A 611 -22.27 -6.75 19.88
N GLU A 612 -23.51 -6.63 19.38
CA GLU A 612 -24.37 -5.50 19.77
C GLU A 612 -24.63 -5.53 21.27
N GLN A 613 -25.21 -4.45 21.79
CA GLN A 613 -25.55 -4.41 23.23
C GLN A 613 -27.06 -4.17 23.37
N PRO A 614 -27.77 -4.88 24.26
CA PRO A 614 -29.19 -4.68 24.46
C PRO A 614 -29.64 -3.28 24.03
N LEU A 616 -28.20 0.00 25.94
CA LEU A 616 -27.52 1.27 25.69
C LEU A 616 -27.80 2.25 26.84
N LYS A 617 -26.77 2.54 27.64
CA LYS A 617 -26.84 3.48 28.77
C LYS A 617 -25.85 4.63 28.61
N GLY A 618 -26.11 5.70 29.36
CA GLY A 618 -25.21 6.84 29.44
C GLY A 618 -25.10 7.64 28.15
N HIS A 619 -23.87 8.01 27.79
CA HIS A 619 -23.59 8.78 26.57
C HIS A 619 -23.78 8.03 25.25
N ASP A 620 -23.84 6.70 25.31
CA ASP A 620 -24.20 5.86 24.15
C ASP A 620 -25.66 6.11 23.76
N LEU A 621 -26.56 5.99 24.73
CA LEU A 621 -28.00 6.28 24.52
C LEU A 621 -28.24 7.70 24.00
N GLU A 622 -27.53 8.67 24.58
CA GLU A 622 -27.56 10.07 24.13
C GLU A 622 -27.11 10.25 22.67
N PHE A 623 -26.03 9.55 22.30
CA PHE A 623 -25.53 9.53 20.91
C PHE A 623 -26.53 8.90 19.92
N CYS A 624 -27.19 7.82 20.35
CA CYS A 624 -28.23 7.14 19.55
C CYS A 624 -29.47 7.98 19.31
N LEU A 625 -29.96 8.65 20.35
CA LEU A 625 -31.15 9.51 20.27
C LEU A 625 -30.91 10.81 19.50
N TYR A 626 -29.84 11.53 19.85
CA TYR A 626 -29.57 12.89 19.33
C TYR A 626 -28.67 12.93 18.08
N LEU A 632 -25.18 6.04 12.20
CA LEU A 632 -26.56 5.57 12.36
C LEU A 632 -26.85 4.18 11.76
N THR A 633 -26.08 3.77 10.75
CA THR A 633 -26.20 2.45 10.09
C THR A 633 -24.83 1.79 10.06
N THR A 634 -24.73 0.52 10.49
CA THR A 634 -23.43 -0.17 10.64
C THR A 634 -23.53 -1.69 10.80
N ASN A 635 -22.58 -2.40 10.19
CA ASN A 635 -22.36 -3.84 10.46
C ASN A 635 -21.68 -4.15 11.83
N GLY A 636 -21.18 -3.11 12.52
CA GLY A 636 -20.63 -3.22 13.86
C GLY A 636 -19.11 -3.24 13.98
N TYR A 637 -18.40 -3.20 12.84
CA TYR A 637 -16.95 -3.05 12.77
C TYR A 637 -16.58 -1.80 11.97
N ARG A 638 -15.47 -1.18 12.35
CA ARG A 638 -14.83 -0.14 11.54
C ARG A 638 -13.32 -0.23 11.66
N LYS A 639 -12.63 0.09 10.55
CA LYS A 639 -11.18 0.01 10.45
C LYS A 639 -10.56 1.02 11.41
N ILE A 640 -9.52 0.59 12.15
CA ILE A 640 -8.76 1.50 13.02
C ILE A 640 -8.20 2.66 12.17
N PRO A 641 -8.33 3.93 12.65
CA PRO A 641 -7.78 5.04 11.88
C PRO A 641 -6.25 4.96 11.75
N GLY A 642 -5.76 5.12 10.53
CA GLY A 642 -4.38 4.84 10.17
C GLY A 642 -3.99 3.37 10.02
N ASP A 643 -4.95 2.44 10.10
CA ASP A 643 -4.67 1.01 9.91
C ASP A 643 -4.67 0.74 8.42
N LYS A 644 -3.61 0.08 7.94
CA LYS A 644 -3.38 -0.11 6.50
C LYS A 644 -3.20 -1.58 6.07
N CYS A 645 -3.84 -2.52 6.79
CA CYS A 645 -3.84 -3.93 6.40
C CYS A 645 -4.69 -4.13 5.14
N GLN A 646 -4.32 -5.14 4.36
CA GLN A 646 -5.02 -5.54 3.14
C GLN A 646 -5.25 -7.05 3.17
N GLY A 647 -6.36 -7.49 2.56
CA GLY A 647 -6.74 -8.90 2.52
C GLY A 647 -7.18 -9.42 3.88
N GLY A 648 -6.99 -10.72 4.10
CA GLY A 648 -7.28 -11.37 5.38
C GLY A 648 -8.75 -11.29 5.79
N VAL A 649 -8.98 -11.16 7.10
CA VAL A 649 -10.35 -11.06 7.68
C VAL A 649 -11.02 -9.76 7.22
N ASN A 650 -12.33 -9.82 7.00
CA ASN A 650 -13.13 -8.66 6.57
C ASN A 650 -14.61 -8.89 6.88
N PRO A 651 -15.16 -8.17 7.89
CA PRO A 651 -16.62 -8.11 8.07
C PRO A 651 -17.26 -7.01 7.22
N CYS B 8 13.96 -40.16 1.14
CA CYS B 8 12.53 -40.14 0.63
C CYS B 8 11.59 -40.97 1.52
N GLY B 9 10.41 -40.42 1.80
CA GLY B 9 9.42 -40.96 2.75
C GLY B 9 8.10 -41.28 2.08
N ARG B 10 7.88 -42.56 1.78
CA ARG B 10 6.59 -43.05 1.25
C ARG B 10 5.48 -43.04 2.32
N VAL B 11 4.23 -42.82 1.90
CA VAL B 11 3.07 -42.78 2.82
C VAL B 11 2.67 -44.22 3.20
N ARG B 12 2.27 -44.41 4.46
CA ARG B 12 1.99 -45.74 5.03
C ARG B 12 0.54 -46.14 4.74
N ASP B 13 0.33 -47.43 4.45
CA ASP B 13 -1.00 -48.06 4.30
C ASP B 13 -1.91 -47.51 3.17
N PHE B 14 -1.30 -46.88 2.16
CA PHE B 14 -2.03 -46.02 1.20
C PHE B 14 -3.03 -46.71 0.26
N VAL B 15 -2.75 -47.97 -0.08
CA VAL B 15 -3.59 -48.76 -1.03
C VAL B 15 -5.01 -48.92 -0.48
N ALA B 16 -5.10 -49.26 0.80
CA ALA B 16 -6.38 -49.33 1.54
C ALA B 16 -7.14 -48.00 1.54
N LYS B 17 -6.42 -46.91 1.78
CA LYS B 17 -6.98 -45.55 1.81
C LYS B 17 -7.52 -45.05 0.45
N LEU B 18 -7.02 -45.60 -0.67
CA LEU B 18 -7.49 -45.27 -2.03
C LEU B 18 -8.48 -46.26 -2.67
N ALA B 19 -8.40 -47.55 -2.30
CA ALA B 19 -9.20 -48.63 -2.90
C ALA B 19 -10.72 -48.36 -2.83
N ASN B 20 -11.19 -48.12 -1.62
CA ASN B 20 -12.60 -47.75 -1.36
C ASN B 20 -13.02 -46.41 -1.97
N ASN B 21 -12.08 -45.48 -2.10
CA ASN B 21 -12.32 -44.18 -2.73
C ASN B 21 -12.17 -44.12 -4.26
N THR B 22 -11.73 -45.20 -4.90
CA THR B 22 -11.76 -45.34 -6.37
C THR B 22 -13.17 -45.72 -6.82
N HIS B 23 -13.71 -45.03 -7.82
CA HIS B 23 -15.11 -45.15 -8.26
C HIS B 23 -15.22 -45.29 -9.79
N GLN B 24 -15.44 -46.52 -10.27
CA GLN B 24 -15.61 -46.79 -11.70
C GLN B 24 -16.99 -46.30 -12.17
N HIS B 25 -17.04 -45.89 -13.44
CA HIS B 25 -18.31 -45.72 -14.15
C HIS B 25 -18.12 -45.98 -15.65
N VAL B 26 -18.71 -47.07 -16.12
CA VAL B 26 -18.69 -47.44 -17.54
C VAL B 26 -19.88 -46.75 -18.20
N PHE B 27 -19.68 -46.35 -19.45
CA PHE B 27 -20.76 -45.83 -20.31
C PHE B 27 -21.15 -46.89 -21.35
N ASP B 28 -22.45 -47.19 -21.47
CA ASP B 28 -22.93 -48.21 -22.41
C ASP B 28 -22.95 -47.77 -23.87
N ASP B 29 -22.58 -46.52 -24.17
CA ASP B 29 -22.76 -45.94 -25.50
C ASP B 29 -21.84 -46.56 -26.57
N LEU B 30 -22.23 -46.36 -27.84
CA LEU B 30 -21.37 -46.62 -29.00
C LEU B 30 -20.51 -45.38 -29.02
N ARG B 31 -19.18 -45.54 -28.96
CA ARG B 31 -18.29 -44.39 -28.85
C ARG B 31 -18.32 -43.50 -30.11
N GLY B 32 -18.71 -42.24 -29.88
CA GLY B 32 -18.81 -41.21 -30.92
C GLY B 32 -17.98 -40.08 -30.39
N SER B 33 -18.65 -39.08 -29.80
CA SER B 33 -18.00 -37.91 -29.19
C SER B 33 -18.47 -37.77 -27.76
N VAL B 34 -17.53 -37.77 -26.81
CA VAL B 34 -17.79 -37.28 -25.44
C VAL B 34 -17.51 -35.78 -25.40
N SER B 35 -18.33 -35.05 -24.63
CA SER B 35 -18.08 -33.66 -24.25
C SER B 35 -18.36 -33.50 -22.75
N LEU B 36 -17.37 -33.07 -21.99
CA LEU B 36 -17.45 -32.92 -20.52
C LEU B 36 -17.59 -31.43 -20.16
N SER B 37 -18.38 -31.12 -19.14
CA SER B 37 -18.56 -29.72 -18.65
C SER B 37 -18.89 -29.67 -17.15
N TRP B 38 -18.13 -28.90 -16.39
CA TRP B 38 -18.43 -28.61 -14.97
C TRP B 38 -19.47 -27.49 -14.89
N VAL B 39 -20.26 -27.50 -13.81
CA VAL B 39 -21.33 -26.52 -13.57
C VAL B 39 -21.22 -26.02 -12.11
N GLY B 40 -20.50 -24.90 -11.94
CA GLY B 40 -20.38 -24.23 -10.65
C GLY B 40 -19.32 -24.80 -9.72
N ASP B 41 -18.78 -23.93 -8.86
CA ASP B 41 -17.79 -24.31 -7.84
C ASP B 41 -18.49 -24.84 -6.58
N SER B 42 -17.86 -25.83 -5.93
CA SER B 42 -18.37 -26.51 -4.73
C SER B 42 -19.71 -27.26 -4.92
N THR B 43 -20.01 -27.65 -6.16
CA THR B 43 -21.25 -28.37 -6.53
C THR B 43 -21.04 -29.86 -6.77
N GLY B 44 -19.90 -30.23 -7.37
CA GLY B 44 -19.65 -31.58 -7.86
C GLY B 44 -20.39 -31.96 -9.13
N VAL B 45 -20.99 -30.98 -9.81
CA VAL B 45 -21.93 -31.21 -10.90
C VAL B 45 -21.17 -31.19 -12.23
N ILE B 46 -21.02 -32.37 -12.82
CA ILE B 46 -20.45 -32.56 -14.16
C ILE B 46 -21.58 -33.00 -15.09
N LEU B 47 -21.55 -32.49 -16.32
CA LEU B 47 -22.39 -33.00 -17.42
C LEU B 47 -21.51 -33.70 -18.47
N VAL B 48 -22.01 -34.82 -19.00
CA VAL B 48 -21.35 -35.58 -20.07
C VAL B 48 -22.36 -35.78 -21.20
N LEU B 49 -22.04 -35.27 -22.39
CA LEU B 49 -22.87 -35.39 -23.59
C LEU B 49 -22.21 -36.34 -24.58
N THR B 50 -22.60 -37.61 -24.53
CA THR B 50 -22.30 -38.58 -25.59
C THR B 50 -23.10 -38.22 -26.84
N THR B 51 -22.44 -38.28 -28.00
CA THR B 51 -23.05 -37.94 -29.30
C THR B 51 -22.52 -38.92 -30.36
N PHE B 52 -23.38 -39.79 -30.88
CA PHE B 52 -22.97 -40.73 -31.94
C PHE B 52 -23.72 -40.53 -33.24
N HIS B 53 -23.07 -41.01 -34.30
CA HIS B 53 -23.49 -40.90 -35.70
C HIS B 53 -23.19 -42.25 -36.37
N VAL B 54 -24.19 -42.81 -37.07
CA VAL B 54 -24.06 -44.11 -37.74
C VAL B 54 -24.38 -43.93 -39.23
N PRO B 55 -23.35 -43.75 -40.08
CA PRO B 55 -23.60 -43.74 -41.53
C PRO B 55 -23.78 -45.16 -42.08
N LEU B 56 -24.92 -45.42 -42.72
CA LEU B 56 -25.19 -46.68 -43.43
C LEU B 56 -25.29 -46.40 -44.93
N VAL B 57 -25.30 -47.47 -45.73
CA VAL B 57 -25.67 -47.40 -47.16
C VAL B 57 -27.11 -46.88 -47.33
N ILE B 58 -28.01 -47.38 -46.47
CA ILE B 58 -29.44 -47.07 -46.54
C ILE B 58 -29.80 -45.63 -46.12
N MET B 59 -29.48 -45.26 -44.89
CA MET B 59 -30.14 -44.14 -44.19
C MET B 59 -29.37 -43.81 -42.90
N THR B 60 -29.00 -42.55 -42.73
CA THR B 60 -28.17 -42.10 -41.59
C THR B 60 -28.98 -41.74 -40.34
N PHE B 61 -28.42 -42.09 -39.18
CA PHE B 61 -29.05 -41.85 -37.86
C PHE B 61 -28.03 -41.26 -36.88
N GLY B 62 -28.52 -40.37 -36.00
CA GLY B 62 -27.74 -39.80 -34.90
C GLY B 62 -28.50 -39.82 -33.58
N GLN B 63 -27.75 -39.87 -32.47
CA GLN B 63 -28.32 -39.95 -31.13
C GLN B 63 -27.40 -39.22 -30.15
N SER B 64 -28.00 -38.33 -29.35
CA SER B 64 -27.35 -37.66 -28.24
C SER B 64 -27.94 -38.21 -26.94
N LYS B 65 -27.07 -38.70 -26.05
CA LYS B 65 -27.43 -38.98 -24.66
C LYS B 65 -26.69 -38.03 -23.72
N LEU B 66 -27.37 -37.61 -22.64
CA LEU B 66 -26.85 -36.66 -21.66
C LEU B 66 -26.88 -37.30 -20.28
N TYR B 67 -25.71 -37.34 -19.63
CA TYR B 67 -25.55 -37.83 -18.25
C TYR B 67 -25.22 -36.65 -17.32
N ARG B 68 -25.47 -36.86 -16.02
CA ARG B 68 -25.26 -35.84 -14.98
C ARG B 68 -24.76 -36.50 -13.70
N SER B 69 -23.55 -36.14 -13.27
CA SER B 69 -23.05 -36.42 -11.92
C SER B 69 -23.35 -35.22 -11.01
N GLU B 70 -23.35 -35.48 -9.71
CA GLU B 70 -23.27 -34.44 -8.68
C GLU B 70 -22.38 -34.86 -7.49
N ASP B 71 -21.40 -35.74 -7.74
CA ASP B 71 -20.45 -36.21 -6.72
C ASP B 71 -19.04 -36.29 -7.32
N TYR B 72 -18.67 -35.22 -8.04
CA TYR B 72 -17.37 -35.05 -8.71
C TYR B 72 -17.00 -36.14 -9.77
N GLY B 73 -18.02 -36.74 -10.38
CA GLY B 73 -17.86 -37.77 -11.42
C GLY B 73 -17.68 -39.22 -10.98
N LYS B 74 -17.99 -39.52 -9.71
CA LYS B 74 -17.96 -40.90 -9.19
C LYS B 74 -19.12 -41.73 -9.74
N ASN B 75 -20.31 -41.12 -9.74
CA ASN B 75 -21.55 -41.74 -10.23
C ASN B 75 -22.29 -40.76 -11.15
N PHE B 76 -22.95 -41.32 -12.17
CA PHE B 76 -23.76 -40.55 -13.12
C PHE B 76 -25.16 -41.15 -13.21
N LYS B 77 -26.14 -40.28 -13.46
CA LYS B 77 -27.52 -40.63 -13.73
C LYS B 77 -27.81 -40.21 -15.18
N ASP B 78 -28.47 -41.09 -15.94
CA ASP B 78 -28.92 -40.76 -17.30
C ASP B 78 -30.07 -39.75 -17.20
N ILE B 79 -29.90 -38.60 -17.86
CA ILE B 79 -30.92 -37.53 -17.90
C ILE B 79 -31.30 -37.14 -19.34
N THR B 80 -31.21 -38.08 -20.27
CA THR B 80 -31.53 -37.82 -21.69
C THR B 80 -33.02 -37.56 -21.89
N ASP B 81 -33.86 -38.28 -21.14
CA ASP B 81 -35.31 -37.98 -20.98
C ASP B 81 -35.66 -36.50 -20.72
N LEU B 82 -34.85 -35.80 -19.91
CA LEU B 82 -35.06 -34.36 -19.61
C LEU B 82 -34.91 -33.40 -20.81
N ILE B 83 -34.25 -33.85 -21.89
CA ILE B 83 -34.23 -33.13 -23.20
C ILE B 83 -35.13 -33.79 -24.26
N ASN B 84 -36.15 -34.56 -23.83
CA ASN B 84 -37.07 -35.30 -24.73
C ASN B 84 -36.44 -36.20 -25.85
N ASN B 85 -35.22 -36.70 -25.62
CA ASN B 85 -34.43 -37.46 -26.60
C ASN B 85 -34.28 -36.74 -27.94
N THR B 86 -33.87 -35.49 -27.83
CA THR B 86 -33.54 -34.62 -28.98
C THR B 86 -32.05 -34.73 -29.28
N PHE B 87 -31.69 -34.49 -30.55
CA PHE B 87 -30.32 -34.50 -31.01
C PHE B 87 -29.67 -33.14 -30.81
N ILE B 88 -28.53 -33.11 -30.14
CA ILE B 88 -27.81 -31.90 -29.73
C ILE B 88 -26.62 -31.71 -30.68
N ARG B 89 -26.49 -30.49 -31.20
CA ARG B 89 -25.38 -30.11 -32.11
C ARG B 89 -24.14 -29.80 -31.26
N THR B 90 -23.09 -30.62 -31.43
CA THR B 90 -21.88 -30.56 -30.60
C THR B 90 -21.07 -29.27 -30.78
N GLU B 91 -20.97 -28.80 -32.02
CA GLU B 91 -20.31 -27.52 -32.39
C GLU B 91 -20.59 -26.31 -31.49
N PHE B 92 -21.84 -26.19 -31.01
CA PHE B 92 -22.26 -25.14 -30.06
C PHE B 92 -21.87 -25.48 -28.63
N GLY B 93 -21.92 -26.76 -28.27
CA GLY B 93 -21.43 -27.24 -26.98
C GLY B 93 -22.40 -26.92 -25.84
N MET B 94 -21.92 -27.15 -24.61
CA MET B 94 -22.69 -26.86 -23.40
C MET B 94 -22.32 -25.47 -22.91
N ALA B 95 -23.17 -24.49 -23.24
CA ALA B 95 -22.98 -23.11 -22.79
C ALA B 95 -23.33 -22.99 -21.30
N ILE B 96 -22.29 -23.04 -20.46
CA ILE B 96 -22.43 -22.94 -19.00
C ILE B 96 -22.31 -21.48 -18.60
N GLY B 97 -23.18 -21.06 -17.67
CA GLY B 97 -23.19 -19.69 -17.16
C GLY B 97 -22.12 -19.48 -16.10
N PRO B 98 -21.79 -18.21 -15.80
CA PRO B 98 -20.70 -17.91 -14.88
C PRO B 98 -21.09 -18.09 -13.42
N GLU B 99 -20.08 -18.06 -12.54
CA GLU B 99 -20.25 -18.11 -11.07
C GLU B 99 -20.87 -19.46 -10.65
N ASN B 100 -21.70 -19.49 -9.60
CA ASN B 100 -22.67 -20.56 -9.37
C ASN B 100 -24.09 -20.10 -9.74
N SER B 101 -24.24 -19.60 -10.98
CA SER B 101 -25.57 -19.33 -11.56
C SER B 101 -26.33 -20.62 -11.88
N GLY B 102 -25.60 -21.70 -12.17
CA GLY B 102 -26.19 -23.02 -12.48
C GLY B 102 -26.89 -23.09 -13.82
N LYS B 103 -26.51 -22.21 -14.76
CA LYS B 103 -27.23 -22.00 -16.00
C LYS B 103 -26.55 -22.74 -17.16
N VAL B 104 -27.12 -23.90 -17.54
CA VAL B 104 -26.69 -24.69 -18.69
C VAL B 104 -27.63 -24.38 -19.85
N VAL B 105 -27.08 -24.31 -21.07
CA VAL B 105 -27.88 -24.17 -22.31
C VAL B 105 -27.30 -25.05 -23.43
N LEU B 106 -28.10 -26.02 -23.89
CA LEU B 106 -27.78 -26.85 -25.06
C LEU B 106 -28.51 -26.33 -26.29
N THR B 107 -27.98 -26.67 -27.48
CA THR B 107 -28.52 -26.26 -28.78
C THR B 107 -28.88 -27.49 -29.60
N ALA B 108 -30.18 -27.66 -29.87
CA ALA B 108 -30.71 -28.84 -30.56
C ALA B 108 -30.73 -28.66 -32.07
N GLU B 109 -30.58 -29.77 -32.79
CA GLU B 109 -30.82 -29.82 -34.24
C GLU B 109 -32.33 -29.78 -34.48
N VAL B 110 -32.72 -29.13 -35.58
CA VAL B 110 -34.13 -28.99 -35.99
C VAL B 110 -34.34 -29.48 -37.42
N SER B 111 -35.59 -29.74 -37.78
CA SER B 111 -35.95 -30.22 -39.12
C SER B 111 -35.81 -29.14 -40.20
N GLY B 112 -35.80 -29.60 -41.46
CA GLY B 112 -35.41 -28.80 -42.63
C GLY B 112 -35.98 -27.41 -42.87
N GLY B 113 -37.31 -27.33 -43.03
CA GLY B 113 -37.99 -26.05 -43.27
C GLY B 113 -38.34 -25.18 -42.08
N SER B 114 -37.79 -25.48 -40.89
CA SER B 114 -38.06 -24.71 -39.66
C SER B 114 -37.47 -23.30 -39.77
N ARG B 115 -38.25 -22.31 -39.34
CA ARG B 115 -37.87 -20.90 -39.46
C ARG B 115 -36.73 -20.50 -38.52
N GLY B 116 -36.73 -21.05 -37.30
CA GLY B 116 -35.63 -20.89 -36.34
C GLY B 116 -35.35 -22.17 -35.54
N GLY B 117 -34.17 -22.22 -34.94
CA GLY B 117 -33.71 -23.37 -34.16
C GLY B 117 -34.35 -23.51 -32.80
N ARG B 118 -33.82 -24.46 -32.03
CA ARG B 118 -34.36 -24.85 -30.72
C ARG B 118 -33.22 -25.01 -29.70
N ILE B 119 -33.51 -24.67 -28.44
CA ILE B 119 -32.55 -24.81 -27.32
C ILE B 119 -33.21 -25.40 -26.08
N PHE B 120 -32.41 -26.11 -25.29
CA PHE B 120 -32.83 -26.69 -24.01
C PHE B 120 -31.96 -26.04 -22.94
N ARG B 121 -32.62 -25.47 -21.93
CA ARG B 121 -31.98 -24.58 -20.96
C ARG B 121 -32.43 -24.86 -19.53
N SER B 122 -31.47 -25.16 -18.65
CA SER B 122 -31.67 -25.26 -17.20
C SER B 122 -31.05 -24.06 -16.52
N SER B 123 -31.57 -23.72 -15.33
CA SER B 123 -30.97 -22.74 -14.43
C SER B 123 -30.99 -23.21 -12.96
N ASP B 124 -30.89 -24.53 -12.77
CA ASP B 124 -30.83 -25.15 -11.43
C ASP B 124 -29.86 -26.34 -11.45
N PHE B 125 -28.69 -26.12 -12.06
CA PHE B 125 -27.60 -27.09 -12.18
C PHE B 125 -28.04 -28.40 -12.86
N ALA B 126 -28.75 -28.23 -13.99
CA ALA B 126 -29.25 -29.33 -14.83
C ALA B 126 -30.23 -30.34 -14.16
N LYS B 127 -30.94 -29.89 -13.12
CA LYS B 127 -32.00 -30.70 -12.49
C LYS B 127 -33.28 -30.67 -13.35
N ASN B 128 -33.60 -29.50 -13.91
CA ASN B 128 -34.77 -29.29 -14.78
C ASN B 128 -34.41 -28.41 -15.97
N PHE B 129 -34.62 -28.93 -17.18
CA PHE B 129 -34.54 -28.15 -18.43
C PHE B 129 -35.94 -27.75 -18.91
N VAL B 130 -35.98 -26.81 -19.85
CA VAL B 130 -37.22 -26.38 -20.52
C VAL B 130 -36.93 -26.04 -21.99
N GLN B 131 -37.84 -26.48 -22.87
CA GLN B 131 -37.69 -26.30 -24.32
C GLN B 131 -38.08 -24.88 -24.72
N THR B 132 -37.35 -24.31 -25.68
CA THR B 132 -37.61 -22.94 -26.19
C THR B 132 -37.24 -22.84 -27.68
N ASP B 133 -38.26 -22.67 -28.53
CA ASP B 133 -38.06 -22.42 -29.96
C ASP B 133 -37.58 -20.99 -30.15
N LEU B 134 -36.53 -20.81 -30.96
CA LEU B 134 -35.93 -19.50 -31.22
C LEU B 134 -36.54 -18.87 -32.48
N PRO B 135 -36.57 -17.51 -32.56
CA PRO B 135 -36.90 -16.83 -33.83
C PRO B 135 -35.80 -16.79 -34.92
N PHE B 136 -34.61 -17.33 -34.63
CA PHE B 136 -33.49 -17.40 -35.58
C PHE B 136 -32.77 -18.75 -35.47
N HIS B 137 -31.97 -19.07 -36.48
CA HIS B 137 -31.02 -20.19 -36.45
C HIS B 137 -29.68 -19.64 -35.97
N PRO B 138 -29.15 -20.11 -34.81
CA PRO B 138 -27.88 -19.56 -34.32
C PRO B 138 -26.68 -20.06 -35.13
N LEU B 139 -25.67 -19.20 -35.27
CA LEU B 139 -24.40 -19.50 -35.94
C LEU B 139 -23.33 -19.86 -34.91
N THR B 140 -23.13 -18.96 -33.94
CA THR B 140 -22.19 -19.15 -32.83
C THR B 140 -22.87 -19.68 -31.57
N GLN B 141 -22.04 -20.10 -30.62
CA GLN B 141 -22.46 -20.35 -29.23
C GLN B 141 -22.96 -19.05 -28.60
N MET B 142 -23.89 -19.19 -27.66
CA MET B 142 -24.55 -18.05 -27.01
C MET B 142 -23.70 -17.54 -25.84
N MET B 143 -23.13 -16.35 -26.00
CA MET B 143 -22.27 -15.72 -24.98
C MET B 143 -23.12 -15.12 -23.86
N TYR B 144 -22.84 -15.51 -22.62
CA TYR B 144 -23.43 -14.89 -21.41
C TYR B 144 -22.77 -13.53 -21.16
N SER B 145 -23.51 -12.59 -20.58
CA SER B 145 -22.92 -11.37 -20.01
C SER B 145 -22.28 -11.72 -18.66
N PRO B 146 -21.04 -11.23 -18.40
CA PRO B 146 -20.39 -11.53 -17.10
C PRO B 146 -21.08 -10.87 -15.89
N GLN B 147 -21.61 -9.65 -16.07
CA GLN B 147 -22.32 -8.93 -15.00
C GLN B 147 -23.67 -9.55 -14.60
N ASN B 148 -24.39 -10.14 -15.57
CA ASN B 148 -25.71 -10.77 -15.33
C ASN B 148 -25.86 -12.09 -16.11
N SER B 149 -25.96 -13.21 -15.39
CA SER B 149 -26.14 -14.54 -15.99
C SER B 149 -27.49 -14.77 -16.73
N ASP B 150 -28.50 -13.93 -16.47
CA ASP B 150 -29.75 -13.90 -17.28
C ASP B 150 -29.62 -13.22 -18.66
N TYR B 151 -28.55 -12.45 -18.90
CA TYR B 151 -28.36 -11.69 -20.16
C TYR B 151 -27.46 -12.46 -21.15
N LEU B 152 -28.03 -12.82 -22.30
CA LEU B 152 -27.29 -13.65 -23.28
C LEU B 152 -27.29 -12.99 -24.66
N LEU B 153 -26.21 -13.16 -25.43
CA LEU B 153 -26.18 -12.63 -26.82
C LEU B 153 -26.00 -13.83 -27.75
N ALA B 154 -26.39 -13.69 -29.00
CA ALA B 154 -26.19 -14.78 -29.97
C ALA B 154 -26.20 -14.22 -31.39
N LEU B 155 -25.39 -14.81 -32.26
CA LEU B 155 -25.30 -14.41 -33.68
C LEU B 155 -26.08 -15.45 -34.50
N SER B 156 -26.86 -14.98 -35.48
CA SER B 156 -27.68 -15.85 -36.36
C SER B 156 -26.94 -16.29 -37.62
N THR B 157 -27.51 -17.28 -38.32
CA THR B 157 -27.00 -17.71 -39.63
C THR B 157 -27.15 -16.66 -40.76
N GLU B 158 -28.08 -15.70 -40.58
CA GLU B 158 -28.17 -14.49 -41.43
C GLU B 158 -27.35 -13.29 -40.87
N ASN B 159 -26.34 -13.54 -40.02
CA ASN B 159 -25.45 -12.53 -39.44
C ASN B 159 -26.11 -11.44 -38.55
N GLY B 160 -27.31 -11.72 -38.01
CA GLY B 160 -28.04 -10.79 -37.14
C GLY B 160 -27.70 -11.03 -35.68
N LEU B 161 -27.54 -9.94 -34.92
CA LEU B 161 -27.21 -10.00 -33.48
C LEU B 161 -28.50 -9.94 -32.67
N TRP B 162 -28.83 -11.04 -31.99
CA TRP B 162 -30.01 -11.15 -31.12
C TRP B 162 -29.58 -11.11 -29.65
N VAL B 163 -30.46 -10.58 -28.79
CA VAL B 163 -30.22 -10.44 -27.33
C VAL B 163 -31.45 -10.90 -26.55
N SER B 164 -31.22 -11.52 -25.39
CA SER B 164 -32.28 -11.94 -24.45
C SER B 164 -32.00 -11.37 -23.05
N LYS B 165 -33.07 -10.92 -22.38
CA LYS B 165 -33.04 -10.46 -20.99
C LYS B 165 -33.44 -11.54 -19.97
N ASN B 166 -34.28 -12.50 -20.37
CA ASN B 166 -34.91 -13.49 -19.47
C ASN B 166 -34.34 -14.92 -19.59
N PHE B 167 -33.00 -15.00 -19.76
CA PHE B 167 -32.26 -16.27 -19.93
C PHE B 167 -32.78 -17.08 -21.14
N GLY B 168 -32.60 -16.48 -22.32
CA GLY B 168 -32.98 -17.10 -23.60
C GLY B 168 -34.44 -17.45 -23.84
N GLY B 169 -35.36 -16.83 -23.09
CA GLY B 169 -36.79 -17.08 -23.22
C GLY B 169 -37.37 -16.35 -24.43
N LYS B 170 -37.10 -15.04 -24.50
CA LYS B 170 -37.50 -14.18 -25.61
C LYS B 170 -36.25 -13.48 -26.17
N TRP B 171 -36.16 -13.43 -27.50
CA TRP B 171 -35.02 -12.84 -28.23
C TRP B 171 -35.53 -11.73 -29.15
N GLU B 172 -34.71 -10.68 -29.31
CA GLU B 172 -35.02 -9.54 -30.20
C GLU B 172 -33.78 -9.12 -30.99
N GLU B 173 -33.93 -8.93 -32.30
CA GLU B 173 -32.82 -8.58 -33.21
C GLU B 173 -32.44 -7.11 -33.06
N ILE B 174 -31.35 -6.85 -32.32
CA ILE B 174 -30.87 -5.48 -32.09
C ILE B 174 -30.19 -4.82 -33.31
N HIS B 175 -29.49 -5.61 -34.13
CA HIS B 175 -28.87 -5.11 -35.36
C HIS B 175 -28.64 -6.23 -36.38
N LYS B 176 -28.71 -5.86 -37.66
CA LYS B 176 -28.46 -6.78 -38.80
C LYS B 176 -27.04 -6.52 -39.30
N ALA B 177 -26.50 -7.48 -40.05
CA ALA B 177 -25.17 -7.39 -40.71
C ALA B 177 -23.96 -7.37 -39.77
N VAL B 178 -24.04 -8.13 -38.66
CA VAL B 178 -23.03 -8.14 -37.59
C VAL B 178 -22.01 -9.26 -37.84
N CYS B 179 -20.72 -8.94 -37.74
CA CYS B 179 -19.62 -9.89 -37.96
C CYS B 179 -19.13 -10.51 -36.65
N LEU B 180 -18.63 -9.63 -35.77
CA LEU B 180 -18.07 -10.01 -34.47
C LEU B 180 -18.76 -9.17 -33.40
N ALA B 181 -19.02 -9.78 -32.24
CA ALA B 181 -19.69 -9.12 -31.13
C ALA B 181 -19.31 -9.76 -29.80
N LYS B 182 -19.18 -8.93 -28.76
CA LYS B 182 -18.80 -9.42 -27.43
C LYS B 182 -19.14 -8.43 -26.31
N TRP B 183 -19.33 -8.98 -25.11
CA TRP B 183 -19.69 -8.20 -23.92
C TRP B 183 -18.50 -7.44 -23.36
N GLY B 184 -18.77 -6.25 -22.82
CA GLY B 184 -17.83 -5.49 -22.00
C GLY B 184 -18.30 -5.46 -20.55
N SER B 185 -17.82 -4.45 -19.82
CA SER B 185 -18.25 -4.20 -18.45
C SER B 185 -19.64 -3.55 -18.40
N ASP B 186 -20.34 -3.75 -17.29
CA ASP B 186 -21.68 -3.17 -17.04
C ASP B 186 -22.72 -3.42 -18.16
N ASN B 187 -22.72 -4.65 -18.68
CA ASN B 187 -23.68 -5.11 -19.71
C ASN B 187 -23.64 -4.33 -21.06
N THR B 188 -22.46 -3.80 -21.40
CA THR B 188 -22.23 -3.12 -22.68
C THR B 188 -21.94 -4.17 -23.76
N ILE B 189 -22.37 -3.89 -24.99
CA ILE B 189 -22.21 -4.79 -26.14
C ILE B 189 -21.47 -4.01 -27.23
N PHE B 190 -20.19 -4.34 -27.43
CA PHE B 190 -19.39 -3.86 -28.56
C PHE B 190 -19.53 -4.85 -29.72
N PHE B 191 -19.61 -4.33 -30.95
CA PHE B 191 -19.71 -5.18 -32.16
C PHE B 191 -19.41 -4.44 -33.47
N THR B 192 -18.80 -5.14 -34.43
CA THR B 192 -18.59 -4.64 -35.80
C THR B 192 -19.74 -5.06 -36.71
N THR B 193 -20.04 -4.24 -37.73
CA THR B 193 -21.07 -4.54 -38.75
C THR B 193 -20.65 -4.10 -40.16
N TYR B 194 -21.10 -4.85 -41.17
CA TYR B 194 -20.83 -4.55 -42.60
C TYR B 194 -21.95 -3.74 -43.25
N ALA B 195 -21.62 -3.13 -44.40
CA ALA B 195 -22.54 -2.27 -45.16
C ALA B 195 -23.13 -2.99 -46.38
N ASN B 196 -22.33 -3.17 -47.44
CA ASN B 196 -22.82 -3.63 -48.75
C ASN B 196 -22.62 -5.13 -48.93
N GLY B 197 -21.35 -5.56 -48.85
CA GLY B 197 -20.95 -6.97 -49.00
C GLY B 197 -20.61 -7.63 -47.67
N SER B 198 -20.35 -8.94 -47.72
CA SER B 198 -20.12 -9.77 -46.51
C SER B 198 -18.87 -9.39 -45.69
N CYS B 199 -18.77 -9.98 -44.50
CA CYS B 199 -17.65 -9.77 -43.55
C CYS B 199 -16.26 -9.94 -44.15
N LYS B 200 -16.06 -10.99 -44.95
CA LYS B 200 -14.80 -11.23 -45.66
C LYS B 200 -14.48 -10.18 -46.73
N ALA B 201 -15.50 -9.76 -47.47
CA ALA B 201 -15.37 -8.71 -48.50
C ALA B 201 -15.16 -7.31 -47.91
N ASP B 202 -16.05 -6.92 -47.00
CA ASP B 202 -15.97 -5.63 -46.29
C ASP B 202 -14.89 -5.52 -45.19
N LEU B 203 -14.15 -6.61 -44.92
CA LEU B 203 -12.97 -6.60 -44.02
C LEU B 203 -12.03 -5.42 -44.34
N GLY B 204 -11.97 -4.46 -43.41
CA GLY B 204 -11.21 -3.23 -43.57
C GLY B 204 -12.05 -1.97 -43.68
N ALA B 205 -13.26 -2.10 -44.24
CA ALA B 205 -14.25 -1.01 -44.32
C ALA B 205 -15.50 -1.27 -43.43
N LEU B 206 -15.37 -2.06 -42.37
CA LEU B 206 -16.45 -2.24 -41.37
C LEU B 206 -16.55 -1.01 -40.48
N GLU B 207 -17.56 -0.98 -39.61
CA GLU B 207 -17.66 0.04 -38.55
C GLU B 207 -18.09 -0.56 -37.21
N LEU B 208 -17.44 -0.08 -36.14
CA LEU B 208 -17.61 -0.57 -34.77
C LEU B 208 -18.73 0.22 -34.11
N TRP B 209 -19.68 -0.51 -33.51
CA TRP B 209 -20.84 0.03 -32.80
C TRP B 209 -20.79 -0.32 -31.32
N ARG B 210 -21.49 0.47 -30.50
CA ARG B 210 -21.66 0.24 -29.06
C ARG B 210 -23.12 0.46 -28.65
N THR B 211 -23.58 -0.30 -27.66
CA THR B 211 -24.88 -0.08 -27.01
C THR B 211 -24.77 -0.34 -25.49
N SER B 212 -25.00 0.70 -24.70
CA SER B 212 -24.97 0.63 -23.24
C SER B 212 -26.24 0.06 -22.59
N ASP B 213 -27.33 -0.09 -23.35
CA ASP B 213 -28.67 -0.41 -22.82
C ASP B 213 -29.39 -1.52 -23.63
N LEU B 214 -28.63 -2.55 -24.00
CA LEU B 214 -29.15 -3.76 -24.67
C LEU B 214 -29.85 -3.50 -26.03
N GLY B 215 -29.26 -2.61 -26.82
CA GLY B 215 -29.74 -2.30 -28.18
C GLY B 215 -30.87 -1.28 -28.31
N LYS B 216 -31.32 -0.67 -27.21
CA LYS B 216 -32.26 0.48 -27.26
C LYS B 216 -31.62 1.72 -27.89
N SER B 217 -30.38 2.00 -27.51
CA SER B 217 -29.59 3.15 -27.97
C SER B 217 -28.31 2.65 -28.62
N PHE B 218 -27.77 3.43 -29.56
CA PHE B 218 -26.53 3.09 -30.29
C PHE B 218 -25.56 4.26 -30.42
N LYS B 219 -24.30 3.93 -30.71
CA LYS B 219 -23.25 4.91 -30.99
C LYS B 219 -22.19 4.28 -31.90
N THR B 220 -21.93 4.91 -33.06
CA THR B 220 -20.86 4.48 -33.97
C THR B 220 -19.49 4.94 -33.41
N ILE B 221 -18.89 4.10 -32.57
CA ILE B 221 -17.59 4.39 -31.93
C ILE B 221 -16.34 4.25 -32.81
N GLY B 222 -16.47 3.71 -34.02
CA GLY B 222 -15.36 3.67 -34.99
C GLY B 222 -15.78 3.35 -36.41
N VAL B 223 -14.90 3.69 -37.36
CA VAL B 223 -15.09 3.45 -38.80
C VAL B 223 -13.77 3.04 -39.48
N LYS B 224 -13.90 2.45 -40.68
CA LYS B 224 -12.79 1.86 -41.44
C LYS B 224 -12.07 0.75 -40.64
N ILE B 225 -12.88 -0.12 -40.02
CA ILE B 225 -12.44 -1.13 -39.06
C ILE B 225 -12.08 -2.43 -39.79
N TYR B 226 -10.95 -3.01 -39.40
CA TYR B 226 -10.58 -4.39 -39.75
C TYR B 226 -11.22 -5.32 -38.71
N SER B 227 -10.89 -5.08 -37.45
CA SER B 227 -11.46 -5.82 -36.31
C SER B 227 -11.25 -5.07 -34.99
N PHE B 228 -11.76 -5.64 -33.90
CA PHE B 228 -11.60 -5.08 -32.53
C PHE B 228 -11.35 -6.15 -31.48
N GLY B 229 -10.94 -5.70 -30.30
CA GLY B 229 -10.65 -6.57 -29.14
C GLY B 229 -10.70 -5.84 -27.82
N LEU B 230 -11.06 -6.58 -26.76
CA LEU B 230 -11.12 -6.08 -25.38
C LEU B 230 -10.01 -6.73 -24.58
N GLY B 231 -9.18 -5.91 -23.93
CA GLY B 231 -8.02 -6.36 -23.15
C GLY B 231 -7.96 -5.62 -21.84
N GLY B 232 -8.50 -6.26 -20.78
CA GLY B 232 -8.53 -5.69 -19.44
C GLY B 232 -9.30 -4.39 -19.39
N ARG B 233 -8.58 -3.30 -19.12
CA ARG B 233 -9.14 -1.94 -19.08
C ARG B 233 -9.27 -1.25 -20.46
N PHE B 234 -8.61 -1.80 -21.49
CA PHE B 234 -8.47 -1.15 -22.81
C PHE B 234 -9.43 -1.75 -23.85
N LEU B 235 -9.82 -0.92 -24.82
CA LEU B 235 -10.58 -1.33 -26.00
C LEU B 235 -9.69 -1.06 -27.22
N PHE B 236 -9.33 -2.13 -27.94
CA PHE B 236 -8.47 -2.06 -29.13
C PHE B 236 -9.28 -2.16 -30.40
N ALA B 237 -8.82 -1.47 -31.45
CA ALA B 237 -9.42 -1.53 -32.78
C ALA B 237 -8.34 -1.37 -33.85
N SER B 238 -8.22 -2.36 -34.73
CA SER B 238 -7.39 -2.25 -35.93
C SER B 238 -8.18 -1.42 -36.96
N VAL B 239 -7.55 -0.36 -37.47
CA VAL B 239 -8.19 0.62 -38.38
C VAL B 239 -7.34 0.74 -39.64
N MET B 240 -7.98 0.59 -40.81
CA MET B 240 -7.29 0.69 -42.11
C MET B 240 -6.92 2.14 -42.42
N ALA B 241 -5.71 2.33 -42.97
CA ALA B 241 -5.29 3.62 -43.50
C ALA B 241 -6.02 3.85 -44.82
N ASP B 242 -6.67 5.02 -44.95
CA ASP B 242 -7.40 5.38 -46.17
C ASP B 242 -6.45 5.60 -47.35
N LYS B 243 -6.89 5.20 -48.55
CA LYS B 243 -6.06 5.07 -49.75
C LYS B 243 -4.88 4.09 -49.56
N ASP B 244 -5.16 2.96 -48.89
CA ASP B 244 -4.13 1.97 -48.52
C ASP B 244 -4.75 0.64 -48.03
N THR B 245 -3.97 -0.44 -48.12
CA THR B 245 -4.32 -1.76 -47.54
C THR B 245 -3.70 -2.05 -46.15
N THR B 246 -2.84 -1.14 -45.65
CA THR B 246 -2.25 -1.25 -44.30
C THR B 246 -3.26 -0.87 -43.21
N ARG B 247 -2.93 -1.22 -41.97
CA ARG B 247 -3.75 -0.87 -40.79
C ARG B 247 -2.93 -0.63 -39.52
N ARG B 248 -3.53 0.12 -38.59
CA ARG B 248 -2.93 0.52 -37.31
C ARG B 248 -3.87 0.21 -36.14
N ILE B 249 -3.27 -0.04 -34.97
CA ILE B 249 -3.99 -0.29 -33.72
C ILE B 249 -4.29 1.06 -33.06
N HIS B 250 -5.56 1.27 -32.73
CA HIS B 250 -6.05 2.42 -31.96
C HIS B 250 -6.68 1.93 -30.67
N VAL B 251 -6.56 2.74 -29.62
CA VAL B 251 -6.85 2.35 -28.23
C VAL B 251 -7.77 3.39 -27.58
N SER B 252 -8.71 2.90 -26.75
CA SER B 252 -9.63 3.74 -25.98
C SER B 252 -9.85 3.16 -24.58
N THR B 253 -9.60 4.00 -23.56
CA THR B 253 -9.84 3.65 -22.15
C THR B 253 -11.26 3.96 -21.65
N ASP B 254 -12.08 4.64 -22.45
CA ASP B 254 -13.42 5.11 -22.06
C ASP B 254 -14.52 4.57 -23.00
N GLN B 255 -14.45 3.27 -23.27
CA GLN B 255 -15.43 2.53 -24.08
C GLN B 255 -15.66 3.12 -25.51
N GLY B 256 -14.59 3.63 -26.12
CA GLY B 256 -14.64 4.16 -27.48
C GLY B 256 -15.20 5.56 -27.69
N ASP B 257 -15.38 6.34 -26.62
CA ASP B 257 -15.77 7.77 -26.73
C ASP B 257 -14.65 8.59 -27.36
N THR B 258 -13.43 8.40 -26.85
CA THR B 258 -12.22 9.06 -27.35
C THR B 258 -11.13 8.00 -27.62
N TRP B 259 -10.49 8.10 -28.77
CA TRP B 259 -9.43 7.18 -29.22
C TRP B 259 -8.06 7.86 -29.26
N SER B 260 -7.03 7.04 -29.29
CA SER B 260 -5.63 7.48 -29.47
C SER B 260 -4.88 6.39 -30.21
N MET B 261 -4.10 6.76 -31.23
CA MET B 261 -3.30 5.76 -31.97
C MET B 261 -2.16 5.26 -31.08
N ALA B 262 -1.94 3.94 -31.11
CA ALA B 262 -0.90 3.32 -30.30
C ALA B 262 0.46 3.56 -30.92
N GLN B 263 1.49 3.67 -30.07
CA GLN B 263 2.89 3.76 -30.52
C GLN B 263 3.35 2.35 -30.96
N LEU B 264 2.82 1.91 -32.09
CA LEU B 264 3.00 0.55 -32.62
C LEU B 264 2.99 0.60 -34.14
N PRO B 265 3.79 -0.26 -34.79
CA PRO B 265 3.89 -0.19 -36.25
C PRO B 265 2.61 -0.62 -36.97
N SER B 266 2.37 0.00 -38.12
CA SER B 266 1.31 -0.42 -39.02
C SER B 266 1.69 -1.73 -39.69
N VAL B 267 0.68 -2.49 -40.10
CA VAL B 267 0.87 -3.84 -40.66
C VAL B 267 0.06 -4.06 -41.94
N GLY B 268 0.61 -4.86 -42.86
CA GLY B 268 -0.10 -5.31 -44.06
C GLY B 268 -1.13 -6.39 -43.77
N GLN B 269 -1.78 -6.84 -44.84
CA GLN B 269 -2.86 -7.84 -44.75
C GLN B 269 -2.38 -9.26 -44.46
N GLU B 270 -1.17 -9.61 -44.91
CA GLU B 270 -0.50 -10.87 -44.51
C GLU B 270 -0.22 -10.99 -42.99
N GLN B 271 0.10 -9.86 -42.36
CA GLN B 271 0.39 -9.80 -40.92
C GLN B 271 -0.88 -9.70 -40.05
N PHE B 272 -0.68 -9.83 -38.73
CA PHE B 272 -1.74 -9.75 -37.71
C PHE B 272 -1.18 -9.26 -36.36
N TYR B 273 -2.03 -8.61 -35.58
CA TYR B 273 -1.76 -8.33 -34.15
C TYR B 273 -2.40 -9.42 -33.31
N SER B 274 -1.90 -9.61 -32.09
CA SER B 274 -2.47 -10.56 -31.11
C SER B 274 -2.39 -10.02 -29.68
N ILE B 275 -3.52 -10.06 -28.96
CA ILE B 275 -3.57 -9.75 -27.53
C ILE B 275 -3.09 -11.01 -26.80
N LEU B 276 -1.79 -11.07 -26.53
CA LEU B 276 -1.18 -12.21 -25.82
C LEU B 276 -1.73 -12.37 -24.41
N ALA B 277 -1.73 -11.25 -23.68
CA ALA B 277 -2.32 -11.18 -22.34
C ALA B 277 -2.64 -9.72 -22.00
N ALA B 278 -3.56 -9.54 -21.06
CA ALA B 278 -4.04 -8.21 -20.65
C ALA B 278 -4.65 -8.23 -19.25
N ASN B 279 -4.35 -7.20 -18.47
CA ASN B 279 -4.97 -6.98 -17.14
C ASN B 279 -5.30 -5.49 -16.93
N ASP B 280 -5.68 -5.10 -15.72
CA ASP B 280 -5.92 -3.68 -15.38
C ASP B 280 -4.69 -2.78 -15.55
N ASP B 281 -3.48 -3.34 -15.43
CA ASP B 281 -2.22 -2.58 -15.59
C ASP B 281 -1.77 -2.37 -17.04
N MET B 282 -1.66 -3.45 -17.81
CA MET B 282 -0.94 -3.42 -19.11
C MET B 282 -1.43 -4.48 -20.10
N VAL B 283 -0.84 -4.47 -21.30
CA VAL B 283 -1.04 -5.51 -22.34
C VAL B 283 0.27 -5.97 -22.96
N PHE B 284 0.37 -7.29 -23.22
CA PHE B 284 1.41 -7.86 -24.09
C PHE B 284 0.80 -7.94 -25.49
N MET B 285 1.43 -7.25 -26.45
CA MET B 285 0.96 -7.20 -27.85
C MET B 285 2.00 -7.85 -28.76
N HIS B 286 1.60 -8.92 -29.45
CA HIS B 286 2.38 -9.49 -30.55
C HIS B 286 2.11 -8.70 -31.83
N VAL B 287 3.15 -8.49 -32.63
CA VAL B 287 3.05 -7.92 -33.98
C VAL B 287 3.85 -8.84 -34.90
N ASP B 288 3.17 -9.43 -35.89
CA ASP B 288 3.80 -10.38 -36.82
C ASP B 288 4.74 -9.63 -37.76
N GLU B 289 5.95 -10.16 -37.93
CA GLU B 289 6.93 -9.59 -38.87
C GLU B 289 6.45 -9.88 -40.30
N PRO B 290 6.58 -8.89 -41.24
CA PRO B 290 6.05 -9.10 -42.60
C PRO B 290 6.73 -10.21 -43.42
N GLY B 291 5.98 -10.73 -44.40
CA GLY B 291 6.49 -11.74 -45.33
C GLY B 291 6.49 -13.17 -44.84
N ASP B 292 5.42 -13.54 -44.11
CA ASP B 292 5.18 -14.91 -43.56
C ASP B 292 6.43 -15.65 -43.03
N THR B 293 7.17 -14.95 -42.18
CA THR B 293 8.41 -15.46 -41.58
C THR B 293 8.22 -16.46 -40.43
N GLY B 294 7.00 -16.56 -39.88
CA GLY B 294 6.69 -17.46 -38.77
C GLY B 294 7.04 -16.96 -37.36
N PHE B 295 7.44 -15.68 -37.25
CA PHE B 295 7.71 -15.04 -35.95
C PHE B 295 7.23 -13.58 -35.94
N GLY B 296 7.38 -12.94 -34.79
CA GLY B 296 7.15 -11.50 -34.65
C GLY B 296 7.84 -10.89 -33.44
N THR B 297 7.21 -9.88 -32.86
CA THR B 297 7.80 -9.06 -31.79
C THR B 297 6.77 -8.79 -30.70
N ILE B 298 7.12 -9.11 -29.45
CA ILE B 298 6.29 -8.75 -28.29
C ILE B 298 6.60 -7.28 -27.92
N PHE B 299 5.51 -6.53 -27.71
CA PHE B 299 5.55 -5.17 -27.19
C PHE B 299 4.71 -5.11 -25.93
N THR B 300 5.30 -4.64 -24.83
CA THR B 300 4.58 -4.36 -23.59
C THR B 300 4.15 -2.91 -23.59
N SER B 301 2.90 -2.64 -23.20
CA SER B 301 2.37 -1.27 -23.10
C SER B 301 2.71 -0.60 -21.76
N ASP B 302 2.47 0.71 -21.73
CA ASP B 302 2.41 1.49 -20.49
C ASP B 302 1.00 1.36 -19.86
N ASP B 303 0.77 2.02 -18.73
CA ASP B 303 -0.56 1.98 -18.06
C ASP B 303 -1.73 2.58 -18.86
N ARG B 304 -1.44 3.51 -19.76
CA ARG B 304 -2.45 4.06 -20.70
C ARG B 304 -2.79 3.14 -21.89
N GLY B 305 -1.97 2.13 -22.15
CA GLY B 305 -2.11 1.26 -23.32
C GLY B 305 -1.74 1.88 -24.65
N ILE B 306 -0.87 2.90 -24.63
CA ILE B 306 -0.60 3.77 -25.80
C ILE B 306 0.88 3.74 -26.21
N VAL B 307 1.77 3.98 -25.25
CA VAL B 307 3.23 3.89 -25.44
C VAL B 307 3.64 2.44 -25.24
N TYR B 308 4.44 1.90 -26.19
CA TYR B 308 4.85 0.48 -26.20
C TYR B 308 6.35 0.29 -26.28
N SER B 309 6.92 -0.35 -25.27
CA SER B 309 8.32 -0.77 -25.24
C SER B 309 8.45 -2.11 -25.97
N LYS B 310 9.53 -2.27 -26.75
CA LYS B 310 9.86 -3.54 -27.41
C LYS B 310 10.40 -4.50 -26.34
N SER B 311 9.66 -5.58 -26.10
CA SER B 311 9.94 -6.50 -24.99
C SER B 311 10.81 -7.67 -25.42
N LEU B 312 10.41 -8.35 -26.50
CA LEU B 312 11.08 -9.56 -26.98
C LEU B 312 11.05 -9.67 -28.52
N ASP B 313 12.22 -9.93 -29.11
CA ASP B 313 12.39 -10.05 -30.56
C ASP B 313 12.36 -11.52 -30.97
N ARG B 314 11.94 -11.76 -32.21
CA ARG B 314 11.86 -13.10 -32.83
C ARG B 314 10.98 -14.08 -32.05
N HIS B 315 9.80 -13.60 -31.65
CA HIS B 315 8.83 -14.38 -30.88
C HIS B 315 8.10 -15.37 -31.77
N LEU B 316 8.16 -16.66 -31.43
CA LEU B 316 7.52 -17.72 -32.21
C LEU B 316 5.99 -17.61 -32.14
N TYR B 317 5.39 -17.38 -33.30
CA TYR B 317 3.94 -17.33 -33.48
C TYR B 317 3.64 -17.74 -34.92
N THR B 318 2.92 -18.84 -35.11
CA THR B 318 2.72 -19.43 -36.45
C THR B 318 1.84 -18.56 -37.35
N THR B 319 1.96 -18.82 -38.65
CA THR B 319 1.33 -17.98 -39.69
C THR B 319 -0.19 -18.07 -39.61
N THR B 320 -0.86 -16.98 -40.00
CA THR B 320 -2.33 -16.82 -39.96
C THR B 320 -2.91 -16.71 -38.54
N GLY B 321 -2.04 -16.54 -37.53
CA GLY B 321 -2.38 -16.55 -36.13
C GLY B 321 -3.03 -17.84 -35.68
N GLY B 322 -2.22 -18.84 -35.36
CA GLY B 322 -2.72 -20.12 -34.86
C GLY B 322 -2.19 -20.38 -33.48
N GLU B 323 -0.90 -20.71 -33.46
CA GLU B 323 -0.23 -21.30 -32.30
C GLU B 323 0.84 -20.37 -31.75
N THR B 324 0.98 -20.35 -30.43
CA THR B 324 2.08 -19.65 -29.75
C THR B 324 2.39 -20.29 -28.39
N ASP B 325 3.67 -20.28 -28.01
CA ASP B 325 4.12 -20.82 -26.72
C ASP B 325 4.06 -19.82 -25.56
N PHE B 326 3.52 -18.61 -25.77
CA PHE B 326 3.39 -17.59 -24.72
C PHE B 326 2.49 -18.11 -23.60
N THR B 327 3.06 -18.18 -22.40
CA THR B 327 2.45 -18.80 -21.22
C THR B 327 2.63 -17.88 -20.02
N ASN B 328 1.51 -17.41 -19.46
CA ASN B 328 1.50 -16.75 -18.15
C ASN B 328 1.68 -17.82 -17.09
N VAL B 329 2.82 -17.77 -16.39
CA VAL B 329 3.07 -18.62 -15.23
C VAL B 329 2.25 -18.04 -14.08
N THR B 330 1.05 -18.58 -13.90
CA THR B 330 0.08 -18.06 -12.93
C THR B 330 0.45 -18.32 -11.46
N SER B 331 1.33 -19.28 -11.19
CA SER B 331 1.78 -19.61 -9.83
C SER B 331 2.77 -18.60 -9.21
N LEU B 332 3.28 -17.63 -9.99
CA LEU B 332 4.09 -16.54 -9.44
C LEU B 332 3.91 -15.24 -10.23
N ARG B 333 3.88 -14.13 -9.50
CA ARG B 333 3.62 -12.80 -10.06
C ARG B 333 4.77 -12.34 -10.96
N GLY B 334 4.40 -11.75 -12.11
CA GLY B 334 5.36 -11.22 -13.07
C GLY B 334 6.08 -12.20 -13.98
N VAL B 335 5.81 -13.51 -13.84
CA VAL B 335 6.53 -14.57 -14.55
C VAL B 335 5.75 -14.96 -15.81
N TYR B 336 6.46 -14.99 -16.94
CA TYR B 336 5.91 -15.39 -18.24
C TYR B 336 6.99 -16.18 -19.02
N ILE B 337 6.62 -17.33 -19.57
CA ILE B 337 7.50 -18.18 -20.39
C ILE B 337 6.99 -18.15 -21.84
N THR B 338 7.93 -18.13 -22.79
CA THR B 338 7.61 -18.27 -24.21
C THR B 338 8.79 -18.77 -25.05
N SER B 339 8.51 -19.08 -26.32
CA SER B 339 9.51 -19.57 -27.29
C SER B 339 9.90 -18.49 -28.30
N VAL B 340 11.16 -18.54 -28.73
CA VAL B 340 11.74 -17.61 -29.73
C VAL B 340 12.56 -18.36 -30.79
N LEU B 341 12.54 -17.87 -32.03
CA LEU B 341 13.39 -18.39 -33.11
C LEU B 341 14.79 -17.76 -33.04
N SER B 342 15.82 -18.60 -33.18
CA SER B 342 17.20 -18.13 -33.33
C SER B 342 17.47 -17.63 -34.76
N GLU B 343 18.66 -17.07 -34.96
CA GLU B 343 19.18 -16.77 -36.31
C GLU B 343 19.37 -18.07 -37.11
N ASP B 344 19.96 -19.10 -36.46
CA ASP B 344 20.12 -20.43 -37.07
C ASP B 344 18.83 -21.30 -37.17
N ASN B 345 17.65 -20.73 -36.90
CA ASN B 345 16.34 -21.39 -37.07
C ASN B 345 16.01 -22.49 -36.02
N SER B 346 16.74 -22.51 -34.90
CA SER B 346 16.43 -23.38 -33.75
C SER B 346 15.57 -22.59 -32.77
N ILE B 347 14.59 -23.24 -32.15
CA ILE B 347 13.69 -22.57 -31.20
C ILE B 347 14.28 -22.72 -29.78
N GLN B 348 14.34 -21.59 -29.07
CA GLN B 348 14.72 -21.52 -27.65
C GLN B 348 13.58 -20.97 -26.81
N THR B 349 13.66 -21.21 -25.50
CA THR B 349 12.62 -20.86 -24.54
C THR B 349 13.20 -19.78 -23.63
N MET B 350 12.51 -18.64 -23.57
CA MET B 350 12.87 -17.51 -22.74
C MET B 350 11.88 -17.39 -21.58
N ILE B 351 12.39 -16.89 -20.44
CA ILE B 351 11.57 -16.57 -19.25
C ILE B 351 11.83 -15.11 -18.85
N THR B 352 10.76 -14.41 -18.49
CA THR B 352 10.83 -13.09 -17.86
C THR B 352 10.23 -13.23 -16.47
N PHE B 353 10.90 -12.64 -15.48
CA PHE B 353 10.42 -12.58 -14.09
C PHE B 353 9.79 -11.23 -13.70
N ASP B 354 10.01 -10.18 -14.51
CA ASP B 354 9.55 -8.80 -14.21
C ASP B 354 8.59 -8.25 -15.29
N GLN B 355 7.61 -9.08 -15.69
CA GLN B 355 6.56 -8.72 -16.65
C GLN B 355 7.10 -8.18 -18.00
N GLY B 356 8.09 -8.88 -18.52
CA GLY B 356 8.66 -8.59 -19.85
C GLY B 356 9.63 -7.41 -19.90
N GLY B 357 10.32 -7.14 -18.79
CA GLY B 357 11.36 -6.11 -18.74
C GLY B 357 12.64 -6.69 -19.32
N ARG B 358 13.12 -7.74 -18.66
CA ARG B 358 14.26 -8.54 -19.10
C ARG B 358 13.77 -9.97 -19.35
N TRP B 359 14.15 -10.54 -20.50
CA TRP B 359 14.01 -11.97 -20.80
C TRP B 359 15.37 -12.66 -20.74
N THR B 360 15.34 -13.96 -20.51
CA THR B 360 16.56 -14.76 -20.30
C THR B 360 16.28 -16.26 -20.44
N HIS B 361 17.33 -17.05 -20.69
CA HIS B 361 17.19 -18.52 -20.79
C HIS B 361 16.84 -19.12 -19.42
N LEU B 362 16.15 -20.26 -19.44
CA LEU B 362 15.80 -20.97 -18.21
C LEU B 362 17.01 -21.73 -17.68
N ARG B 363 17.12 -21.83 -16.36
CA ARG B 363 18.28 -22.47 -15.71
C ARG B 363 18.24 -23.97 -15.96
N LYS B 364 19.42 -24.56 -16.21
CA LYS B 364 19.58 -26.02 -16.33
C LYS B 364 19.16 -26.68 -14.99
N PRO B 365 18.35 -27.76 -15.02
CA PRO B 365 18.06 -28.49 -13.76
C PRO B 365 19.29 -29.20 -13.19
N GLU B 366 19.44 -29.22 -11.86
CA GLU B 366 20.74 -29.56 -11.21
C GLU B 366 21.29 -30.96 -11.52
N ASN B 367 20.40 -31.96 -11.52
CA ASN B 367 20.73 -33.36 -11.82
C ASN B 367 20.23 -33.70 -13.23
N SER B 368 20.85 -33.07 -14.22
CA SER B 368 20.57 -33.29 -15.66
C SER B 368 21.79 -33.06 -16.54
N GLU B 369 21.83 -33.79 -17.66
CA GLU B 369 22.89 -33.70 -18.67
C GLU B 369 22.35 -32.94 -19.89
N CYS B 370 23.26 -32.24 -20.57
CA CYS B 370 22.91 -31.50 -21.78
C CYS B 370 22.81 -32.45 -22.97
N ASP B 371 21.74 -32.34 -23.75
CA ASP B 371 21.45 -33.27 -24.87
C ASP B 371 22.26 -32.95 -26.14
N ALA B 372 22.04 -33.73 -27.20
CA ALA B 372 22.70 -33.58 -28.51
C ALA B 372 22.66 -32.19 -29.18
N THR B 373 21.64 -31.37 -28.87
CA THR B 373 21.57 -29.98 -29.37
C THR B 373 22.64 -29.04 -28.75
N ALA B 374 23.16 -29.39 -27.58
CA ALA B 374 24.12 -28.54 -26.86
C ALA B 374 25.55 -28.59 -27.41
N LYS B 375 26.15 -27.41 -27.58
CA LYS B 375 27.55 -27.25 -27.98
C LYS B 375 28.51 -27.67 -26.85
N ASN B 376 28.29 -27.13 -25.65
CA ASN B 376 29.02 -27.49 -24.43
C ASN B 376 28.24 -28.54 -23.64
N LYS B 377 28.93 -29.62 -23.23
CA LYS B 377 28.31 -30.74 -22.51
C LYS B 377 27.90 -30.42 -21.06
N ASN B 378 28.67 -29.56 -20.39
CA ASN B 378 28.41 -29.16 -18.99
C ASN B 378 27.48 -27.94 -18.84
N GLU B 379 27.58 -26.98 -19.77
CA GLU B 379 26.82 -25.71 -19.73
C GLU B 379 25.72 -25.65 -20.81
N CYS B 380 24.46 -25.59 -20.39
CA CYS B 380 23.31 -25.37 -21.30
C CYS B 380 22.08 -24.82 -20.52
N SER B 381 20.89 -24.83 -21.14
CA SER B 381 19.64 -24.31 -20.54
C SER B 381 18.46 -25.28 -20.67
N LEU B 382 17.38 -25.00 -19.93
CA LEU B 382 16.10 -25.71 -20.06
C LEU B 382 15.25 -25.08 -21.16
N HIS B 383 14.49 -25.94 -21.85
CA HIS B 383 13.59 -25.55 -22.95
C HIS B 383 12.28 -26.27 -22.79
N ILE B 384 11.16 -25.55 -22.97
CA ILE B 384 9.83 -26.00 -22.58
C ILE B 384 8.98 -26.29 -23.83
N HIS B 385 8.34 -27.46 -23.85
CA HIS B 385 7.34 -27.83 -24.87
C HIS B 385 5.97 -27.25 -24.51
N ALA B 386 5.34 -26.59 -25.49
CA ALA B 386 4.00 -26.00 -25.31
C ALA B 386 3.15 -26.15 -26.60
N SER B 387 2.35 -25.15 -26.99
CA SER B 387 1.39 -25.28 -28.11
C SER B 387 2.00 -25.57 -29.47
N TYR B 388 3.17 -25.00 -29.75
CA TYR B 388 3.88 -25.26 -31.02
C TYR B 388 4.36 -26.71 -31.09
N SER B 389 5.06 -27.17 -30.05
CA SER B 389 5.48 -28.58 -29.93
C SER B 389 4.33 -29.56 -30.17
N ILE B 390 3.18 -29.26 -29.57
CA ILE B 390 1.95 -30.06 -29.72
C ILE B 390 1.42 -30.01 -31.16
N SER B 391 1.46 -28.84 -31.79
CA SER B 391 1.06 -28.67 -33.20
C SER B 391 1.93 -29.44 -34.20
N GLN B 392 3.23 -29.54 -33.91
CA GLN B 392 4.17 -30.34 -34.71
C GLN B 392 4.14 -31.85 -34.42
N LYS B 393 3.21 -32.30 -33.56
CA LYS B 393 2.98 -33.72 -33.28
C LYS B 393 4.17 -34.42 -32.61
N LEU B 394 4.93 -33.65 -31.82
CA LEU B 394 5.92 -34.21 -30.89
C LEU B 394 5.19 -34.89 -29.73
N ASN B 395 5.90 -35.74 -29.03
CA ASN B 395 5.32 -36.59 -27.99
C ASN B 395 5.10 -35.78 -26.69
N VAL B 396 4.12 -34.86 -26.75
CA VAL B 396 3.86 -33.83 -25.74
C VAL B 396 2.36 -33.89 -25.39
N PRO B 397 1.99 -34.64 -24.34
CA PRO B 397 0.56 -34.73 -23.97
C PRO B 397 -0.07 -33.44 -23.40
N MET B 398 0.73 -32.57 -22.78
CA MET B 398 0.23 -31.35 -22.12
C MET B 398 1.21 -30.19 -22.24
N ALA B 399 0.63 -28.98 -22.33
CA ALA B 399 1.36 -27.72 -22.21
C ALA B 399 1.74 -27.51 -20.72
N PRO B 400 2.50 -26.43 -20.40
CA PRO B 400 2.80 -26.15 -18.99
C PRO B 400 1.58 -25.93 -18.11
N LEU B 401 1.64 -26.43 -16.86
CA LEU B 401 0.57 -26.29 -15.88
C LEU B 401 1.07 -25.47 -14.69
N SER B 402 0.27 -24.47 -14.31
CA SER B 402 0.44 -23.76 -13.05
C SER B 402 -0.93 -23.32 -12.52
N GLU B 403 -1.03 -23.24 -11.18
CA GLU B 403 -2.25 -22.78 -10.51
C GLU B 403 -1.85 -21.63 -9.57
N PRO B 404 -2.63 -20.52 -9.53
CA PRO B 404 -2.32 -19.42 -8.60
C PRO B 404 -2.30 -19.83 -7.12
N ASN B 405 -3.32 -20.57 -6.69
CA ASN B 405 -3.38 -21.14 -5.33
C ASN B 405 -2.28 -22.15 -4.97
N ALA B 406 -1.70 -22.83 -5.96
CA ALA B 406 -0.47 -23.63 -5.77
C ALA B 406 0.74 -22.77 -6.10
N VAL B 407 1.06 -21.88 -5.16
CA VAL B 407 2.13 -20.87 -5.32
C VAL B 407 3.51 -21.50 -5.57
N GLY B 408 4.20 -21.00 -6.58
CA GLY B 408 5.52 -21.48 -7.01
C GLY B 408 5.56 -22.63 -8.00
N ILE B 409 4.50 -23.43 -8.10
CA ILE B 409 4.54 -24.69 -8.85
C ILE B 409 4.34 -24.40 -10.33
N VAL B 410 5.34 -24.81 -11.13
CA VAL B 410 5.25 -24.84 -12.59
C VAL B 410 5.68 -26.24 -13.01
N ILE B 411 4.76 -27.00 -13.62
CA ILE B 411 5.05 -28.34 -14.18
C ILE B 411 4.99 -28.20 -15.70
N ALA B 412 5.95 -28.81 -16.39
CA ALA B 412 6.00 -28.77 -17.87
C ALA B 412 6.94 -29.81 -18.46
N HIS B 413 6.66 -30.22 -19.70
CA HIS B 413 7.57 -31.06 -20.48
C HIS B 413 8.68 -30.21 -21.05
N GLY B 414 9.84 -30.83 -21.30
CA GLY B 414 10.97 -30.14 -21.85
C GLY B 414 12.17 -30.95 -22.31
N SER B 415 13.17 -30.22 -22.78
CA SER B 415 14.50 -30.75 -23.14
C SER B 415 15.58 -29.82 -22.59
N VAL B 416 16.76 -30.39 -22.33
CA VAL B 416 17.88 -29.73 -21.67
C VAL B 416 19.03 -29.66 -22.68
N GLY B 417 19.29 -28.47 -23.20
CA GLY B 417 20.31 -28.26 -24.24
C GLY B 417 20.34 -26.81 -24.72
N ASP B 418 20.77 -26.61 -25.97
CA ASP B 418 20.75 -25.28 -26.62
C ASP B 418 19.44 -24.94 -27.35
N ALA B 419 18.53 -25.92 -27.51
CA ALA B 419 17.25 -25.71 -28.22
C ALA B 419 16.24 -26.78 -27.85
N ILE B 420 15.00 -26.60 -28.33
CA ILE B 420 13.95 -27.62 -28.17
C ILE B 420 14.30 -28.83 -29.04
N SER B 421 14.29 -30.00 -28.41
CA SER B 421 14.65 -31.26 -29.05
C SER B 421 13.38 -31.97 -29.51
N VAL B 422 13.42 -32.57 -30.71
CA VAL B 422 12.32 -33.42 -31.20
C VAL B 422 12.13 -34.74 -30.43
N MET B 423 13.16 -35.18 -29.69
CA MET B 423 13.10 -36.43 -28.92
C MET B 423 12.06 -36.43 -27.79
N VAL B 424 11.77 -37.63 -27.29
CA VAL B 424 10.66 -37.87 -26.34
C VAL B 424 11.01 -37.21 -24.99
N PRO B 425 10.23 -36.19 -24.55
CA PRO B 425 10.62 -35.39 -23.39
C PRO B 425 10.30 -36.04 -22.04
N ASP B 426 11.08 -35.66 -21.03
CA ASP B 426 10.76 -35.89 -19.63
C ASP B 426 9.93 -34.72 -19.11
N VAL B 427 9.36 -34.88 -17.92
CA VAL B 427 8.60 -33.82 -17.24
C VAL B 427 9.49 -33.15 -16.20
N TYR B 428 9.48 -31.81 -16.17
CA TYR B 428 10.25 -30.98 -15.23
C TYR B 428 9.32 -30.16 -14.34
N ILE B 429 9.79 -29.86 -13.13
CA ILE B 429 9.06 -29.06 -12.14
C ILE B 429 9.96 -27.97 -11.53
N SER B 430 9.40 -26.78 -11.40
CA SER B 430 9.93 -25.71 -10.55
C SER B 430 9.00 -25.53 -9.36
N ASP B 431 9.59 -25.38 -8.17
CA ASP B 431 8.83 -24.99 -6.96
C ASP B 431 8.91 -23.49 -6.62
N ASP B 432 9.59 -22.68 -7.44
CA ASP B 432 9.83 -21.26 -7.16
C ASP B 432 9.48 -20.32 -8.34
N GLY B 433 8.53 -20.74 -9.18
CA GLY B 433 8.12 -19.98 -10.35
C GLY B 433 9.14 -19.88 -11.48
N GLY B 434 10.00 -20.89 -11.63
CA GLY B 434 10.86 -21.05 -12.81
C GLY B 434 12.29 -20.53 -12.75
N TYR B 435 12.76 -20.17 -11.56
CA TYR B 435 14.19 -19.83 -11.36
C TYR B 435 15.02 -21.11 -11.42
N SER B 436 14.65 -22.06 -10.56
CA SER B 436 15.27 -23.38 -10.47
C SER B 436 14.31 -24.44 -10.99
N TRP B 437 14.88 -25.53 -11.52
CA TRP B 437 14.11 -26.67 -12.06
C TRP B 437 14.71 -28.01 -11.63
N THR B 438 13.89 -29.05 -11.76
CA THR B 438 14.24 -30.42 -11.39
C THR B 438 13.48 -31.38 -12.30
N LYS B 439 14.11 -32.50 -12.67
CA LYS B 439 13.41 -33.57 -13.39
C LYS B 439 12.42 -34.24 -12.42
N MET B 440 11.13 -34.13 -12.75
CA MET B 440 10.04 -34.62 -11.90
C MET B 440 9.77 -36.10 -12.18
N LEU B 441 9.50 -36.40 -13.44
CA LEU B 441 9.17 -37.76 -13.90
C LEU B 441 9.86 -38.07 -15.23
N GLU B 442 10.20 -39.34 -15.41
CA GLU B 442 10.96 -39.83 -16.55
C GLU B 442 9.95 -40.25 -17.62
N GLY B 443 10.04 -39.62 -18.79
CA GLY B 443 9.08 -39.81 -19.89
C GLY B 443 7.84 -38.92 -19.74
N PRO B 444 7.06 -38.74 -20.85
CA PRO B 444 5.92 -37.83 -20.85
C PRO B 444 4.72 -38.37 -20.06
N HIS B 445 4.14 -37.51 -19.24
CA HIS B 445 2.92 -37.75 -18.47
C HIS B 445 1.89 -36.63 -18.65
N TYR B 446 0.63 -36.97 -18.35
CA TYR B 446 -0.43 -35.98 -18.06
C TYR B 446 -0.35 -35.68 -16.57
N TYR B 447 -0.57 -34.42 -16.19
CA TYR B 447 -0.44 -33.98 -14.78
C TYR B 447 -1.58 -33.05 -14.34
N THR B 448 -1.85 -33.06 -13.03
CA THR B 448 -2.90 -32.22 -12.41
C THR B 448 -2.50 -31.89 -10.96
N ILE B 449 -2.79 -30.65 -10.55
CA ILE B 449 -2.56 -30.16 -9.19
C ILE B 449 -3.91 -30.18 -8.47
N LEU B 450 -3.96 -30.85 -7.32
CA LEU B 450 -5.14 -30.94 -6.46
C LEU B 450 -4.86 -30.29 -5.11
N ASP B 451 -5.90 -29.68 -4.53
CA ASP B 451 -5.85 -29.07 -3.19
C ASP B 451 -4.70 -28.03 -3.06
N SER B 452 -4.65 -27.12 -4.03
CA SER B 452 -3.72 -25.99 -3.99
C SER B 452 -2.24 -26.39 -3.80
N GLY B 453 -1.85 -27.51 -4.40
CA GLY B 453 -0.49 -28.09 -4.26
C GLY B 453 -0.33 -29.28 -3.33
N GLY B 454 -1.32 -29.52 -2.46
CA GLY B 454 -1.34 -30.64 -1.51
C GLY B 454 -1.09 -32.02 -2.10
N ILE B 455 -1.66 -32.26 -3.29
CA ILE B 455 -1.37 -33.45 -4.11
C ILE B 455 -1.15 -33.01 -5.55
N ILE B 456 -0.06 -33.49 -6.16
CA ILE B 456 0.14 -33.47 -7.61
C ILE B 456 -0.06 -34.93 -8.07
N VAL B 457 -0.82 -35.07 -9.16
CA VAL B 457 -1.22 -36.36 -9.74
C VAL B 457 -0.57 -36.45 -11.13
N ALA B 458 -0.21 -37.67 -11.54
CA ALA B 458 0.37 -37.93 -12.87
C ALA B 458 -0.02 -39.29 -13.45
N ILE B 459 -0.41 -39.30 -14.73
CA ILE B 459 -0.69 -40.51 -15.52
C ILE B 459 0.32 -40.56 -16.65
N GLU B 460 0.83 -41.75 -16.93
CA GLU B 460 1.80 -41.98 -18.02
C GLU B 460 1.11 -41.87 -19.39
N HIS B 461 1.76 -41.15 -20.31
CA HIS B 461 1.35 -41.09 -21.72
C HIS B 461 1.99 -42.30 -22.42
N SER B 462 1.17 -43.27 -22.82
CA SER B 462 1.63 -44.58 -23.30
C SER B 462 0.83 -45.04 -24.52
N SER B 463 1.50 -45.73 -25.44
CA SER B 463 0.80 -46.31 -26.60
C SER B 463 0.06 -47.55 -26.12
N ARG B 464 0.46 -48.05 -24.95
CA ARG B 464 -0.14 -49.29 -24.41
C ARG B 464 -1.19 -48.91 -23.37
N PRO B 465 -2.14 -49.81 -23.04
CA PRO B 465 -3.11 -49.51 -22.00
C PRO B 465 -2.43 -49.34 -20.63
N ILE B 466 -3.04 -48.53 -19.77
CA ILE B 466 -2.47 -48.25 -18.43
C ILE B 466 -3.50 -48.49 -17.33
N ASN B 467 -2.99 -48.78 -16.13
CA ASN B 467 -3.82 -48.98 -14.93
C ASN B 467 -3.23 -48.39 -13.63
N VAL B 468 -2.31 -47.42 -13.76
CA VAL B 468 -1.55 -46.87 -12.64
C VAL B 468 -1.64 -45.33 -12.67
N ILE B 469 -1.71 -44.77 -11.45
CA ILE B 469 -1.70 -43.31 -11.22
C ILE B 469 -0.58 -43.04 -10.21
N LYS B 470 0.29 -42.08 -10.54
CA LYS B 470 1.40 -41.67 -9.70
C LYS B 470 0.96 -40.40 -8.97
N PHE B 471 1.17 -40.34 -7.64
CA PHE B 471 0.83 -39.16 -6.82
C PHE B 471 1.97 -38.77 -5.88
N SER B 472 2.02 -37.48 -5.56
CA SER B 472 3.06 -36.89 -4.69
C SER B 472 2.44 -35.89 -3.73
N THR B 473 2.68 -36.09 -2.43
CA THR B 473 2.27 -35.18 -1.37
C THR B 473 3.31 -34.10 -1.02
N ASP B 474 4.53 -34.19 -1.59
CA ASP B 474 5.64 -33.26 -1.29
C ASP B 474 6.11 -32.47 -2.52
N GLU B 475 5.13 -31.95 -3.28
CA GLU B 475 5.36 -31.10 -4.47
C GLU B 475 6.31 -31.70 -5.53
N GLY B 476 6.16 -33.01 -5.78
CA GLY B 476 6.88 -33.70 -6.85
C GLY B 476 8.29 -34.20 -6.60
N GLN B 477 8.71 -34.28 -5.34
CA GLN B 477 10.04 -34.84 -4.97
C GLN B 477 10.02 -36.36 -4.85
N CYS B 478 8.98 -36.88 -4.20
CA CYS B 478 8.77 -38.33 -3.97
C CYS B 478 7.41 -38.74 -4.52
N TRP B 479 7.36 -39.93 -5.11
CA TRP B 479 6.20 -40.42 -5.86
C TRP B 479 5.74 -41.80 -5.38
N GLN B 480 4.50 -41.84 -4.88
CA GLN B 480 3.81 -43.09 -4.55
C GLN B 480 3.03 -43.52 -5.79
N THR B 481 3.08 -44.82 -6.09
CA THR B 481 2.47 -45.41 -7.30
C THR B 481 1.26 -46.24 -6.86
N TYR B 482 0.10 -46.03 -7.50
CA TYR B 482 -1.17 -46.69 -7.12
C TYR B 482 -1.87 -47.33 -8.32
N THR B 483 -2.03 -48.65 -8.28
CA THR B 483 -2.81 -49.38 -9.30
C THR B 483 -4.30 -49.16 -9.02
N PHE B 484 -4.99 -48.47 -9.94
CA PHE B 484 -6.41 -48.06 -9.77
C PHE B 484 -7.46 -48.94 -10.47
N THR B 485 -7.03 -49.98 -11.19
CA THR B 485 -7.93 -50.92 -11.86
C THR B 485 -7.23 -52.24 -12.22
N ARG B 486 -7.97 -53.34 -12.16
CA ARG B 486 -7.47 -54.65 -12.62
C ARG B 486 -7.55 -54.81 -14.14
N ASP B 487 -8.43 -54.05 -14.81
CA ASP B 487 -8.53 -54.00 -16.28
C ASP B 487 -7.98 -52.66 -16.82
N PRO B 488 -6.73 -52.64 -17.35
CA PRO B 488 -6.15 -51.46 -18.02
C PRO B 488 -6.98 -50.84 -19.14
N ILE B 489 -6.76 -49.54 -19.34
CA ILE B 489 -7.53 -48.71 -20.28
C ILE B 489 -6.60 -47.85 -21.14
N TYR B 490 -7.06 -47.53 -22.34
CA TYR B 490 -6.36 -46.57 -23.20
C TYR B 490 -6.77 -45.18 -22.72
N PHE B 491 -5.85 -44.48 -22.05
CA PHE B 491 -6.09 -43.17 -21.46
C PHE B 491 -6.33 -42.06 -22.49
N THR B 492 -7.37 -41.24 -22.28
CA THR B 492 -7.67 -40.04 -23.10
C THR B 492 -7.50 -38.69 -22.38
N GLY B 493 -7.87 -38.59 -21.11
CA GLY B 493 -7.74 -37.33 -20.38
C GLY B 493 -8.08 -37.33 -18.91
N LEU B 494 -7.72 -36.24 -18.23
CA LEU B 494 -8.03 -36.00 -16.81
C LEU B 494 -9.12 -34.93 -16.69
N ALA B 495 -9.86 -34.99 -15.59
CA ALA B 495 -10.83 -33.95 -15.23
C ALA B 495 -10.90 -33.85 -13.71
N SER B 496 -10.38 -32.74 -13.17
CA SER B 496 -10.63 -32.29 -11.80
C SER B 496 -11.51 -31.05 -11.85
N GLU B 497 -12.01 -30.64 -10.69
CA GLU B 497 -12.79 -29.39 -10.57
C GLU B 497 -11.88 -28.18 -10.83
N PRO B 498 -12.33 -27.21 -11.67
CA PRO B 498 -11.64 -25.93 -11.84
C PRO B 498 -11.35 -25.20 -10.52
N GLY B 499 -10.19 -24.54 -10.48
CA GLY B 499 -9.65 -23.89 -9.29
C GLY B 499 -8.57 -24.66 -8.53
N ALA B 500 -8.40 -25.96 -8.79
CA ALA B 500 -7.44 -26.85 -8.10
C ALA B 500 -7.61 -26.96 -6.57
N ARG B 501 -8.86 -26.79 -6.11
CA ARG B 501 -9.22 -26.88 -4.68
C ARG B 501 -9.78 -28.25 -4.26
N SER B 502 -10.29 -29.02 -5.23
CA SER B 502 -10.79 -30.38 -5.01
C SER B 502 -9.68 -31.39 -4.67
N MET B 503 -10.13 -32.55 -4.19
CA MET B 503 -9.30 -33.75 -3.96
C MET B 503 -9.80 -34.95 -4.77
N ASN B 504 -10.62 -34.67 -5.79
CA ASN B 504 -11.22 -35.67 -6.67
C ASN B 504 -10.59 -35.47 -8.05
N ILE B 505 -9.99 -36.55 -8.58
CA ILE B 505 -9.47 -36.60 -9.96
C ILE B 505 -10.25 -37.69 -10.70
N SER B 506 -10.65 -37.39 -11.94
CA SER B 506 -11.38 -38.33 -12.81
C SER B 506 -10.50 -38.76 -13.98
N ILE B 507 -10.11 -40.03 -13.98
CA ILE B 507 -9.22 -40.63 -15.00
C ILE B 507 -10.10 -41.18 -16.12
N TRP B 508 -10.16 -40.48 -17.26
CA TRP B 508 -10.95 -40.91 -18.42
C TRP B 508 -10.12 -41.70 -19.42
N GLY B 509 -10.80 -42.60 -20.12
CA GLY B 509 -10.21 -43.42 -21.17
C GLY B 509 -11.24 -44.31 -21.85
N PHE B 510 -10.75 -45.23 -22.68
CA PHE B 510 -11.59 -46.25 -23.31
C PHE B 510 -11.00 -47.65 -23.20
N THR B 511 -11.91 -48.63 -23.24
CA THR B 511 -11.59 -50.01 -22.91
C THR B 511 -10.73 -50.70 -23.97
N GLU B 512 -9.90 -51.62 -23.48
CA GLU B 512 -8.91 -52.33 -24.26
C GLU B 512 -9.71 -53.50 -24.76
N SER B 513 -10.38 -53.31 -25.89
CA SER B 513 -11.12 -54.37 -26.54
C SER B 513 -11.33 -54.01 -28.00
N PHE B 514 -11.49 -55.05 -28.80
CA PHE B 514 -11.77 -54.98 -30.23
C PHE B 514 -13.18 -55.47 -30.55
N LEU B 515 -13.72 -56.39 -29.74
CA LEU B 515 -15.10 -56.88 -29.89
C LEU B 515 -16.10 -55.81 -29.49
N THR B 516 -15.75 -55.02 -28.48
CA THR B 516 -16.41 -53.72 -28.21
C THR B 516 -15.37 -52.63 -27.91
N SER B 517 -15.84 -51.40 -27.77
CA SER B 517 -15.08 -50.31 -27.11
C SER B 517 -16.07 -49.43 -26.40
N GLN B 518 -15.74 -49.04 -25.16
CA GLN B 518 -16.62 -48.20 -24.34
C GLN B 518 -15.83 -47.14 -23.57
N TRP B 519 -16.45 -45.97 -23.37
CA TRP B 519 -15.92 -44.93 -22.49
C TRP B 519 -16.02 -45.41 -21.03
N VAL B 520 -14.98 -45.10 -20.26
CA VAL B 520 -14.92 -45.42 -18.83
C VAL B 520 -14.17 -44.31 -18.07
N SER B 521 -14.59 -44.07 -16.81
CA SER B 521 -13.97 -43.06 -15.95
C SER B 521 -13.80 -43.61 -14.53
N TYR B 522 -12.55 -43.73 -14.08
CA TYR B 522 -12.20 -44.10 -12.71
C TYR B 522 -11.91 -42.81 -11.95
N THR B 523 -12.79 -42.47 -10.99
CA THR B 523 -12.71 -41.25 -10.20
C THR B 523 -12.21 -41.59 -8.80
N ILE B 524 -11.14 -40.93 -8.35
CA ILE B 524 -10.43 -41.24 -7.09
C ILE B 524 -10.51 -40.03 -6.17
N ASP B 525 -10.91 -40.25 -4.91
CA ASP B 525 -10.92 -39.24 -3.85
C ASP B 525 -9.71 -39.48 -2.92
N PHE B 526 -8.90 -38.45 -2.73
CA PHE B 526 -7.71 -38.51 -1.85
C PHE B 526 -7.95 -38.09 -0.38
N LYS B 527 -9.21 -37.87 0.02
CA LYS B 527 -9.56 -37.39 1.38
C LYS B 527 -8.95 -38.17 2.56
N ASP B 528 -8.81 -39.49 2.38
CA ASP B 528 -8.17 -40.36 3.38
C ASP B 528 -6.62 -40.38 3.31
N ILE B 529 -6.04 -40.10 2.13
CA ILE B 529 -4.58 -39.92 1.99
C ILE B 529 -4.08 -38.68 2.76
N LEU B 530 -4.81 -37.58 2.65
CA LEU B 530 -4.61 -36.38 3.50
C LEU B 530 -5.74 -36.33 4.52
N GLU B 531 -5.69 -37.28 5.46
CA GLU B 531 -6.70 -37.46 6.51
C GLU B 531 -6.90 -36.23 7.41
N ARG B 532 -5.80 -35.60 7.82
CA ARG B 532 -5.85 -34.40 8.69
C ARG B 532 -5.80 -33.10 7.88
N ASN B 533 -6.49 -32.08 8.38
CA ASN B 533 -6.40 -30.71 7.85
C ASN B 533 -5.10 -30.05 8.33
N CYS B 534 -4.60 -29.09 7.56
CA CYS B 534 -3.35 -28.41 7.89
C CYS B 534 -3.57 -27.37 8.99
N GLU B 535 -2.78 -27.47 10.06
CA GLU B 535 -2.68 -26.44 11.11
C GLU B 535 -1.66 -25.37 10.68
N GLU B 536 -1.55 -24.31 11.48
CA GLU B 536 -0.60 -23.21 11.26
C GLU B 536 0.87 -23.65 11.24
N LYS B 537 1.21 -24.66 12.06
CA LYS B 537 2.57 -25.26 12.09
C LYS B 537 3.03 -25.89 10.75
N ASP B 538 2.08 -26.34 9.92
CA ASP B 538 2.38 -26.97 8.63
C ASP B 538 2.93 -26.05 7.54
N TYR B 539 2.75 -24.74 7.69
CA TYR B 539 3.22 -23.74 6.72
C TYR B 539 4.55 -23.11 7.12
N THR B 540 5.22 -22.51 6.14
CA THR B 540 6.59 -21.96 6.27
C THR B 540 6.73 -20.64 5.48
N ILE B 541 7.66 -19.80 5.93
CA ILE B 541 7.81 -18.44 5.37
C ILE B 541 8.69 -18.57 4.13
N TRP B 542 8.23 -17.96 3.03
CA TRP B 542 8.97 -18.00 1.75
C TRP B 542 8.95 -16.63 1.10
N LEU B 543 10.11 -16.13 0.66
CA LEU B 543 10.15 -14.86 -0.09
C LEU B 543 10.22 -15.19 -1.58
N ALA B 544 9.35 -14.57 -2.37
CA ALA B 544 9.32 -14.86 -3.81
C ALA B 544 10.43 -14.07 -4.51
N HIS B 545 10.85 -14.55 -5.68
CA HIS B 545 11.84 -13.79 -6.49
C HIS B 545 13.10 -13.50 -5.66
N SER B 546 13.54 -14.47 -4.86
CA SER B 546 14.79 -14.28 -4.10
C SER B 546 16.01 -14.62 -4.95
N THR B 547 17.05 -13.79 -4.89
CA THR B 547 18.33 -14.01 -5.60
C THR B 547 19.50 -13.97 -4.62
N ASP B 548 19.68 -12.79 -4.02
CA ASP B 548 20.75 -12.60 -3.00
C ASP B 548 20.03 -12.27 -1.70
N PRO B 549 19.78 -13.24 -0.81
CA PRO B 549 18.99 -12.98 0.40
C PRO B 549 19.55 -11.82 1.23
N GLU B 550 20.85 -11.55 1.10
CA GLU B 550 21.49 -10.47 1.89
C GLU B 550 20.92 -9.10 1.52
N ASP B 551 20.81 -8.80 0.21
CA ASP B 551 20.35 -7.46 -0.23
C ASP B 551 19.02 -7.12 0.42
N TYR B 552 18.85 -5.86 0.82
CA TYR B 552 17.59 -5.40 1.45
C TYR B 552 16.54 -5.30 0.38
N GLU B 553 16.97 -5.32 -0.88
N GLU B 553 16.97 -5.32 -0.88
CA GLU B 553 16.01 -5.19 -2.02
CA GLU B 553 16.01 -5.19 -2.02
C GLU B 553 15.86 -6.54 -2.72
C GLU B 553 15.87 -6.54 -2.72
N ASP B 554 16.00 -7.64 -1.97
CA ASP B 554 15.85 -8.99 -2.55
C ASP B 554 14.34 -9.28 -2.64
N GLY B 555 13.86 -9.63 -3.83
CA GLY B 555 12.43 -9.93 -4.01
C GLY B 555 11.67 -8.77 -4.59
N CYS B 556 12.38 -7.68 -4.89
CA CYS B 556 11.72 -6.46 -5.40
C CYS B 556 11.43 -6.62 -6.90
N ILE B 557 10.20 -6.97 -7.25
CA ILE B 557 9.74 -7.08 -8.64
C ILE B 557 8.54 -6.16 -8.78
N LEU B 558 8.62 -5.23 -9.74
CA LEU B 558 7.66 -4.14 -9.91
C LEU B 558 7.48 -3.34 -8.61
N GLY B 559 8.62 -3.03 -7.97
CA GLY B 559 8.63 -2.21 -6.76
C GLY B 559 8.07 -2.78 -5.47
N TYR B 560 7.91 -4.11 -5.38
CA TYR B 560 7.62 -4.78 -4.10
C TYR B 560 8.03 -6.24 -4.05
N LYS B 561 8.15 -6.72 -2.80
CA LYS B 561 8.40 -8.12 -2.47
C LYS B 561 7.07 -8.74 -2.07
N GLU B 562 7.07 -10.06 -1.96
CA GLU B 562 5.92 -10.81 -1.40
C GLU B 562 6.46 -11.98 -0.60
N GLN B 563 6.16 -12.00 0.71
CA GLN B 563 6.47 -13.13 1.58
C GLN B 563 5.21 -13.97 1.75
N PHE B 564 5.30 -15.24 1.34
CA PHE B 564 4.18 -16.19 1.36
C PHE B 564 4.27 -17.14 2.54
N LEU B 565 3.11 -17.66 2.94
CA LEU B 565 3.02 -18.88 3.76
C LEU B 565 2.77 -20.06 2.82
N ARG B 566 3.86 -20.75 2.46
CA ARG B 566 3.81 -21.99 1.70
C ARG B 566 3.63 -23.18 2.61
N LEU B 567 2.93 -24.20 2.11
CA LEU B 567 2.84 -25.50 2.80
C LEU B 567 4.21 -26.19 2.76
N ARG B 568 4.62 -26.77 3.89
CA ARG B 568 5.86 -27.54 3.98
C ARG B 568 5.75 -28.81 3.13
N LYS B 569 6.88 -29.23 2.56
CA LYS B 569 6.93 -30.39 1.67
C LYS B 569 6.68 -31.68 2.46
N SER B 570 7.45 -31.85 3.54
CA SER B 570 7.32 -32.99 4.47
C SER B 570 5.94 -33.12 5.16
N SER B 571 5.26 -32.00 5.36
CA SER B 571 3.90 -31.99 5.91
C SER B 571 2.88 -32.59 4.94
N VAL B 572 2.03 -33.48 5.47
CA VAL B 572 1.04 -34.25 4.69
C VAL B 572 -0.36 -33.96 5.23
N CYS B 573 -1.05 -33.01 4.59
CA CYS B 573 -2.38 -32.55 5.07
C CYS B 573 -3.17 -31.79 4.01
N GLN B 574 -4.47 -31.69 4.23
CA GLN B 574 -5.37 -30.95 3.34
C GLN B 574 -5.28 -29.44 3.62
N ASN B 575 -4.90 -28.66 2.60
CA ASN B 575 -5.00 -27.18 2.63
C ASN B 575 -6.45 -26.71 2.82
N GLY B 576 -7.36 -27.31 2.05
CA GLY B 576 -8.80 -27.10 2.18
C GLY B 576 -9.39 -26.39 0.98
N ARG B 577 -10.71 -26.46 0.87
CA ARG B 577 -11.47 -25.74 -0.16
C ARG B 577 -11.52 -24.24 0.14
N ASP B 578 -11.88 -23.92 1.38
CA ASP B 578 -11.80 -22.55 1.93
C ASP B 578 -10.43 -21.84 1.89
N TYR B 579 -9.34 -22.62 1.81
CA TYR B 579 -7.93 -22.12 1.70
C TYR B 579 -7.74 -20.85 0.86
N VAL B 580 -7.03 -19.88 1.43
CA VAL B 580 -6.68 -18.61 0.78
C VAL B 580 -5.15 -18.51 0.80
N VAL B 581 -4.60 -17.89 -0.24
CA VAL B 581 -3.15 -17.74 -0.38
C VAL B 581 -2.76 -16.57 0.53
N THR B 582 -2.07 -16.88 1.62
CA THR B 582 -1.61 -15.89 2.58
C THR B 582 -0.29 -15.28 2.08
N LYS B 583 -0.31 -13.97 1.85
CA LYS B 583 0.88 -13.21 1.45
C LYS B 583 0.86 -11.78 1.98
N GLN B 584 2.01 -11.31 2.47
CA GLN B 584 2.20 -9.91 2.89
C GLN B 584 3.24 -9.26 1.95
N PRO B 585 2.89 -8.14 1.28
CA PRO B 585 3.85 -7.44 0.42
C PRO B 585 4.69 -6.41 1.15
N SER B 586 5.99 -6.34 0.81
CA SER B 586 6.91 -5.33 1.30
C SER B 586 7.21 -4.32 0.17
N ILE B 587 6.81 -3.06 0.36
CA ILE B 587 6.93 -2.01 -0.66
C ILE B 587 8.39 -1.52 -0.71
N CYS B 588 9.08 -1.78 -1.82
CA CYS B 588 10.49 -1.39 -1.98
C CYS B 588 10.61 0.10 -2.32
N LEU B 589 11.82 0.64 -2.15
CA LEU B 589 12.14 2.00 -2.58
C LEU B 589 12.30 2.03 -4.09
N CYS B 590 11.84 3.12 -4.72
CA CYS B 590 11.98 3.30 -6.16
C CYS B 590 13.44 3.57 -6.54
N SER B 591 13.89 2.89 -7.59
CA SER B 591 15.14 3.18 -8.30
C SER B 591 14.76 3.60 -9.71
N LEU B 592 15.77 3.91 -10.54
CA LEU B 592 15.56 4.13 -11.98
C LEU B 592 15.00 2.90 -12.73
N GLU B 593 15.33 1.69 -12.25
CA GLU B 593 14.73 0.43 -12.76
C GLU B 593 13.20 0.35 -12.65
N ASP B 594 12.62 0.98 -11.63
CA ASP B 594 11.15 1.04 -11.47
C ASP B 594 10.41 1.95 -12.48
N PHE B 595 11.15 2.79 -13.23
CA PHE B 595 10.61 3.61 -14.32
C PHE B 595 11.08 3.08 -15.67
N LEU B 596 10.13 2.78 -16.56
CA LEU B 596 10.42 2.55 -17.97
C LEU B 596 10.55 3.91 -18.67
N CYS B 597 11.32 3.95 -19.77
CA CYS B 597 11.47 5.15 -20.59
C CYS B 597 10.15 5.43 -21.31
N ASP B 598 9.69 6.69 -21.21
CA ASP B 598 8.53 7.20 -21.97
C ASP B 598 8.93 7.36 -23.45
N PHE B 599 7.94 7.62 -24.31
CA PHE B 599 8.17 7.86 -25.74
C PHE B 599 9.22 8.95 -26.02
N GLY B 600 10.10 8.67 -26.98
CA GLY B 600 11.21 9.55 -27.35
C GLY B 600 12.54 9.28 -26.68
N TYR B 601 12.57 8.35 -25.70
CA TYR B 601 13.74 8.11 -24.84
C TYR B 601 14.19 6.64 -24.84
N TYR B 602 15.46 6.42 -24.53
CA TYR B 602 16.07 5.07 -24.50
C TYR B 602 17.26 5.04 -23.53
N ARG B 603 17.77 3.84 -23.24
CA ARG B 603 18.96 3.64 -22.39
C ARG B 603 19.91 2.67 -23.10
N PRO B 604 21.22 3.02 -23.25
CA PRO B 604 22.22 2.00 -23.60
C PRO B 604 22.51 0.98 -22.47
N GLU B 605 23.13 -0.12 -22.87
CA GLU B 605 23.13 -1.40 -22.11
C GLU B 605 23.70 -1.33 -20.68
N ASN B 606 24.90 -0.76 -20.54
CA ASN B 606 25.52 -0.52 -19.22
C ASN B 606 24.84 0.62 -18.43
N ASP B 607 24.45 1.69 -19.13
CA ASP B 607 23.90 2.90 -18.48
C ASP B 607 22.46 2.69 -17.94
N SER B 608 22.15 3.38 -16.85
CA SER B 608 20.85 3.29 -16.16
C SER B 608 19.83 4.40 -16.51
N LYS B 609 20.26 5.44 -17.23
CA LYS B 609 19.50 6.68 -17.40
C LYS B 609 18.78 6.73 -18.76
N CYS B 610 17.48 7.09 -18.75
CA CYS B 610 16.72 7.35 -19.99
C CYS B 610 17.15 8.69 -20.61
N VAL B 611 17.54 8.65 -21.88
CA VAL B 611 18.02 9.83 -22.65
C VAL B 611 17.34 9.89 -24.03
N GLU B 612 17.18 11.10 -24.56
CA GLU B 612 16.51 11.34 -25.86
C GLU B 612 17.12 10.55 -27.03
N GLN B 613 16.25 9.96 -27.85
CA GLN B 613 16.68 9.33 -29.11
C GLN B 613 16.79 10.47 -30.15
N PRO B 614 17.96 10.63 -30.81
CA PRO B 614 18.11 11.73 -31.77
C PRO B 614 17.33 11.51 -33.08
N GLU B 615 17.42 10.31 -33.68
CA GLU B 615 16.65 9.95 -34.88
C GLU B 615 15.42 9.12 -34.50
N LEU B 616 14.27 9.78 -34.46
CA LEU B 616 12.97 9.10 -34.48
C LEU B 616 12.63 8.69 -35.92
N LYS B 617 12.65 7.38 -36.16
CA LYS B 617 12.28 6.77 -37.45
C LYS B 617 11.13 5.77 -37.27
N GLY B 618 10.49 5.42 -38.38
CA GLY B 618 9.45 4.40 -38.42
C GLY B 618 8.16 4.81 -37.71
N HIS B 619 7.62 3.89 -36.92
CA HIS B 619 6.37 4.12 -36.16
C HIS B 619 6.49 5.10 -34.98
N ASP B 620 7.74 5.37 -34.54
CA ASP B 620 8.01 6.42 -33.55
C ASP B 620 7.71 7.80 -34.14
N LEU B 621 8.29 8.07 -35.30
CA LEU B 621 8.04 9.33 -36.04
C LEU B 621 6.56 9.54 -36.36
N GLU B 622 5.89 8.47 -36.78
CA GLU B 622 4.44 8.48 -37.02
C GLU B 622 3.63 8.84 -35.76
N PHE B 623 4.01 8.25 -34.62
CA PHE B 623 3.39 8.56 -33.32
C PHE B 623 3.63 10.02 -32.89
N CYS B 624 4.84 10.53 -33.12
CA CYS B 624 5.19 11.94 -32.81
C CYS B 624 4.42 12.97 -33.65
N LEU B 625 4.30 12.71 -34.95
CA LEU B 625 3.58 13.61 -35.88
C LEU B 625 2.06 13.57 -35.70
N TYR B 626 1.48 12.37 -35.67
CA TYR B 626 0.02 12.15 -35.70
C TYR B 626 -0.63 11.98 -34.31
N GLY B 627 0.12 11.48 -33.32
CA GLY B 627 -0.42 11.25 -31.96
C GLY B 627 -0.69 12.51 -31.15
N ARG B 628 -1.38 12.33 -30.02
CA ARG B 628 -1.86 13.43 -29.17
C ARG B 628 -0.74 14.16 -28.43
N GLU B 629 -0.94 15.47 -28.19
CA GLU B 629 0.01 16.31 -27.44
C GLU B 629 0.21 15.89 -25.97
N GLU B 630 -0.83 15.30 -25.37
CA GLU B 630 -0.78 14.69 -24.02
C GLU B 630 0.35 13.68 -23.85
N HIS B 631 0.43 12.76 -24.81
CA HIS B 631 1.37 11.62 -24.77
C HIS B 631 2.81 11.99 -25.20
N LEU B 632 2.98 13.16 -25.80
CA LEU B 632 4.24 13.62 -26.39
C LEU B 632 5.02 14.66 -25.58
N THR B 633 4.34 15.39 -24.67
CA THR B 633 5.02 16.19 -23.64
C THR B 633 5.37 15.25 -22.47
N THR B 634 6.66 15.21 -22.11
CA THR B 634 7.21 14.24 -21.15
C THR B 634 8.64 14.59 -20.69
N ASN B 635 8.92 14.33 -19.41
CA ASN B 635 10.30 14.37 -18.87
C ASN B 635 11.16 13.15 -19.26
N GLY B 636 10.56 12.12 -19.86
CA GLY B 636 11.27 10.97 -20.41
C GLY B 636 11.25 9.71 -19.56
N TYR B 637 10.62 9.76 -18.39
CA TYR B 637 10.37 8.60 -17.52
C TYR B 637 8.87 8.43 -17.28
N ARG B 638 8.46 7.16 -17.12
CA ARG B 638 7.12 6.82 -16.64
C ARG B 638 7.17 5.55 -15.79
N LYS B 639 6.32 5.51 -14.77
CA LYS B 639 6.26 4.37 -13.82
C LYS B 639 5.82 3.12 -14.57
N ILE B 640 6.49 1.99 -14.32
CA ILE B 640 6.11 0.69 -14.89
C ILE B 640 4.63 0.39 -14.49
N PRO B 641 3.79 -0.06 -15.46
CA PRO B 641 2.39 -0.37 -15.09
C PRO B 641 2.32 -1.54 -14.10
N GLY B 642 1.57 -1.34 -13.01
CA GLY B 642 1.58 -2.23 -11.86
C GLY B 642 2.77 -2.15 -10.91
N ASP B 643 3.65 -1.16 -11.10
CA ASP B 643 4.78 -0.94 -10.19
C ASP B 643 4.28 -0.13 -9.01
N LYS B 644 4.57 -0.60 -7.79
CA LYS B 644 4.02 -0.03 -6.55
C LYS B 644 5.08 0.40 -5.52
N CYS B 645 6.28 0.79 -5.98
CA CYS B 645 7.31 1.34 -5.09
C CYS B 645 6.89 2.73 -4.59
N GLN B 646 7.36 3.06 -3.39
CA GLN B 646 7.14 4.36 -2.75
C GLN B 646 8.47 4.91 -2.26
N GLY B 647 8.60 6.24 -2.26
CA GLY B 647 9.82 6.92 -1.83
C GLY B 647 10.96 6.74 -2.81
N GLY B 648 12.19 6.80 -2.30
CA GLY B 648 13.40 6.56 -3.09
C GLY B 648 13.61 7.54 -4.23
N VAL B 649 14.15 7.04 -5.34
CA VAL B 649 14.42 7.82 -6.56
C VAL B 649 13.09 8.30 -7.19
N ASN B 650 13.11 9.51 -7.74
CA ASN B 650 11.99 10.07 -8.50
C ASN B 650 12.52 11.22 -9.37
N PRO B 651 12.66 11.00 -10.71
CA PRO B 651 13.29 12.03 -11.55
C PRO B 651 12.36 13.22 -11.73
N VAL B 652 12.86 14.42 -11.40
CA VAL B 652 12.14 15.69 -11.58
C VAL B 652 12.87 16.51 -12.68
N ARG B 653 13.21 15.84 -13.77
CA ARG B 653 13.81 16.47 -14.95
C ARG B 653 12.73 17.25 -15.70
N GLU B 654 13.16 18.25 -16.46
CA GLU B 654 12.26 19.14 -17.22
C GLU B 654 11.54 18.37 -18.34
N VAL B 655 10.22 18.57 -18.46
CA VAL B 655 9.45 18.05 -19.61
C VAL B 655 9.82 18.81 -20.89
N LYS B 656 9.49 18.20 -22.03
CA LYS B 656 9.59 18.90 -23.31
C LYS B 656 8.64 18.36 -24.34
N ASP B 657 8.13 19.27 -25.18
CA ASP B 657 7.19 18.96 -26.25
C ASP B 657 8.00 18.35 -27.40
N LEU B 658 7.92 17.04 -27.53
CA LEU B 658 8.60 16.30 -28.61
C LEU B 658 7.95 16.54 -29.98
N LYS B 659 6.63 16.69 -30.00
CA LYS B 659 5.86 17.05 -31.21
C LYS B 659 6.34 18.34 -31.87
N LYS B 660 6.74 19.32 -31.07
CA LYS B 660 7.36 20.56 -31.55
C LYS B 660 8.67 20.28 -32.29
N LYS B 661 9.51 19.39 -31.75
CA LYS B 661 10.77 18.96 -32.41
C LYS B 661 10.53 18.21 -33.73
N CYS B 662 9.53 17.32 -33.75
CA CYS B 662 9.19 16.54 -34.93
C CYS B 662 8.64 17.40 -36.05
N THR B 663 7.64 18.21 -35.71
CA THR B 663 6.97 19.10 -36.66
C THR B 663 7.86 20.25 -37.16
N SER B 664 8.73 20.76 -36.29
CA SER B 664 9.79 21.76 -36.62
C SER B 664 10.49 21.53 -37.99
N ASN B 665 10.89 20.28 -38.25
CA ASN B 665 11.61 19.92 -39.50
C ASN B 665 10.82 20.09 -40.79
N PHE B 666 9.49 19.99 -40.71
CA PHE B 666 8.59 20.16 -41.87
C PHE B 666 8.40 21.64 -42.17
N LEU B 667 8.24 21.98 -43.45
CA LEU B 667 7.81 23.33 -43.86
C LEU B 667 6.31 23.39 -43.67
N SER B 668 5.85 24.34 -42.85
CA SER B 668 4.42 24.51 -42.59
C SER B 668 3.73 25.20 -43.77
N PRO B 669 2.45 24.83 -44.07
CA PRO B 669 1.60 25.61 -44.97
C PRO B 669 1.17 26.98 -44.43
N GLU B 670 0.40 27.68 -45.25
CA GLU B 670 -0.20 28.97 -44.88
C GLU B 670 -1.30 28.76 -43.83
N LYS B 671 -2.21 27.82 -44.11
CA LYS B 671 -3.30 27.39 -43.19
C LYS B 671 -4.31 28.50 -42.93
N PRO C 1 17.58 37.06 38.18
CA PRO C 1 17.68 36.94 36.72
C PRO C 1 16.76 35.87 36.13
N ARG C 2 16.86 35.66 34.81
CA ARG C 2 16.05 34.63 34.13
C ARG C 2 16.67 34.18 32.79
N TRP C 3 16.53 32.88 32.51
CA TRP C 3 17.02 32.26 31.27
C TRP C 3 15.88 31.48 30.65
N ASP C 4 15.53 31.80 29.40
CA ASP C 4 14.45 31.15 28.66
C ASP C 4 14.91 30.86 27.24
N ALA C 5 14.71 29.62 26.78
CA ALA C 5 14.88 29.22 25.39
C ALA C 5 13.57 28.60 24.92
N PRO C 6 12.52 29.45 24.75
CA PRO C 6 11.20 28.89 24.41
C PRO C 6 11.14 28.31 22.99
N LEU C 7 10.24 27.35 22.80
CA LEU C 7 9.96 26.77 21.48
C LEU C 7 9.07 27.74 20.69
N ARG C 8 9.29 27.81 19.37
CA ARG C 8 8.52 28.67 18.45
C ARG C 8 7.04 28.24 18.33
N ASP C 9 6.84 26.92 18.24
CA ASP C 9 5.52 26.28 18.02
C ASP C 9 5.31 25.21 19.12
N PRO C 10 5.18 25.64 20.40
CA PRO C 10 4.99 24.69 21.49
C PRO C 10 3.55 24.16 21.48
N ALA C 11 3.41 22.84 21.41
CA ALA C 11 2.10 22.20 21.22
C ALA C 11 1.33 22.21 22.54
N LEU C 12 0.74 23.38 22.86
CA LEU C 12 -0.09 23.54 24.06
C LEU C 12 -1.42 22.83 23.88
N ARG C 13 -1.87 22.19 24.94
CA ARG C 13 -3.06 21.34 24.91
C ARG C 13 -4.31 22.22 24.92
N GLN C 14 -5.12 22.12 23.88
CA GLN C 14 -6.35 22.91 23.75
C GLN C 14 -7.44 22.35 24.67
N LEU C 15 -8.05 23.23 25.46
CA LEU C 15 -9.11 22.87 26.42
C LEU C 15 -10.47 23.29 25.85
N LEU C 16 -11.51 22.53 26.23
CA LEU C 16 -12.88 22.73 25.71
C LEU C 16 -13.91 22.56 26.81
N PRO D 1 -13.29 -41.19 -33.12
CA PRO D 1 -13.90 -40.58 -31.94
C PRO D 1 -13.14 -39.36 -31.43
N ARG D 2 -13.65 -38.75 -30.36
CA ARG D 2 -13.03 -37.57 -29.74
C ARG D 2 -13.51 -37.33 -28.29
N TRP D 3 -12.60 -36.84 -27.45
CA TRP D 3 -12.86 -36.50 -26.05
C TRP D 3 -12.42 -35.06 -25.81
N ASP D 4 -13.35 -34.23 -25.32
CA ASP D 4 -13.10 -32.81 -25.03
C ASP D 4 -13.69 -32.47 -23.67
N ALA D 5 -12.90 -31.80 -22.82
CA ALA D 5 -13.38 -31.20 -21.58
C ALA D 5 -13.01 -29.71 -21.62
N PRO D 6 -13.69 -28.93 -22.49
CA PRO D 6 -13.27 -27.54 -22.71
C PRO D 6 -13.54 -26.63 -21.51
N LEU D 7 -12.71 -25.59 -21.40
CA LEU D 7 -12.81 -24.61 -20.31
C LEU D 7 -13.94 -23.62 -20.63
N ARG D 8 -14.66 -23.17 -19.59
CA ARG D 8 -15.73 -22.17 -19.76
C ARG D 8 -15.18 -20.78 -20.13
N ASP D 9 -14.02 -20.42 -19.55
CA ASP D 9 -13.37 -19.11 -19.74
C ASP D 9 -11.90 -19.29 -20.20
N PRO D 10 -11.71 -19.85 -21.43
CA PRO D 10 -10.35 -19.97 -21.97
C PRO D 10 -9.85 -18.59 -22.44
N ALA D 11 -8.69 -18.16 -21.93
CA ALA D 11 -8.09 -16.88 -22.36
C ALA D 11 -7.52 -16.99 -23.78
N LEU D 12 -8.42 -16.96 -24.77
CA LEU D 12 -8.04 -17.08 -26.19
C LEU D 12 -7.44 -15.76 -26.65
N ARG D 13 -6.40 -15.85 -27.48
CA ARG D 13 -5.71 -14.68 -28.01
C ARG D 13 -6.57 -14.04 -29.10
N GLN D 14 -6.97 -12.78 -28.88
CA GLN D 14 -7.75 -12.03 -29.86
C GLN D 14 -6.84 -11.52 -30.97
N LEU D 15 -7.26 -11.73 -32.22
CA LEU D 15 -6.56 -11.24 -33.42
C LEU D 15 -7.19 -9.97 -33.95
N LEU D 16 -6.37 -9.11 -34.57
CA LEU D 16 -6.79 -7.79 -35.08
C LEU D 16 -6.16 -7.50 -36.44
C1 NAG E . 27.45 23.92 12.78
C2 NAG E . 26.70 23.48 11.52
C3 NAG E . 27.26 24.01 10.20
C4 NAG E . 27.70 25.48 10.26
C5 NAG E . 28.50 25.72 11.54
C6 NAG E . 28.90 27.18 11.69
C7 NAG E . 25.57 21.32 11.12
C8 NAG E . 25.78 19.84 10.97
N2 NAG E . 26.68 22.03 11.38
O3 NAG E . 26.24 23.85 9.21
O4 NAG E . 28.51 25.84 9.12
O5 NAG E . 27.72 25.33 12.68
O6 NAG E . 29.33 27.44 13.02
O7 NAG E . 24.44 21.81 11.02
C1 NAG E . 27.80 26.07 7.87
C2 NAG E . 28.58 27.11 7.07
C3 NAG E . 27.88 27.38 5.74
C4 NAG E . 27.68 26.09 4.93
C5 NAG E . 27.18 24.91 5.78
C6 NAG E . 27.54 23.58 5.09
C7 NAG E . 29.84 28.77 8.41
C8 NAG E . 29.76 30.11 9.08
N2 NAG E . 28.72 28.37 7.79
O3 NAG E . 28.72 28.30 5.04
O4 NAG E . 26.74 26.24 3.84
O5 NAG E . 27.72 24.86 7.12
O6 NAG E . 26.52 22.62 5.30
O7 NAG E . 30.87 28.12 8.47
C1 BMA E . 27.00 27.14 2.73
C2 BMA E . 28.35 26.93 2.02
C3 BMA E . 28.53 27.99 0.94
C4 BMA E . 27.35 27.99 -0.04
C5 BMA E . 25.99 28.00 0.69
C6 BMA E . 24.82 27.74 -0.27
O2 BMA E . 28.41 25.62 1.46
O3 BMA E . 29.76 27.76 0.24
O4 BMA E . 27.45 29.15 -0.87
O5 BMA E . 25.97 27.02 1.75
O6 BMA E . 24.82 26.38 -0.74
C1 NAG F . 2.97 11.40 17.18
C2 NAG F . 1.81 11.92 16.35
C3 NAG F . 2.01 11.53 14.88
C4 NAG F . 3.39 11.96 14.36
C5 NAG F . 4.48 11.46 15.30
C6 NAG F . 5.89 11.95 14.94
C7 NAG F . -0.59 12.09 16.99
C8 NAG F . -1.75 11.34 17.59
N2 NAG F . 0.56 11.40 16.89
O3 NAG F . 0.97 12.10 14.09
O4 NAG F . 3.60 11.42 13.04
O5 NAG F . 4.19 11.89 16.64
O6 NAG F . 6.06 13.33 15.29
O7 NAG F . -0.74 13.24 16.63
C1 NAG F . 3.88 12.40 12.02
C2 NAG F . 4.53 11.71 10.85
C3 NAG F . 4.61 12.56 9.57
C4 NAG F . 3.48 13.59 9.35
C5 NAG F . 2.86 14.12 10.65
C6 NAG F . 1.55 14.89 10.42
C7 NAG F . 6.35 10.03 11.24
C8 NAG F . 7.79 9.86 11.64
N2 NAG F . 5.89 11.30 11.20
O3 NAG F . 4.67 11.63 8.48
O4 NAG F . 3.97 14.74 8.63
O5 NAG F . 2.68 13.06 11.60
O6 NAG F . 0.37 14.12 10.71
O7 NAG F . 5.67 9.04 10.99
C1 BMA F . 4.11 14.63 7.20
C2 BMA F . 2.78 14.80 6.45
C3 BMA F . 3.02 14.56 4.96
C4 BMA F . 4.13 15.46 4.40
C5 BMA F . 5.37 15.49 5.30
C6 BMA F . 6.30 16.63 4.89
O2 BMA F . 2.26 16.11 6.68
O3 BMA F . 1.80 14.81 4.24
O4 BMA F . 4.50 14.99 3.10
O5 BMA F . 5.03 15.63 6.69
O6 BMA F . 7.44 16.70 5.76
C1 NAG G . -14.90 -34.85 -3.64
C2 NAG G . -15.12 -33.56 -2.86
C3 NAG G . -16.19 -33.68 -1.76
C4 NAG G . -17.48 -34.29 -2.31
C5 NAG G . -17.12 -35.61 -2.97
C6 NAG G . -18.36 -36.32 -3.53
C7 NAG G . -13.39 -31.86 -2.40
C8 NAG G . -12.17 -31.54 -1.57
N2 NAG G . -13.92 -33.06 -2.20
O3 NAG G . -16.41 -32.38 -1.20
O4 NAG G . -18.47 -34.53 -1.27
O5 NAG G . -16.18 -35.38 -4.03
O6 NAG G . -17.96 -37.43 -4.31
O7 NAG G . -13.83 -31.02 -3.19
C1 NAG G . -19.23 -33.39 -0.81
C2 NAG G . -20.72 -33.70 -0.62
C3 NAG G . -21.43 -32.40 -0.22
C4 NAG G . -20.85 -31.86 1.10
C5 NAG G . -19.33 -31.74 0.94
C6 NAG G . -18.62 -31.39 2.25
C7 NAG G . -21.61 -35.59 -1.96
C8 NAG G . -22.30 -35.95 -3.25
N2 NAG G . -21.35 -34.28 -1.79
O3 NAG G . -22.83 -32.64 -0.12
O4 NAG G . -21.38 -30.56 1.44
O5 NAG G . -18.74 -32.96 0.46
O6 NAG G . -17.20 -31.37 2.03
O7 NAG G . -21.30 -36.47 -1.17
C1 BMA G . -22.60 -30.50 2.24
C2 BMA G . -22.47 -31.02 3.68
C3 BMA G . -23.44 -30.32 4.67
C4 BMA G . -24.71 -29.81 4.00
C5 BMA G . -24.45 -29.00 2.72
C6 BMA G . -24.75 -27.51 2.92
O2 BMA G . -21.11 -30.91 4.15
O3 BMA G . -22.81 -29.20 5.31
O4 BMA G . -25.54 -30.95 3.68
O5 BMA G . -23.10 -29.14 2.24
O6 BMA G . -23.94 -26.95 3.97
C1 NAG H . -1.14 -13.55 -15.35
C2 NAG H . -2.01 -12.32 -15.62
C3 NAG H . -2.43 -11.65 -14.31
C4 NAG H . -3.08 -12.65 -13.37
C5 NAG H . -2.19 -13.88 -13.19
C6 NAG H . -2.87 -14.98 -12.37
C7 NAG H . -1.85 -10.66 -17.45
C8 NAG H . -0.90 -9.77 -18.20
N2 NAG H . -1.29 -11.39 -16.48
O3 NAG H . -3.36 -10.59 -14.57
O4 NAG H . -3.30 -12.01 -12.10
O5 NAG H . -1.85 -14.42 -14.46
O6 NAG H . -4.03 -15.48 -13.05
O7 NAG H . -3.04 -10.70 -17.75
C1 NAG H . -4.68 -12.01 -11.69
C2 NAG H . -4.73 -11.75 -10.19
C3 NAG H . -6.17 -11.56 -9.71
C4 NAG H . -6.95 -10.55 -10.57
C5 NAG H . -6.80 -10.92 -12.06
C6 NAG H . -7.47 -9.93 -13.02
C7 NAG H . -2.95 -12.81 -8.83
C8 NAG H . -2.53 -14.09 -8.14
N2 NAG H . -4.13 -12.86 -9.47
O3 NAG H . -6.05 -11.15 -8.35
O4 NAG H . -8.35 -10.53 -10.22
O5 NAG H . -5.41 -11.02 -12.40
O6 NAG H . -6.70 -8.73 -13.15
O7 NAG H . -2.23 -11.83 -8.78
C1 BMA H . -8.70 -9.81 -9.01
C2 BMA H . -9.65 -8.67 -9.31
C3 BMA H . -9.87 -7.88 -8.01
C4 BMA H . -10.26 -8.76 -6.81
C5 BMA H . -9.47 -10.08 -6.74
C6 BMA H . -10.18 -11.07 -5.82
O2 BMA H . -10.89 -9.17 -9.81
O3 BMA H . -10.88 -6.88 -8.22
O4 BMA H . -10.05 -8.04 -5.59
O5 BMA H . -9.30 -10.67 -8.04
O6 BMA H . -9.42 -12.27 -5.70
C1 NAG I . 14.22 54.51 14.34
C2 NAG I . 14.17 54.03 12.89
C3 NAG I . 14.15 55.25 11.95
C4 NAG I . 13.01 56.21 12.28
C5 NAG I . 12.89 56.47 13.78
C6 NAG I . 11.58 57.18 14.11
C7 NAG I . 15.26 51.82 12.46
C8 NAG I . 16.55 51.16 12.06
N2 NAG I . 15.31 53.17 12.53
O3 NAG I . 14.02 54.82 10.59
O4 NAG I . 13.21 57.45 11.58
O5 NAG I . 12.98 55.24 14.50
O6 NAG I . 11.44 57.36 15.53
O7 NAG I . 14.27 51.14 12.68
CL CL J . -2.69 -4.49 14.59
CL CL K . 11.90 -3.61 -10.07
CL CL L . 16.50 38.20 41.10
#